data_1IB6
#
_entry.id   1IB6
#
_cell.length_a   148.140
_cell.length_b   53.080
_cell.length_c   164.290
_cell.angle_alpha   90.00
_cell.angle_beta   95.26
_cell.angle_gamma   90.00
#
_symmetry.space_group_name_H-M   'C 1 2 1'
#
loop_
_entity.id
_entity.type
_entity.pdbx_description
1 polymer 'MALATE DEHYDROGENASE'
2 non-polymer 'SULFATE ION'
3 non-polymer NICOTINAMIDE-ADENINE-DINUCLEOTIDE
4 water water
#
_entity_poly.entity_id   1
_entity_poly.type   'polypeptide(L)'
_entity_poly.pdbx_seq_one_letter_code
;MKVAVLGAAGGIGQALALLLKTQLPSGSELSLYDIAPVTPGVAVDLSHIPTAVKIKGFSGEDATPALEGADVVLISAGVA
RKPGMDRSDLFNVNAGIVKNLVQQVAKTCPKACIGIITNPVNTTVAIAAEVLKKAGVYDKNKLFGVTTLDIICSNTFVAE
LKGKQPGEVEVPVIGGHSGVTILPLLSQVPGVSFTEQEVADLTKRIQNAGTEVVEAKAGGGSATLSMGQAAARFGLSLVR
ALQGEQGVVECAYVEGDGQYARFFSQPLLLGKNGVEERKSIGTLSAFEQNALEGMLDTLKKDIALGQEFVNK
;
_entity_poly.pdbx_strand_id   A,B,C,D
#
loop_
_chem_comp.id
_chem_comp.type
_chem_comp.name
_chem_comp.formula
NAD non-polymer NICOTINAMIDE-ADENINE-DINUCLEOTIDE 'C21 H27 N7 O14 P2'
SO4 non-polymer 'SULFATE ION' 'O4 S -2'
#
# COMPACT_ATOMS: atom_id res chain seq x y z
N MET A 1 2.04 16.16 9.17
CA MET A 1 1.03 15.74 10.19
C MET A 1 1.77 15.59 11.51
N LYS A 2 1.09 15.96 12.58
CA LYS A 2 1.65 15.87 13.91
C LYS A 2 0.65 15.16 14.80
N VAL A 3 1.15 14.13 15.46
CA VAL A 3 0.38 13.31 16.37
C VAL A 3 0.96 13.52 17.78
N ALA A 4 0.05 13.76 18.72
CA ALA A 4 0.38 14.02 20.11
C ALA A 4 -0.15 12.90 20.93
N VAL A 5 0.71 12.21 21.66
CA VAL A 5 0.18 11.14 22.51
C VAL A 5 0.20 11.66 23.98
N LEU A 6 -0.94 11.74 24.63
CA LEU A 6 -0.98 12.22 26.05
C LEU A 6 -1.16 11.00 26.93
N GLY A 7 -0.20 10.80 27.87
CA GLY A 7 -0.24 9.64 28.76
C GLY A 7 0.73 8.63 28.15
N ALA A 8 1.77 9.17 27.55
CA ALA A 8 2.76 8.41 26.82
C ALA A 8 3.73 7.54 27.59
N ALA A 9 3.78 7.66 28.93
CA ALA A 9 4.76 6.87 29.67
C ALA A 9 4.23 5.60 30.24
N GLY A 10 2.93 5.42 30.14
CA GLY A 10 2.29 4.20 30.65
C GLY A 10 2.48 3.02 29.71
N GLY A 11 1.90 1.87 30.04
CA GLY A 11 2.07 0.73 29.17
C GLY A 11 1.43 0.85 27.79
N ILE A 12 0.24 1.43 27.72
CA ILE A 12 -0.43 1.61 26.46
C ILE A 12 0.36 2.67 25.69
N GLY A 13 0.62 3.78 26.36
CA GLY A 13 1.32 4.90 25.75
C GLY A 13 2.62 4.53 25.07
N GLN A 14 3.41 3.73 25.76
CA GLN A 14 4.69 3.34 25.22
C GLN A 14 4.57 2.32 24.09
N ALA A 15 3.73 1.29 24.24
CA ALA A 15 3.53 0.35 23.14
C ALA A 15 3.01 1.14 21.88
N LEU A 16 2.13 2.11 22.11
CA LEU A 16 1.53 2.92 21.07
C LEU A 16 2.64 3.80 20.42
N ALA A 17 3.49 4.44 21.23
CA ALA A 17 4.51 5.28 20.59
C ALA A 17 5.50 4.46 19.74
N LEU A 18 5.77 3.24 20.18
CA LEU A 18 6.66 2.34 19.46
C LEU A 18 6.09 2.02 18.06
N LEU A 19 4.80 1.67 18.01
CA LEU A 19 4.18 1.34 16.75
C LEU A 19 4.06 2.58 15.86
N LEU A 20 3.64 3.71 16.42
CA LEU A 20 3.56 4.88 15.61
C LEU A 20 4.90 5.40 15.08
N LYS A 21 5.98 5.19 15.81
CA LYS A 21 7.29 5.70 15.36
C LYS A 21 7.76 4.94 14.12
N THR A 22 7.38 3.67 14.05
CA THR A 22 7.83 2.87 12.94
C THR A 22 6.79 2.81 11.84
N GLN A 23 5.58 3.27 12.12
CA GLN A 23 4.54 3.17 11.11
C GLN A 23 3.92 4.45 10.52
N LEU A 24 4.02 5.60 11.18
CA LEU A 24 3.44 6.79 10.59
C LEU A 24 4.19 7.06 9.32
N PRO A 25 3.56 7.79 8.40
CA PRO A 25 4.11 8.19 7.10
C PRO A 25 5.35 9.03 7.32
N SER A 26 6.33 8.90 6.44
CA SER A 26 7.55 9.68 6.51
C SER A 26 7.10 11.09 6.51
N GLY A 27 7.84 11.92 7.24
CA GLY A 27 7.50 13.33 7.28
C GLY A 27 6.70 13.72 8.51
N SER A 28 6.02 12.75 9.12
CA SER A 28 5.23 13.00 10.33
C SER A 28 6.09 13.42 11.55
N GLU A 29 5.40 13.99 12.52
CA GLU A 29 5.99 14.40 13.77
C GLU A 29 5.15 13.72 14.82
N LEU A 30 5.84 13.25 15.85
CA LEU A 30 5.22 12.57 16.97
C LEU A 30 5.70 13.27 18.28
N SER A 31 4.73 13.74 19.06
CA SER A 31 4.98 14.42 20.34
C SER A 31 4.50 13.58 21.49
N LEU A 32 5.35 13.40 22.49
CA LEU A 32 4.93 12.59 23.65
C LEU A 32 4.75 13.46 24.89
N TYR A 33 3.77 13.10 25.71
CA TYR A 33 3.50 13.85 26.93
C TYR A 33 2.90 13.01 28.00
N ASP A 34 3.47 13.20 29.19
CA ASP A 34 3.01 12.54 30.40
C ASP A 34 3.60 13.35 31.53
N ILE A 35 2.98 13.25 32.71
CA ILE A 35 3.45 13.96 33.88
C ILE A 35 4.67 13.18 34.39
N ALA A 36 4.71 11.87 34.17
CA ALA A 36 5.90 11.12 34.61
C ALA A 36 7.18 11.76 34.04
N PRO A 37 8.20 11.98 34.90
CA PRO A 37 9.47 12.59 34.48
C PRO A 37 10.28 11.83 33.43
N VAL A 38 9.98 10.55 33.24
CA VAL A 38 10.69 9.69 32.29
C VAL A 38 10.35 9.97 30.81
N THR A 39 9.19 10.55 30.58
CA THR A 39 8.70 10.84 29.25
C THR A 39 9.70 11.36 28.24
N PRO A 40 10.40 12.47 28.52
CA PRO A 40 11.37 12.93 27.52
C PRO A 40 12.42 11.87 27.22
N GLY A 41 12.66 10.99 28.20
CA GLY A 41 13.62 9.91 28.00
C GLY A 41 13.09 8.83 27.06
N VAL A 42 11.77 8.62 27.12
CA VAL A 42 11.07 7.68 26.27
C VAL A 42 11.19 8.14 24.79
N ALA A 43 11.03 9.44 24.54
CA ALA A 43 11.15 9.94 23.18
C ALA A 43 12.59 9.74 22.68
N VAL A 44 13.57 10.01 23.53
CA VAL A 44 14.98 9.89 23.15
C VAL A 44 15.36 8.47 22.75
N ASP A 45 14.77 7.52 23.48
CA ASP A 45 14.92 6.07 23.27
C ASP A 45 14.34 5.79 21.87
N LEU A 46 13.11 6.26 21.62
CA LEU A 46 12.49 6.05 20.33
C LEU A 46 13.21 6.84 19.23
N SER A 47 13.86 7.96 19.56
CA SER A 47 14.47 8.74 18.50
C SER A 47 15.64 7.99 17.86
N HIS A 48 15.99 6.86 18.44
CA HIS A 48 17.09 6.08 17.95
C HIS A 48 16.71 5.09 16.82
N ILE A 49 15.40 4.92 16.59
CA ILE A 49 14.91 4.05 15.51
C ILE A 49 15.01 4.87 14.21
N PRO A 50 15.71 4.33 13.19
CA PRO A 50 15.87 5.08 11.93
C PRO A 50 14.65 5.18 11.00
N THR A 51 13.64 5.98 11.38
CA THR A 51 12.49 6.18 10.50
C THR A 51 12.34 7.67 10.41
N ALA A 52 11.70 8.14 9.33
CA ALA A 52 11.56 9.56 9.10
C ALA A 52 10.37 10.18 9.80
N VAL A 53 10.32 9.90 11.10
CA VAL A 53 9.30 10.45 11.98
C VAL A 53 10.05 11.10 13.13
N LYS A 54 9.93 12.44 13.22
CA LYS A 54 10.56 13.25 14.27
C LYS A 54 9.71 13.09 15.56
N ILE A 55 10.39 12.80 16.66
CA ILE A 55 9.73 12.56 17.93
C ILE A 55 10.44 13.31 19.04
N LYS A 56 9.63 13.88 19.93
CA LYS A 56 10.11 14.61 21.10
C LYS A 56 9.16 14.27 22.26
N GLY A 57 9.68 14.40 23.48
CA GLY A 57 8.88 14.10 24.67
C GLY A 57 8.81 15.30 25.60
N PHE A 58 7.73 15.41 26.34
CA PHE A 58 7.55 16.53 27.26
C PHE A 58 6.95 15.95 28.55
N SER A 59 7.33 16.57 29.67
CA SER A 59 6.85 16.13 30.97
C SER A 59 6.37 17.37 31.65
N GLY A 60 5.91 17.24 32.89
CA GLY A 60 5.45 18.42 33.56
C GLY A 60 3.95 18.45 33.65
N GLU A 61 3.44 19.64 33.96
CA GLU A 61 2.01 19.86 34.18
C GLU A 61 1.29 20.38 32.94
N ASP A 62 2.05 21.13 32.15
CA ASP A 62 1.56 21.78 30.95
C ASP A 62 1.90 21.02 29.65
N ALA A 63 0.87 20.56 28.95
CA ALA A 63 1.07 19.80 27.71
C ALA A 63 1.27 20.67 26.47
N THR A 64 1.13 21.97 26.68
CA THR A 64 1.24 22.95 25.61
C THR A 64 2.26 22.71 24.53
N PRO A 65 3.54 22.54 24.87
CA PRO A 65 4.54 22.32 23.82
C PRO A 65 4.28 21.04 23.02
N ALA A 66 3.61 20.07 23.64
CA ALA A 66 3.30 18.79 22.99
C ALA A 66 2.16 18.94 22.00
N LEU A 67 1.23 19.81 22.37
CA LEU A 67 0.03 20.10 21.60
C LEU A 67 0.12 21.14 20.48
N GLU A 68 1.14 22.01 20.49
CA GLU A 68 1.26 23.05 19.48
C GLU A 68 1.30 22.45 18.09
N GLY A 69 0.27 22.72 17.31
CA GLY A 69 0.20 22.22 15.95
C GLY A 69 -0.24 20.78 15.77
N ALA A 70 -0.65 20.08 16.81
CA ALA A 70 -1.06 18.70 16.61
C ALA A 70 -2.29 18.60 15.71
N ASP A 71 -2.33 17.57 14.88
CA ASP A 71 -3.45 17.33 14.00
C ASP A 71 -4.26 16.20 14.66
N VAL A 72 -3.54 15.28 15.30
CA VAL A 72 -4.19 14.17 15.99
C VAL A 72 -3.69 14.15 17.42
N VAL A 73 -4.60 13.88 18.35
CA VAL A 73 -4.24 13.84 19.75
C VAL A 73 -4.83 12.56 20.31
N LEU A 74 -3.96 11.66 20.77
CA LEU A 74 -4.47 10.41 21.34
C LEU A 74 -4.30 10.53 22.88
N ILE A 75 -5.34 10.21 23.61
CA ILE A 75 -5.27 10.31 25.08
C ILE A 75 -5.40 8.97 25.72
N SER A 76 -4.25 8.42 26.15
CA SER A 76 -4.21 7.13 26.82
C SER A 76 -3.93 7.33 28.33
N ALA A 77 -3.86 8.59 28.79
CA ALA A 77 -3.64 8.93 30.22
C ALA A 77 -4.64 8.32 31.22
N GLY A 78 -4.27 8.25 32.48
CA GLY A 78 -5.21 7.68 33.43
C GLY A 78 -4.79 6.33 33.97
N VAL A 79 -5.56 5.84 34.91
CA VAL A 79 -5.30 4.58 35.59
C VAL A 79 -6.07 3.43 34.96
N ALA A 80 -5.45 2.26 34.91
CA ALA A 80 -6.09 1.05 34.37
C ALA A 80 -6.79 0.39 35.55
N ARG A 81 -7.52 -0.68 35.32
CA ARG A 81 -8.20 -1.31 36.44
C ARG A 81 -7.47 -2.49 37.11
N LYS A 82 -7.75 -2.70 38.39
CA LYS A 82 -7.13 -3.79 39.16
C LYS A 82 -8.02 -5.02 39.15
N PRO A 83 -7.43 -6.20 39.43
CA PRO A 83 -8.28 -7.40 39.44
C PRO A 83 -9.45 -7.15 40.38
N GLY A 84 -10.64 -7.51 39.94
CA GLY A 84 -11.81 -7.29 40.76
C GLY A 84 -12.61 -6.07 40.32
N MET A 85 -11.92 -4.99 39.98
CA MET A 85 -12.60 -3.78 39.52
C MET A 85 -13.28 -4.03 38.17
N ASP A 86 -13.99 -3.03 37.69
CA ASP A 86 -14.67 -3.07 36.40
C ASP A 86 -14.35 -1.77 35.66
N ARG A 87 -14.67 -1.70 34.37
CA ARG A 87 -14.41 -0.49 33.61
C ARG A 87 -15.16 0.72 34.20
N SER A 88 -16.35 0.48 34.73
CA SER A 88 -17.15 1.54 35.33
C SER A 88 -16.48 2.15 36.58
N ASP A 89 -15.81 1.28 37.34
CA ASP A 89 -15.11 1.70 38.57
C ASP A 89 -13.96 2.73 38.43
N LEU A 90 -13.48 2.97 37.21
CA LEU A 90 -12.38 3.92 36.97
C LEU A 90 -12.85 5.37 36.78
N PHE A 91 -14.17 5.57 36.76
CA PHE A 91 -14.64 6.94 36.57
C PHE A 91 -14.00 8.00 37.52
N ASN A 92 -14.09 7.75 38.82
CA ASN A 92 -13.51 8.66 39.82
C ASN A 92 -12.05 8.98 39.72
N VAL A 93 -11.20 7.99 39.45
CA VAL A 93 -9.78 8.28 39.36
C VAL A 93 -9.42 8.93 38.01
N ASN A 94 -10.28 8.78 37.00
CA ASN A 94 -9.92 9.31 35.66
C ASN A 94 -10.64 10.54 35.14
N ALA A 95 -11.81 10.82 35.71
CA ALA A 95 -12.54 11.99 35.24
C ALA A 95 -11.67 13.25 35.22
N GLY A 96 -11.00 13.55 36.32
CA GLY A 96 -10.23 14.78 36.37
C GLY A 96 -9.07 14.86 35.40
N ILE A 97 -8.43 13.72 35.18
CA ILE A 97 -7.31 13.75 34.24
C ILE A 97 -7.85 14.09 32.83
N VAL A 98 -8.88 13.38 32.42
CA VAL A 98 -9.48 13.63 31.11
C VAL A 98 -9.87 15.12 31.01
N LYS A 99 -10.58 15.59 32.03
CA LYS A 99 -11.02 16.97 32.04
C LYS A 99 -9.88 17.91 31.86
N ASN A 100 -8.83 17.72 32.64
CA ASN A 100 -7.70 18.61 32.50
C ASN A 100 -7.03 18.56 31.10
N LEU A 101 -6.79 17.35 30.62
CA LEU A 101 -6.12 17.19 29.33
C LEU A 101 -6.90 17.84 28.18
N VAL A 102 -8.17 17.49 28.11
CA VAL A 102 -9.01 18.03 27.07
C VAL A 102 -9.13 19.56 27.13
N GLN A 103 -8.95 20.16 28.30
CA GLN A 103 -9.04 21.61 28.34
C GLN A 103 -7.80 22.18 27.70
N GLN A 104 -6.66 21.56 27.94
CA GLN A 104 -5.45 22.10 27.35
C GLN A 104 -5.52 21.95 25.82
N VAL A 105 -6.11 20.83 25.35
CA VAL A 105 -6.27 20.58 23.91
C VAL A 105 -7.14 21.70 23.33
N ALA A 106 -8.17 22.06 24.09
CA ALA A 106 -9.07 23.10 23.67
C ALA A 106 -8.37 24.47 23.55
N LYS A 107 -7.49 24.79 24.47
CA LYS A 107 -6.85 26.08 24.38
C LYS A 107 -5.77 26.09 23.31
N THR A 108 -5.09 24.96 23.16
CA THR A 108 -3.97 24.88 22.23
C THR A 108 -4.21 24.39 20.78
N CYS A 109 -5.02 23.37 20.60
CA CYS A 109 -5.24 22.84 19.26
C CYS A 109 -6.66 22.37 19.14
N PRO A 110 -7.60 23.32 19.17
CA PRO A 110 -9.03 23.04 19.06
C PRO A 110 -9.49 22.32 17.82
N LYS A 111 -8.73 22.46 16.72
CA LYS A 111 -9.12 21.81 15.46
C LYS A 111 -8.72 20.36 15.30
N ALA A 112 -7.78 19.90 16.10
CA ALA A 112 -7.29 18.53 16.06
C ALA A 112 -8.39 17.47 16.29
N CYS A 113 -8.15 16.25 15.80
CA CYS A 113 -9.10 15.12 16.00
C CYS A 113 -8.63 14.49 17.30
N ILE A 114 -9.59 14.16 18.17
CA ILE A 114 -9.29 13.63 19.48
C ILE A 114 -9.72 12.24 19.70
N GLY A 115 -8.76 11.39 20.06
CA GLY A 115 -9.09 10.00 20.32
C GLY A 115 -8.95 9.73 21.81
N ILE A 116 -10.05 9.38 22.46
CA ILE A 116 -10.02 9.09 23.88
C ILE A 116 -9.87 7.60 24.09
N ILE A 117 -8.75 7.18 24.68
CA ILE A 117 -8.55 5.78 24.97
C ILE A 117 -8.91 5.49 26.44
N THR A 118 -8.65 6.49 27.27
CA THR A 118 -8.92 6.43 28.73
C THR A 118 -10.27 5.89 29.15
N ASN A 119 -10.31 4.80 29.91
CA ASN A 119 -11.60 4.29 30.37
C ASN A 119 -12.20 5.01 31.59
N PRO A 120 -13.51 4.86 31.84
CA PRO A 120 -14.41 4.18 30.90
C PRO A 120 -14.78 5.07 29.70
N VAL A 121 -14.35 4.68 28.52
CA VAL A 121 -14.57 5.48 27.31
C VAL A 121 -16.03 5.94 27.14
N ASN A 122 -16.98 5.07 27.48
CA ASN A 122 -18.41 5.41 27.40
C ASN A 122 -18.70 6.71 28.11
N THR A 123 -18.02 6.92 29.25
CA THR A 123 -18.18 8.10 30.08
C THR A 123 -17.16 9.16 29.80
N THR A 124 -15.89 8.78 29.64
CA THR A 124 -14.87 9.82 29.39
C THR A 124 -15.04 10.62 28.07
N VAL A 125 -15.68 10.02 27.05
CA VAL A 125 -15.91 10.75 25.80
C VAL A 125 -16.96 11.86 26.07
N ALA A 126 -17.99 11.52 26.85
CA ALA A 126 -19.01 12.50 27.24
C ALA A 126 -18.37 13.68 28.01
N ILE A 127 -17.41 13.37 28.88
CA ILE A 127 -16.76 14.44 29.63
C ILE A 127 -16.03 15.39 28.70
N ALA A 128 -15.24 14.81 27.79
CA ALA A 128 -14.47 15.57 26.79
C ALA A 128 -15.36 16.54 25.99
N ALA A 129 -16.50 16.02 25.52
CA ALA A 129 -17.42 16.81 24.70
C ALA A 129 -17.86 18.08 25.43
N GLU A 130 -18.50 17.88 26.58
CA GLU A 130 -18.97 18.97 27.44
C GLU A 130 -17.85 19.96 27.71
N VAL A 131 -16.67 19.44 27.95
CA VAL A 131 -15.57 20.35 28.19
C VAL A 131 -15.35 21.19 26.93
N LEU A 132 -15.40 20.55 25.75
CA LEU A 132 -15.16 21.27 24.49
C LEU A 132 -16.30 22.27 24.21
N LYS A 133 -17.52 21.84 24.48
CA LYS A 133 -18.69 22.70 24.27
C LYS A 133 -18.51 23.93 25.14
N LYS A 134 -18.11 23.74 26.41
CA LYS A 134 -17.93 24.89 27.26
C LYS A 134 -16.81 25.80 26.79
N ALA A 135 -15.73 25.23 26.25
CA ALA A 135 -14.66 26.11 25.75
C ALA A 135 -15.15 26.78 24.43
N GLY A 136 -16.33 26.32 24.00
CA GLY A 136 -16.97 26.83 22.81
C GLY A 136 -16.26 26.44 21.54
N VAL A 137 -15.80 25.19 21.46
CA VAL A 137 -15.06 24.76 20.29
C VAL A 137 -15.29 23.30 19.90
N TYR A 138 -16.43 22.77 20.33
CA TYR A 138 -16.75 21.38 20.07
C TYR A 138 -17.17 21.04 18.64
N ASP A 139 -16.47 20.09 18.03
CA ASP A 139 -16.76 19.61 16.68
C ASP A 139 -17.02 18.12 16.88
N LYS A 140 -18.27 17.67 16.74
CA LYS A 140 -18.57 16.25 16.94
C LYS A 140 -18.03 15.32 15.86
N ASN A 141 -17.38 15.89 14.86
CA ASN A 141 -16.80 15.05 13.83
C ASN A 141 -15.36 14.82 14.21
N LYS A 142 -14.92 15.52 15.25
CA LYS A 142 -13.56 15.45 15.68
C LYS A 142 -13.28 14.82 17.04
N LEU A 143 -14.26 14.20 17.64
CA LEU A 143 -14.06 13.63 18.95
C LEU A 143 -14.43 12.18 18.89
N PHE A 144 -13.47 11.29 19.16
CA PHE A 144 -13.78 9.86 19.12
C PHE A 144 -13.28 9.07 20.29
N GLY A 145 -14.07 8.08 20.61
CA GLY A 145 -13.73 7.13 21.65
C GLY A 145 -13.17 5.89 20.98
N VAL A 146 -11.88 5.63 21.15
CA VAL A 146 -11.29 4.45 20.55
C VAL A 146 -11.82 3.09 21.05
N THR A 147 -12.50 2.33 20.21
CA THR A 147 -13.03 1.02 20.62
C THR A 147 -12.41 -0.09 19.75
N THR A 148 -11.39 0.31 18.98
CA THR A 148 -10.76 -0.59 18.03
C THR A 148 -10.37 -1.93 18.64
N LEU A 149 -10.01 -1.93 19.92
CA LEU A 149 -9.62 -3.16 20.59
C LEU A 149 -10.72 -4.20 20.59
N ASP A 150 -11.99 -3.77 20.57
CA ASP A 150 -13.06 -4.78 20.52
C ASP A 150 -13.06 -5.41 19.12
N ILE A 151 -12.66 -4.62 18.12
CA ILE A 151 -12.64 -5.10 16.74
C ILE A 151 -11.59 -6.20 16.58
N ILE A 152 -10.32 -5.85 16.79
CA ILE A 152 -9.27 -6.84 16.62
C ILE A 152 -9.46 -8.11 17.45
N CYS A 153 -9.99 -8.00 18.68
CA CYS A 153 -10.24 -9.21 19.48
C CYS A 153 -11.25 -10.05 18.77
N SER A 154 -12.24 -9.37 18.15
CA SER A 154 -13.30 -10.06 17.43
C SER A 154 -12.74 -10.77 16.20
N ASN A 155 -11.91 -10.08 15.42
CA ASN A 155 -11.34 -10.73 14.26
C ASN A 155 -10.47 -11.92 14.65
N THR A 156 -9.91 -11.88 15.85
CA THR A 156 -9.03 -12.97 16.28
C THR A 156 -9.84 -14.18 16.67
N PHE A 157 -10.79 -14.00 17.60
CA PHE A 157 -11.59 -15.12 18.06
C PHE A 157 -12.35 -15.75 16.89
N VAL A 158 -12.92 -14.91 16.03
CA VAL A 158 -13.68 -15.41 14.87
C VAL A 158 -12.82 -16.29 13.94
N ALA A 159 -11.58 -15.85 13.71
CA ALA A 159 -10.66 -16.58 12.86
C ALA A 159 -10.22 -17.93 13.47
N GLU A 160 -9.87 -17.91 14.75
CA GLU A 160 -9.42 -19.12 15.43
C GLU A 160 -10.54 -20.15 15.38
N LEU A 161 -11.75 -19.67 15.54
CA LEU A 161 -12.92 -20.53 15.58
C LEU A 161 -13.25 -21.10 14.21
N LYS A 162 -13.39 -20.22 13.22
CA LYS A 162 -13.75 -20.64 11.88
C LYS A 162 -12.57 -21.07 11.01
N GLY A 163 -11.38 -21.16 11.60
CA GLY A 163 -10.21 -21.58 10.84
C GLY A 163 -9.81 -20.65 9.70
N LYS A 164 -10.21 -19.39 9.79
CA LYS A 164 -9.88 -18.40 8.77
C LYS A 164 -8.56 -17.69 9.10
N GLN A 165 -7.97 -17.05 8.10
CA GLN A 165 -6.71 -16.33 8.30
C GLN A 165 -7.09 -15.02 8.97
N PRO A 166 -6.56 -14.80 10.17
CA PRO A 166 -6.79 -13.63 11.03
C PRO A 166 -6.86 -12.30 10.28
N GLY A 167 -5.92 -12.10 9.35
CA GLY A 167 -5.86 -10.88 8.59
C GLY A 167 -6.96 -10.67 7.56
N GLU A 168 -7.73 -11.72 7.32
CA GLU A 168 -8.81 -11.65 6.34
C GLU A 168 -10.20 -11.42 6.93
N VAL A 169 -10.30 -11.39 8.25
CA VAL A 169 -11.59 -11.21 8.90
C VAL A 169 -11.74 -9.81 9.48
N GLU A 170 -12.93 -9.21 9.33
CA GLU A 170 -13.20 -7.89 9.89
C GLU A 170 -14.62 -7.90 10.43
N VAL A 171 -14.77 -8.17 11.70
CA VAL A 171 -16.13 -8.14 12.18
C VAL A 171 -16.39 -6.75 12.69
N PRO A 172 -17.56 -6.22 12.39
CA PRO A 172 -17.86 -4.88 12.87
C PRO A 172 -18.44 -4.96 14.30
N VAL A 173 -18.18 -3.94 15.11
CA VAL A 173 -18.69 -3.97 16.48
C VAL A 173 -19.26 -2.61 16.83
N ILE A 174 -20.49 -2.62 17.35
CA ILE A 174 -21.17 -1.35 17.72
C ILE A 174 -21.60 -1.32 19.18
N GLY A 175 -22.04 -0.15 19.59
CA GLY A 175 -22.54 0.00 20.94
C GLY A 175 -21.66 0.90 21.75
N GLY A 176 -21.02 0.30 22.75
CA GLY A 176 -20.15 1.07 23.62
C GLY A 176 -18.95 0.22 23.95
N HIS A 177 -18.09 0.73 24.82
CA HIS A 177 -16.90 -0.02 25.15
C HIS A 177 -16.87 -0.57 26.57
N SER A 178 -17.77 -1.51 26.85
CA SER A 178 -17.86 -2.11 28.17
C SER A 178 -18.51 -3.50 28.13
N GLY A 179 -18.55 -4.15 29.29
CA GLY A 179 -19.08 -5.49 29.38
C GLY A 179 -20.38 -5.83 28.68
N VAL A 180 -21.32 -4.89 28.69
CA VAL A 180 -22.61 -5.18 28.10
C VAL A 180 -22.98 -4.29 26.92
N THR A 181 -22.20 -3.24 26.70
CA THR A 181 -22.47 -2.35 25.60
C THR A 181 -21.61 -2.66 24.38
N ILE A 182 -20.87 -3.75 24.44
CA ILE A 182 -20.05 -4.13 23.31
C ILE A 182 -20.83 -5.18 22.54
N LEU A 183 -21.22 -4.83 21.32
CA LEU A 183 -22.00 -5.73 20.48
C LEU A 183 -21.34 -6.10 19.16
N PRO A 184 -20.90 -7.34 19.07
CA PRO A 184 -20.28 -7.68 17.79
C PRO A 184 -21.32 -8.24 16.82
N LEU A 185 -21.41 -7.64 15.63
CA LEU A 185 -22.34 -8.09 14.59
C LEU A 185 -21.80 -9.31 13.85
N LEU A 186 -21.75 -10.44 14.54
CA LEU A 186 -21.25 -11.67 13.93
C LEU A 186 -22.05 -12.11 12.71
N SER A 187 -23.26 -11.59 12.56
CA SER A 187 -24.15 -11.94 11.44
C SER A 187 -23.68 -11.30 10.13
N GLN A 188 -23.02 -10.14 10.25
CA GLN A 188 -22.53 -9.45 9.08
C GLN A 188 -21.10 -9.85 8.65
N VAL A 189 -20.60 -10.96 9.16
CA VAL A 189 -19.25 -11.39 8.77
C VAL A 189 -19.35 -12.11 7.46
N PRO A 190 -18.96 -11.43 6.36
CA PRO A 190 -18.99 -11.96 5.00
C PRO A 190 -18.16 -13.21 4.86
N GLY A 191 -18.80 -14.34 4.57
CA GLY A 191 -18.06 -15.56 4.39
C GLY A 191 -18.40 -16.64 5.38
N VAL A 192 -18.52 -16.29 6.65
CA VAL A 192 -18.82 -17.31 7.66
C VAL A 192 -20.22 -17.28 8.23
N SER A 193 -20.61 -18.39 8.82
CA SER A 193 -21.90 -18.56 9.46
C SER A 193 -21.61 -19.20 10.81
N PHE A 194 -22.40 -18.80 11.80
CA PHE A 194 -22.25 -19.31 13.15
C PHE A 194 -23.56 -19.93 13.59
N THR A 195 -23.48 -20.79 14.61
CA THR A 195 -24.67 -21.42 15.15
C THR A 195 -25.13 -20.62 16.38
N GLU A 196 -26.41 -20.71 16.71
CA GLU A 196 -26.97 -20.02 17.86
C GLU A 196 -25.97 -20.05 19.01
N GLN A 197 -25.43 -21.24 19.24
CA GLN A 197 -24.46 -21.47 20.32
C GLN A 197 -23.19 -20.68 20.10
N GLU A 198 -22.53 -20.91 18.96
CA GLU A 198 -21.30 -20.22 18.63
C GLU A 198 -21.45 -18.73 18.90
N VAL A 199 -22.48 -18.12 18.34
CA VAL A 199 -22.65 -16.70 18.58
C VAL A 199 -22.68 -16.41 20.06
N ALA A 200 -23.31 -17.29 20.82
CA ALA A 200 -23.43 -17.10 22.27
C ALA A 200 -22.08 -17.04 22.97
N ASP A 201 -21.24 -18.03 22.73
CA ASP A 201 -19.90 -18.12 23.34
C ASP A 201 -18.94 -17.01 22.86
N LEU A 202 -18.87 -16.82 21.54
CA LEU A 202 -18.01 -15.81 20.93
C LEU A 202 -18.35 -14.46 21.52
N THR A 203 -19.63 -14.15 21.57
CA THR A 203 -20.08 -12.86 22.09
C THR A 203 -19.61 -12.58 23.51
N LYS A 204 -19.79 -13.54 24.40
CA LYS A 204 -19.38 -13.36 25.78
C LYS A 204 -17.88 -13.13 25.83
N ARG A 205 -17.14 -14.02 25.16
CA ARG A 205 -15.68 -13.97 25.09
C ARG A 205 -15.17 -12.60 24.65
N ILE A 206 -15.74 -12.06 23.59
CA ILE A 206 -15.37 -10.75 23.09
C ILE A 206 -15.69 -9.66 24.12
N GLN A 207 -16.78 -9.83 24.86
CA GLN A 207 -17.15 -8.82 25.84
C GLN A 207 -16.30 -8.81 27.11
N ASN A 208 -15.73 -9.97 27.44
CA ASN A 208 -14.92 -10.11 28.64
C ASN A 208 -13.46 -10.28 28.36
N ALA A 209 -13.07 -10.00 27.13
CA ALA A 209 -11.68 -10.14 26.72
C ALA A 209 -10.76 -9.30 27.61
N GLY A 210 -11.26 -8.11 27.99
CA GLY A 210 -10.51 -7.23 28.85
C GLY A 210 -10.23 -7.87 30.20
N THR A 211 -11.26 -8.48 30.78
CA THR A 211 -11.09 -9.11 32.07
C THR A 211 -10.20 -10.33 31.96
N GLU A 212 -10.24 -11.00 30.81
CA GLU A 212 -9.42 -12.18 30.59
C GLU A 212 -7.94 -11.84 30.82
N VAL A 213 -7.56 -10.66 30.38
CA VAL A 213 -6.18 -10.20 30.49
C VAL A 213 -5.81 -9.73 31.90
N VAL A 214 -6.69 -8.94 32.53
CA VAL A 214 -6.46 -8.45 33.89
C VAL A 214 -6.26 -9.65 34.80
N GLU A 215 -7.19 -10.58 34.72
CA GLU A 215 -7.13 -11.79 35.51
C GLU A 215 -5.78 -12.49 35.25
N ALA A 216 -5.48 -12.77 33.98
CA ALA A 216 -4.26 -13.47 33.58
C ALA A 216 -2.95 -12.81 34.03
N LYS A 217 -2.93 -11.49 34.12
CA LYS A 217 -1.74 -10.80 34.58
C LYS A 217 -1.68 -10.79 36.15
N ALA A 218 -2.68 -11.41 36.77
CA ALA A 218 -2.79 -11.50 38.22
C ALA A 218 -2.37 -10.22 38.97
N GLY A 219 -2.98 -9.09 38.63
CA GLY A 219 -2.64 -7.84 39.30
C GLY A 219 -1.57 -7.03 38.63
N GLY A 220 -0.85 -7.63 37.67
CA GLY A 220 0.20 -6.90 36.97
C GLY A 220 -0.25 -5.75 36.07
N GLY A 221 -1.51 -5.72 35.65
CA GLY A 221 -1.99 -4.66 34.77
C GLY A 221 -3.06 -5.21 33.81
N SER A 222 -3.65 -4.39 32.95
CA SER A 222 -4.66 -4.94 32.03
C SER A 222 -4.11 -4.96 30.60
N ALA A 223 -4.96 -5.08 29.59
CA ALA A 223 -4.51 -5.14 28.18
C ALA A 223 -3.72 -3.89 27.81
N THR A 224 -2.49 -4.06 27.44
CA THR A 224 -1.69 -2.92 27.13
C THR A 224 -1.02 -3.05 25.75
N LEU A 225 -0.61 -4.27 25.39
CA LEU A 225 0.09 -4.46 24.10
C LEU A 225 -0.93 -4.61 22.98
N SER A 226 -1.95 -5.43 23.22
CA SER A 226 -3.02 -5.59 22.24
C SER A 226 -3.68 -4.20 22.09
N MET A 227 -3.80 -3.46 23.19
CA MET A 227 -4.40 -2.15 23.19
C MET A 227 -3.55 -1.14 22.46
N GLY A 228 -2.23 -1.26 22.57
CA GLY A 228 -1.39 -0.29 21.90
C GLY A 228 -1.49 -0.51 20.39
N GLN A 229 -1.62 -1.78 20.01
CA GLN A 229 -1.73 -2.21 18.61
C GLN A 229 -3.04 -1.67 18.01
N ALA A 230 -4.14 -1.80 18.77
CA ALA A 230 -5.45 -1.36 18.37
C ALA A 230 -5.48 0.15 18.23
N ALA A 231 -4.88 0.87 19.16
CA ALA A 231 -4.91 2.30 19.07
C ALA A 231 -4.04 2.76 17.91
N ALA A 232 -3.00 1.98 17.59
CA ALA A 232 -2.12 2.34 16.47
C ALA A 232 -2.88 2.24 15.14
N ARG A 233 -3.63 1.16 14.99
CA ARG A 233 -4.42 0.97 13.78
C ARG A 233 -5.35 2.19 13.62
N PHE A 234 -6.11 2.45 14.68
CA PHE A 234 -7.02 3.58 14.68
C PHE A 234 -6.33 4.90 14.32
N GLY A 235 -5.14 5.12 14.87
CA GLY A 235 -4.43 6.35 14.63
C GLY A 235 -3.93 6.41 13.21
N LEU A 236 -3.54 5.26 12.65
CA LEU A 236 -3.07 5.20 11.25
C LEU A 236 -4.28 5.48 10.33
N SER A 237 -5.43 4.89 10.65
CA SER A 237 -6.60 5.15 9.85
C SER A 237 -6.89 6.65 9.89
N LEU A 238 -6.90 7.27 11.07
CA LEU A 238 -7.18 8.69 11.11
C LEU A 238 -6.20 9.47 10.27
N VAL A 239 -4.91 9.24 10.46
CA VAL A 239 -3.95 10.01 9.71
C VAL A 239 -4.12 9.82 8.16
N ARG A 240 -4.27 8.59 7.70
CA ARG A 240 -4.43 8.35 6.27
C ARG A 240 -5.65 9.14 5.78
N ALA A 241 -6.72 9.14 6.55
CA ALA A 241 -7.88 9.92 6.14
C ALA A 241 -7.58 11.41 6.12
N LEU A 242 -6.94 11.96 7.16
CA LEU A 242 -6.66 13.40 7.16
C LEU A 242 -5.85 13.78 5.95
N GLN A 243 -5.11 12.82 5.41
CA GLN A 243 -4.29 13.09 4.27
C GLN A 243 -5.01 13.01 2.94
N GLY A 244 -6.27 12.57 2.95
CA GLY A 244 -6.99 12.52 1.70
C GLY A 244 -7.36 11.15 1.20
N GLU A 245 -6.90 10.11 1.88
CA GLU A 245 -7.21 8.76 1.45
C GLU A 245 -8.72 8.49 1.58
N GLN A 246 -9.25 7.72 0.63
CA GLN A 246 -10.67 7.41 0.63
C GLN A 246 -10.87 6.02 1.06
N GLY A 247 -12.12 5.71 1.32
CA GLY A 247 -12.53 4.39 1.69
C GLY A 247 -12.14 4.00 3.09
N VAL A 248 -11.62 4.94 3.87
CA VAL A 248 -11.18 4.62 5.25
C VAL A 248 -12.34 4.46 6.23
N VAL A 249 -12.58 3.23 6.66
CA VAL A 249 -13.67 2.95 7.55
C VAL A 249 -13.24 2.28 8.84
N GLU A 250 -13.66 2.86 9.96
CA GLU A 250 -13.36 2.31 11.28
C GLU A 250 -14.59 2.45 12.17
N CYS A 251 -14.86 1.46 13.01
CA CYS A 251 -15.96 1.66 13.97
C CYS A 251 -15.35 2.51 15.12
N ALA A 252 -16.08 3.49 15.62
CA ALA A 252 -15.69 4.32 16.75
C ALA A 252 -16.94 4.86 17.48
N TYR A 253 -16.75 5.30 18.73
CA TYR A 253 -17.81 5.83 19.60
C TYR A 253 -17.81 7.32 19.41
N VAL A 254 -18.91 7.87 18.91
CA VAL A 254 -19.00 9.32 18.68
C VAL A 254 -20.40 9.91 18.83
N GLU A 255 -20.47 11.22 18.85
CA GLU A 255 -21.78 11.81 18.95
C GLU A 255 -22.45 11.63 17.60
N GLY A 256 -23.41 10.69 17.55
CA GLY A 256 -24.12 10.43 16.31
C GLY A 256 -25.42 11.21 16.13
N ASP A 257 -26.38 10.55 15.48
CA ASP A 257 -27.70 11.11 15.21
C ASP A 257 -28.53 11.06 16.48
N GLY A 258 -28.16 10.15 17.38
CA GLY A 258 -28.88 10.04 18.63
C GLY A 258 -29.87 8.90 18.66
N GLN A 259 -30.05 8.19 17.56
CA GLN A 259 -31.01 7.11 17.52
C GLN A 259 -30.93 6.03 18.61
N TYR A 260 -29.82 6.00 19.35
CA TYR A 260 -29.65 5.00 20.42
C TYR A 260 -29.10 5.65 21.69
N ALA A 261 -28.36 6.76 21.51
CA ALA A 261 -27.82 7.52 22.63
C ALA A 261 -26.92 8.64 22.12
N ARG A 262 -26.77 9.70 22.90
CA ARG A 262 -25.92 10.83 22.53
C ARG A 262 -24.71 10.33 21.75
N PHE A 263 -24.09 9.27 22.28
CA PHE A 263 -22.89 8.67 21.74
C PHE A 263 -23.17 7.23 21.55
N PHE A 264 -22.64 6.72 20.46
CA PHE A 264 -22.84 5.33 20.12
C PHE A 264 -21.70 5.01 19.14
N SER A 265 -21.29 3.74 19.09
CA SER A 265 -20.20 3.32 18.21
C SER A 265 -20.78 2.53 17.05
N GLN A 266 -20.43 2.98 15.85
CA GLN A 266 -20.89 2.38 14.60
C GLN A 266 -19.80 2.61 13.54
N PRO A 267 -19.94 1.96 12.36
CA PRO A 267 -19.01 2.07 11.23
C PRO A 267 -18.99 3.53 10.82
N LEU A 268 -17.80 4.11 10.65
CA LEU A 268 -17.69 5.49 10.29
C LEU A 268 -16.77 5.64 9.09
N LEU A 269 -17.16 6.47 8.13
CA LEU A 269 -16.29 6.74 7.01
C LEU A 269 -15.45 7.93 7.51
N LEU A 270 -14.13 7.84 7.40
CA LEU A 270 -13.31 8.93 7.88
C LEU A 270 -12.78 9.77 6.76
N GLY A 271 -12.70 11.06 6.98
CA GLY A 271 -12.21 11.92 5.95
C GLY A 271 -11.30 13.00 6.45
N LYS A 272 -11.10 14.00 5.60
CA LYS A 272 -10.24 15.12 5.89
C LYS A 272 -10.73 16.06 6.98
N ASN A 273 -11.95 15.87 7.43
CA ASN A 273 -12.46 16.73 8.48
C ASN A 273 -12.83 15.96 9.72
N GLY A 274 -12.46 14.68 9.74
CA GLY A 274 -12.77 13.86 10.87
C GLY A 274 -13.77 12.87 10.40
N VAL A 275 -14.86 12.69 11.15
CA VAL A 275 -15.88 11.77 10.73
C VAL A 275 -16.54 12.40 9.51
N GLU A 276 -16.54 11.62 8.43
CA GLU A 276 -17.12 12.00 7.14
C GLU A 276 -18.58 11.61 7.04
N GLU A 277 -18.89 10.38 7.42
CA GLU A 277 -20.25 9.89 7.36
C GLU A 277 -20.38 8.72 8.33
N ARG A 278 -21.47 8.66 9.10
CA ARG A 278 -21.65 7.51 9.99
C ARG A 278 -22.52 6.49 9.24
N LYS A 279 -21.95 5.36 8.85
CA LYS A 279 -22.67 4.34 8.11
C LYS A 279 -23.71 3.64 8.95
N SER A 280 -24.67 3.02 8.28
CA SER A 280 -25.73 2.33 8.99
C SER A 280 -25.22 1.06 9.58
N ILE A 281 -25.78 0.69 10.72
CA ILE A 281 -25.33 -0.52 11.37
C ILE A 281 -25.83 -1.75 10.61
N GLY A 282 -26.68 -1.52 9.60
CA GLY A 282 -27.16 -2.61 8.79
C GLY A 282 -28.18 -3.61 9.31
N THR A 283 -27.98 -4.86 8.92
CA THR A 283 -28.89 -5.95 9.27
C THR A 283 -28.54 -6.70 10.54
N LEU A 284 -29.44 -6.64 11.52
CA LEU A 284 -29.21 -7.33 12.78
C LEU A 284 -30.00 -8.64 12.86
N SER A 285 -29.44 -9.63 13.54
CA SER A 285 -30.11 -10.91 13.70
C SER A 285 -31.05 -10.79 14.90
N ALA A 286 -31.81 -11.85 15.18
CA ALA A 286 -32.72 -11.84 16.32
C ALA A 286 -31.91 -11.43 17.55
N PHE A 287 -30.88 -12.21 17.80
CA PHE A 287 -29.94 -12.03 18.91
C PHE A 287 -29.36 -10.59 19.03
N GLU A 288 -28.76 -10.11 17.95
CA GLU A 288 -28.15 -8.78 17.94
C GLU A 288 -29.19 -7.71 18.26
N GLN A 289 -30.41 -7.98 17.82
CA GLN A 289 -31.53 -7.06 18.05
C GLN A 289 -31.78 -6.97 19.56
N ASN A 290 -31.77 -8.13 20.23
CA ASN A 290 -31.95 -8.23 21.69
C ASN A 290 -30.85 -7.51 22.43
N ALA A 291 -29.61 -7.77 22.02
CA ALA A 291 -28.46 -7.13 22.62
C ALA A 291 -28.62 -5.62 22.51
N LEU A 292 -28.70 -5.13 21.30
CA LEU A 292 -28.83 -3.70 21.09
C LEU A 292 -29.82 -3.05 22.06
N GLU A 293 -30.91 -3.74 22.31
CA GLU A 293 -31.96 -3.24 23.19
C GLU A 293 -31.48 -3.32 24.63
N GLY A 294 -31.21 -4.55 25.06
CA GLY A 294 -30.76 -4.80 26.42
C GLY A 294 -29.79 -3.80 27.01
N MET A 295 -28.91 -3.25 26.18
CA MET A 295 -27.87 -2.33 26.63
C MET A 295 -28.13 -0.84 26.69
N LEU A 296 -29.06 -0.32 25.92
CA LEU A 296 -29.28 1.14 25.89
C LEU A 296 -29.36 1.89 27.24
N ASP A 297 -29.97 1.24 28.23
CA ASP A 297 -30.10 1.81 29.57
C ASP A 297 -28.72 2.21 30.10
N THR A 298 -27.91 1.19 30.34
CA THR A 298 -26.56 1.37 30.80
C THR A 298 -25.85 2.51 30.05
N LEU A 299 -25.89 2.44 28.72
CA LEU A 299 -25.20 3.42 27.88
C LEU A 299 -25.55 4.87 28.16
N LYS A 300 -26.85 5.16 28.25
CA LYS A 300 -27.29 6.53 28.46
C LYS A 300 -26.90 6.91 29.86
N LYS A 301 -26.93 5.90 30.71
CA LYS A 301 -26.55 6.02 32.11
C LYS A 301 -25.07 6.41 32.13
N ASP A 302 -24.24 5.65 31.39
CA ASP A 302 -22.79 5.90 31.30
C ASP A 302 -22.51 7.29 30.75
N ILE A 303 -23.30 7.75 29.78
CA ILE A 303 -23.08 9.08 29.20
C ILE A 303 -23.56 10.15 30.18
N ALA A 304 -24.70 9.90 30.79
CA ALA A 304 -25.27 10.84 31.77
C ALA A 304 -24.20 11.27 32.81
N LEU A 305 -23.49 10.27 33.30
CA LEU A 305 -22.44 10.42 34.29
C LEU A 305 -21.34 11.38 33.87
N GLY A 306 -20.84 11.23 32.64
CA GLY A 306 -19.77 12.10 32.15
C GLY A 306 -20.17 13.55 32.00
N GLN A 307 -21.45 13.74 31.69
CA GLN A 307 -22.06 15.05 31.49
C GLN A 307 -22.26 15.84 32.80
N GLU A 308 -22.95 15.23 33.75
CA GLU A 308 -23.18 15.96 34.98
C GLU A 308 -21.88 16.26 35.68
N PHE A 309 -20.87 15.42 35.44
CA PHE A 309 -19.58 15.65 36.03
C PHE A 309 -18.98 17.00 35.61
N VAL A 310 -19.30 17.43 34.39
CA VAL A 310 -18.75 18.69 33.86
C VAL A 310 -19.74 19.81 34.06
N ASN A 311 -21.01 19.47 33.89
CA ASN A 311 -22.09 20.43 34.00
C ASN A 311 -22.38 20.79 35.44
N LYS A 312 -23.05 19.87 36.13
CA LYS A 312 -23.43 20.00 37.53
C LYS A 312 -22.30 20.64 38.37
N MET B 1 7.75 -22.59 12.18
CA MET B 1 8.93 -22.46 13.10
C MET B 1 8.61 -21.74 14.42
N LYS B 2 9.22 -22.20 15.51
CA LYS B 2 8.97 -21.65 16.84
C LYS B 2 10.08 -20.78 17.43
N VAL B 3 9.70 -19.59 17.88
CA VAL B 3 10.64 -18.66 18.47
C VAL B 3 10.32 -18.60 19.97
N ALA B 4 11.36 -18.59 20.79
CA ALA B 4 11.15 -18.53 22.21
C ALA B 4 11.87 -17.33 22.79
N VAL B 5 11.13 -16.52 23.57
CA VAL B 5 11.71 -15.34 24.20
C VAL B 5 11.84 -15.58 25.72
N LEU B 6 13.07 -15.49 26.23
CA LEU B 6 13.37 -15.68 27.66
C LEU B 6 13.59 -14.33 28.26
N GLY B 7 12.70 -13.92 29.18
CA GLY B 7 12.82 -12.61 29.80
C GLY B 7 11.79 -11.70 29.16
N ALA B 8 10.66 -12.29 28.80
CA ALA B 8 9.61 -11.56 28.11
C ALA B 8 8.78 -10.57 28.92
N ALA B 9 8.95 -10.55 30.24
CA ALA B 9 8.16 -9.67 31.08
C ALA B 9 8.74 -8.28 31.31
N GLY B 10 10.02 -8.13 31.06
CA GLY B 10 10.63 -6.84 31.26
C GLY B 10 10.28 -5.86 30.15
N GLY B 11 10.82 -4.65 30.24
CA GLY B 11 10.57 -3.64 29.22
C GLY B 11 11.03 -4.08 27.83
N ILE B 12 12.27 -4.58 27.70
CA ILE B 12 12.76 -5.02 26.37
C ILE B 12 12.00 -6.19 25.79
N GLY B 13 11.71 -7.15 26.67
CA GLY B 13 11.00 -8.35 26.29
C GLY B 13 9.60 -8.12 25.74
N GLN B 14 8.89 -7.14 26.30
CA GLN B 14 7.54 -6.87 25.85
C GLN B 14 7.46 -6.15 24.53
N ALA B 15 8.38 -5.24 24.31
CA ALA B 15 8.39 -4.51 23.11
C ALA B 15 8.77 -5.51 21.99
N LEU B 16 9.69 -6.41 22.30
CA LEU B 16 10.15 -7.42 21.36
C LEU B 16 9.05 -8.43 21.02
N ALA B 17 8.32 -8.87 22.03
CA ALA B 17 7.26 -9.86 21.80
C ALA B 17 6.12 -9.24 21.02
N LEU B 18 5.98 -7.92 21.11
CA LEU B 18 4.91 -7.20 20.42
C LEU B 18 5.26 -7.16 18.93
N LEU B 19 6.50 -6.78 18.66
CA LEU B 19 6.99 -6.67 17.32
C LEU B 19 6.96 -8.02 16.63
N LEU B 20 7.44 -9.05 17.30
CA LEU B 20 7.46 -10.39 16.73
C LEU B 20 6.05 -10.92 16.49
N LYS B 21 5.10 -10.60 17.38
CA LYS B 21 3.73 -11.07 17.19
C LYS B 21 3.18 -10.49 15.89
N THR B 22 3.45 -9.21 15.68
CA THR B 22 2.97 -8.54 14.51
C THR B 22 3.82 -8.73 13.25
N GLN B 23 5.02 -9.27 13.37
CA GLN B 23 5.84 -9.38 12.20
C GLN B 23 6.41 -10.75 11.81
N LEU B 24 6.34 -11.73 12.68
CA LEU B 24 6.85 -13.06 12.31
C LEU B 24 5.98 -13.63 11.17
N PRO B 25 6.48 -14.59 10.40
CA PRO B 25 5.68 -15.16 9.31
C PRO B 25 4.47 -15.99 9.75
N SER B 26 3.40 -15.95 8.95
CA SER B 26 2.20 -16.71 9.25
C SER B 26 2.60 -18.13 9.47
N GLY B 27 2.10 -18.71 10.55
CA GLY B 27 2.44 -20.08 10.85
C GLY B 27 3.54 -20.23 11.86
N SER B 28 4.23 -19.13 12.17
CA SER B 28 5.30 -19.18 13.18
C SER B 28 4.67 -19.38 14.55
N GLU B 29 5.51 -19.71 15.51
CA GLU B 29 5.05 -19.91 16.88
C GLU B 29 5.96 -19.11 17.78
N LEU B 30 5.37 -18.48 18.79
CA LEU B 30 6.16 -17.66 19.70
C LEU B 30 5.79 -18.03 21.12
N SER B 31 6.77 -18.45 21.92
CA SER B 31 6.44 -18.77 23.30
C SER B 31 7.25 -17.79 24.12
N LEU B 32 6.62 -17.29 25.18
CA LEU B 32 7.25 -16.33 26.07
C LEU B 32 7.48 -16.99 27.40
N TYR B 33 8.55 -16.57 28.04
CA TYR B 33 8.89 -17.12 29.33
C TYR B 33 9.58 -16.11 30.20
N ASP B 34 9.22 -16.11 31.48
CA ASP B 34 9.85 -15.24 32.44
C ASP B 34 9.45 -15.73 33.83
N ILE B 35 10.24 -15.38 34.84
CA ILE B 35 9.93 -15.79 36.23
C ILE B 35 8.70 -15.03 36.73
N ALA B 36 8.64 -13.74 36.33
CA ALA B 36 7.55 -12.84 36.65
C ALA B 36 6.22 -13.54 36.43
N PRO B 37 5.34 -13.54 37.43
CA PRO B 37 4.02 -14.18 37.35
C PRO B 37 3.04 -13.51 36.38
N VAL B 38 3.38 -12.31 35.94
CA VAL B 38 2.56 -11.58 34.99
C VAL B 38 2.70 -12.22 33.58
N THR B 39 3.88 -12.78 33.33
CA THR B 39 4.23 -13.40 32.06
C THR B 39 3.14 -14.09 31.23
N PRO B 40 2.40 -15.04 31.84
CA PRO B 40 1.35 -15.72 31.08
C PRO B 40 0.32 -14.74 30.56
N GLY B 41 0.03 -13.73 31.36
CA GLY B 41 -0.92 -12.73 30.93
C GLY B 41 -0.35 -11.82 29.84
N VAL B 42 0.97 -11.74 29.74
CA VAL B 42 1.53 -10.89 28.71
C VAL B 42 1.21 -11.60 27.40
N ALA B 43 1.16 -12.93 27.43
CA ALA B 43 0.84 -13.70 26.22
C ALA B 43 -0.65 -13.60 25.86
N VAL B 44 -1.51 -13.64 26.89
CA VAL B 44 -2.93 -13.55 26.67
C VAL B 44 -3.23 -12.20 26.01
N ASP B 45 -2.59 -11.14 26.49
CA ASP B 45 -2.77 -9.81 25.94
C ASP B 45 -2.32 -9.85 24.44
N LEU B 46 -1.14 -10.40 24.15
CA LEU B 46 -0.69 -10.49 22.75
C LEU B 46 -1.54 -11.43 21.92
N SER B 47 -2.09 -12.47 22.53
CA SER B 47 -2.91 -13.43 21.80
C SER B 47 -4.11 -12.76 21.14
N HIS B 48 -4.48 -11.59 21.63
CA HIS B 48 -5.63 -10.89 21.09
C HIS B 48 -5.34 -10.14 19.79
N ILE B 49 -4.07 -10.07 19.39
CA ILE B 49 -3.72 -9.40 18.14
C ILE B 49 -3.93 -10.42 17.01
N PRO B 50 -4.63 -10.05 15.93
CA PRO B 50 -5.10 -10.84 14.77
C PRO B 50 -3.97 -11.13 13.77
N THR B 51 -2.99 -11.96 14.09
CA THR B 51 -1.95 -12.40 13.17
C THR B 51 -1.84 -13.93 13.32
N ALA B 52 -1.44 -14.60 12.26
CA ALA B 52 -1.30 -16.05 12.24
C ALA B 52 -0.03 -16.51 13.01
N VAL B 53 0.13 -15.99 14.20
CA VAL B 53 1.28 -16.35 15.00
C VAL B 53 0.73 -16.84 16.33
N LYS B 54 0.90 -18.13 16.58
CA LYS B 54 0.44 -18.74 17.82
C LYS B 54 1.36 -18.30 18.97
N ILE B 55 0.77 -17.82 20.06
CA ILE B 55 1.58 -17.37 21.21
C ILE B 55 1.15 -18.04 22.53
N LYS B 56 2.12 -18.27 23.42
CA LYS B 56 1.84 -18.88 24.70
C LYS B 56 2.86 -18.37 25.71
N GLY B 57 2.45 -18.27 26.97
CA GLY B 57 3.33 -17.74 28.00
C GLY B 57 3.52 -18.67 29.17
N PHE B 58 4.73 -18.69 29.71
CA PHE B 58 5.03 -19.54 30.84
C PHE B 58 5.80 -18.80 31.93
N SER B 59 5.43 -19.08 33.18
CA SER B 59 6.08 -18.47 34.32
C SER B 59 6.74 -19.61 35.07
N GLY B 60 7.62 -19.30 36.02
CA GLY B 60 8.25 -20.37 36.74
C GLY B 60 9.76 -20.34 36.76
N GLU B 61 10.34 -21.41 37.30
CA GLU B 61 11.79 -21.58 37.40
C GLU B 61 12.14 -22.48 36.22
N ASP B 62 11.12 -23.16 35.72
CA ASP B 62 11.32 -24.04 34.59
C ASP B 62 10.91 -23.37 33.26
N ALA B 63 11.90 -23.10 32.42
CA ALA B 63 11.70 -22.48 31.10
C ALA B 63 11.41 -23.59 30.11
N THR B 64 11.80 -24.79 30.51
CA THR B 64 11.63 -25.99 29.70
C THR B 64 10.36 -26.09 28.87
N PRO B 65 9.20 -25.72 29.44
CA PRO B 65 7.96 -25.83 28.65
C PRO B 65 7.85 -25.02 27.36
N ALA B 66 8.58 -23.91 27.26
CA ALA B 66 8.52 -23.08 26.08
C ALA B 66 9.73 -23.23 25.19
N LEU B 67 10.65 -24.13 25.56
CA LEU B 67 11.83 -24.36 24.72
C LEU B 67 11.61 -25.59 23.84
N GLU B 68 10.64 -26.42 24.20
CA GLU B 68 10.31 -27.59 23.38
C GLU B 68 10.34 -27.11 21.94
N GLY B 69 10.83 -27.95 21.04
CA GLY B 69 10.91 -27.60 19.63
C GLY B 69 11.22 -26.17 19.20
N ALA B 70 11.99 -25.43 19.99
CA ALA B 70 12.29 -24.04 19.62
C ALA B 70 13.41 -24.00 18.58
N ASP B 71 13.27 -23.11 17.60
CA ASP B 71 14.24 -22.94 16.53
C ASP B 71 15.16 -21.78 16.80
N VAL B 72 14.58 -20.75 17.43
CA VAL B 72 15.31 -19.54 17.80
C VAL B 72 14.97 -19.24 19.26
N VAL B 73 16.00 -18.92 20.05
CA VAL B 73 15.80 -18.62 21.45
C VAL B 73 16.46 -17.28 21.65
N LEU B 74 15.65 -16.26 21.94
CA LEU B 74 16.17 -14.92 22.18
C LEU B 74 16.18 -14.70 23.70
N ILE B 75 17.31 -14.30 24.25
CA ILE B 75 17.42 -14.11 25.70
C ILE B 75 17.54 -12.65 26.09
N SER B 76 16.51 -12.11 26.73
CA SER B 76 16.56 -10.73 27.16
C SER B 76 16.35 -10.63 28.67
N ALA B 77 16.45 -11.76 29.37
CA ALA B 77 16.30 -11.74 30.83
C ALA B 77 17.36 -10.84 31.48
N GLY B 78 17.22 -10.60 32.78
CA GLY B 78 18.19 -9.77 33.45
C GLY B 78 17.64 -8.47 34.00
N VAL B 79 18.52 -7.48 34.11
CA VAL B 79 18.18 -6.17 34.64
C VAL B 79 19.10 -5.16 33.93
N ALA B 80 18.78 -3.86 34.00
CA ALA B 80 19.61 -2.88 33.32
C ALA B 80 20.06 -1.71 34.17
N ARG B 81 21.07 -0.99 33.66
CA ARG B 81 21.67 0.14 34.36
C ARG B 81 20.80 1.35 34.61
N LYS B 82 21.00 1.94 35.79
CA LYS B 82 20.30 3.15 36.21
C LYS B 82 21.36 4.23 36.07
N PRO B 83 21.04 5.49 36.39
CA PRO B 83 22.05 6.55 36.25
C PRO B 83 23.30 6.29 37.08
N GLY B 84 24.47 6.44 36.45
CA GLY B 84 25.72 6.23 37.15
C GLY B 84 26.51 4.99 36.73
N MET B 85 25.89 3.82 36.88
CA MET B 85 26.54 2.56 36.51
C MET B 85 26.92 2.52 35.03
N ASP B 86 27.71 1.53 34.64
CA ASP B 86 28.17 1.39 33.26
C ASP B 86 27.51 0.28 32.45
N ARG B 87 28.12 -0.89 32.44
CA ARG B 87 27.62 -2.05 31.72
C ARG B 87 28.45 -3.23 32.17
N SER B 88 29.44 -2.92 33.00
CA SER B 88 30.32 -3.92 33.56
C SER B 88 30.17 -3.81 35.08
N ASP B 89 28.92 -3.83 35.54
CA ASP B 89 28.61 -3.72 36.98
C ASP B 89 27.58 -4.75 37.52
N LEU B 90 26.41 -4.80 36.87
CA LEU B 90 25.31 -5.72 37.23
C LEU B 90 25.70 -7.15 36.86
N PHE B 91 26.99 -7.33 36.57
CA PHE B 91 27.57 -8.60 36.18
C PHE B 91 27.00 -9.84 36.89
N ASN B 92 27.26 -9.96 38.20
CA ASN B 92 26.76 -11.11 38.98
C ASN B 92 25.25 -11.26 38.89
N VAL B 93 24.58 -10.12 38.71
CA VAL B 93 23.13 -10.05 38.58
C VAL B 93 22.66 -10.95 37.45
N ASN B 94 23.00 -10.51 36.23
CA ASN B 94 22.60 -11.18 35.00
C ASN B 94 23.38 -12.45 34.64
N ALA B 95 24.71 -12.36 34.65
CA ALA B 95 25.58 -13.49 34.34
C ALA B 95 24.98 -14.77 34.90
N GLY B 96 24.42 -14.64 36.09
CA GLY B 96 23.78 -15.75 36.75
C GLY B 96 22.62 -16.31 35.97
N ILE B 97 21.66 -15.45 35.64
CA ILE B 97 20.47 -15.86 34.88
C ILE B 97 20.82 -16.36 33.47
N VAL B 98 21.82 -15.74 32.83
CA VAL B 98 22.25 -16.15 31.50
C VAL B 98 22.75 -17.59 31.67
N LYS B 99 23.56 -17.80 32.72
CA LYS B 99 24.12 -19.09 33.06
C LYS B 99 22.96 -20.10 33.19
N ASN B 100 22.00 -19.74 34.02
CA ASN B 100 20.86 -20.61 34.27
C ASN B 100 20.03 -20.88 33.02
N LEU B 101 19.68 -19.81 32.33
CA LEU B 101 18.85 -19.94 31.14
C LEU B 101 19.57 -20.73 30.04
N VAL B 102 20.85 -20.45 29.79
CA VAL B 102 21.52 -21.19 28.74
C VAL B 102 21.52 -22.71 29.01
N GLN B 103 21.58 -23.09 30.29
CA GLN B 103 21.55 -24.50 30.68
C GLN B 103 20.26 -25.19 30.27
N GLN B 104 19.13 -24.56 30.50
CA GLN B 104 17.87 -25.23 30.15
C GLN B 104 17.73 -25.42 28.67
N VAL B 105 18.37 -24.53 27.92
CA VAL B 105 18.38 -24.55 26.45
C VAL B 105 19.13 -25.80 26.02
N ALA B 106 20.39 -25.91 26.45
CA ALA B 106 21.22 -27.08 26.14
C ALA B 106 20.48 -28.41 26.40
N LYS B 107 19.76 -28.51 27.51
CA LYS B 107 19.04 -29.73 27.78
C LYS B 107 17.83 -29.89 26.85
N THR B 108 17.17 -28.79 26.53
CA THR B 108 15.90 -28.89 25.79
C THR B 108 15.96 -28.60 24.26
N CYS B 109 16.75 -27.65 23.80
CA CYS B 109 16.76 -27.35 22.34
C CYS B 109 18.12 -26.96 21.82
N PRO B 110 19.14 -27.78 22.10
CA PRO B 110 20.53 -27.58 21.69
C PRO B 110 20.77 -27.10 20.26
N LYS B 111 20.00 -27.62 19.32
CA LYS B 111 20.17 -27.28 17.91
C LYS B 111 19.55 -25.98 17.39
N ALA B 112 18.97 -25.20 18.31
CA ALA B 112 18.34 -23.92 17.94
C ALA B 112 19.35 -22.78 17.94
N CYS B 113 19.04 -21.71 17.22
CA CYS B 113 19.96 -20.57 17.23
C CYS B 113 19.58 -19.72 18.45
N ILE B 114 20.59 -19.34 19.21
CA ILE B 114 20.44 -18.61 20.44
C ILE B 114 20.98 -17.22 20.27
N GLY B 115 20.12 -16.22 20.50
CA GLY B 115 20.51 -14.82 20.40
C GLY B 115 20.56 -14.22 21.78
N ILE B 116 21.71 -13.68 22.15
CA ILE B 116 21.84 -13.11 23.47
C ILE B 116 21.65 -11.62 23.49
N ILE B 117 20.71 -11.12 24.29
CA ILE B 117 20.49 -9.69 24.34
C ILE B 117 21.00 -9.13 25.65
N THR B 118 20.79 -9.89 26.72
CA THR B 118 21.21 -9.53 28.09
C THR B 118 22.62 -8.96 28.21
N ASN B 119 22.76 -7.73 28.69
CA ASN B 119 24.12 -7.13 28.83
C ASN B 119 24.87 -7.62 30.08
N PRO B 120 26.20 -7.48 30.08
CA PRO B 120 26.96 -6.92 28.95
C PRO B 120 27.25 -8.04 27.94
N VAL B 121 26.82 -7.84 26.70
CA VAL B 121 26.97 -8.87 25.67
C VAL B 121 28.35 -9.51 25.54
N ASN B 122 29.36 -8.64 25.45
CA ASN B 122 30.76 -9.08 25.36
C ASN B 122 31.05 -10.22 26.31
N THR B 123 30.53 -10.12 27.53
CA THR B 123 30.75 -11.13 28.54
C THR B 123 29.69 -12.23 28.60
N THR B 124 28.42 -11.86 28.56
CA THR B 124 27.34 -12.86 28.62
C THR B 124 27.36 -13.92 27.51
N VAL B 125 27.92 -13.59 26.34
CA VAL B 125 28.00 -14.57 25.23
C VAL B 125 29.03 -15.65 25.58
N ALA B 126 30.20 -15.21 26.05
CA ALA B 126 31.28 -16.11 26.49
C ALA B 126 30.73 -17.08 27.53
N ILE B 127 29.95 -16.56 28.47
CA ILE B 127 29.35 -17.38 29.53
C ILE B 127 28.41 -18.42 28.92
N ALA B 128 27.65 -18.01 27.90
CA ALA B 128 26.72 -18.95 27.27
C ALA B 128 27.48 -20.03 26.49
N ALA B 129 28.60 -19.64 25.88
CA ALA B 129 29.45 -20.55 25.09
C ALA B 129 30.02 -21.65 26.01
N GLU B 130 30.56 -21.20 27.15
CA GLU B 130 31.12 -22.09 28.16
C GLU B 130 30.06 -23.07 28.66
N VAL B 131 28.84 -22.58 28.86
CA VAL B 131 27.80 -23.47 29.32
C VAL B 131 27.45 -24.45 28.22
N LEU B 132 27.41 -23.99 26.97
CA LEU B 132 27.08 -24.90 25.88
C LEU B 132 28.23 -25.89 25.68
N LYS B 133 29.46 -25.38 25.72
CA LYS B 133 30.61 -26.26 25.57
C LYS B 133 30.52 -27.33 26.66
N LYS B 134 30.55 -26.87 27.91
CA LYS B 134 30.50 -27.73 29.08
C LYS B 134 29.46 -28.82 28.96
N ALA B 135 28.29 -28.48 28.42
CA ALA B 135 27.23 -29.47 28.27
C ALA B 135 27.45 -30.30 27.01
N GLY B 136 28.53 -30.01 26.30
CA GLY B 136 28.87 -30.74 25.08
C GLY B 136 27.99 -30.55 23.86
N VAL B 137 27.38 -29.39 23.70
CA VAL B 137 26.55 -29.22 22.53
C VAL B 137 26.79 -27.91 21.79
N TYR B 138 27.81 -27.19 22.20
CA TYR B 138 28.18 -25.93 21.57
C TYR B 138 28.39 -25.99 20.05
N ASP B 139 27.69 -25.10 19.33
CA ASP B 139 27.79 -24.97 17.88
C ASP B 139 28.11 -23.50 17.72
N LYS B 140 29.36 -23.17 17.48
CA LYS B 140 29.71 -21.77 17.40
C LYS B 140 29.00 -20.97 16.30
N ASN B 141 28.34 -21.61 15.35
CA ASN B 141 27.63 -20.83 14.35
C ASN B 141 26.18 -20.58 14.79
N LYS B 142 25.88 -20.94 16.03
CA LYS B 142 24.52 -20.79 16.52
C LYS B 142 24.36 -20.03 17.83
N LEU B 143 25.34 -19.18 18.16
CA LEU B 143 25.35 -18.36 19.38
C LEU B 143 25.72 -16.94 18.96
N PHE B 144 24.80 -15.98 19.13
CA PHE B 144 25.13 -14.61 18.74
C PHE B 144 24.83 -13.57 19.80
N GLY B 145 25.65 -12.54 19.82
CA GLY B 145 25.39 -11.45 20.71
C GLY B 145 24.64 -10.45 19.84
N VAL B 146 23.40 -10.11 20.22
CA VAL B 146 22.62 -9.13 19.48
C VAL B 146 23.21 -7.73 19.66
N THR B 147 23.91 -7.26 18.65
CA THR B 147 24.54 -5.94 18.76
C THR B 147 23.81 -4.98 17.84
N THR B 148 22.65 -5.40 17.33
CA THR B 148 21.90 -4.64 16.30
C THR B 148 21.54 -3.21 16.64
N LEU B 149 21.33 -2.95 17.93
CA LEU B 149 21.04 -1.59 18.38
C LEU B 149 22.14 -0.62 18.00
N ASP B 150 23.39 -1.06 18.04
CA ASP B 150 24.45 -0.12 17.66
C ASP B 150 24.34 0.20 16.16
N ILE B 151 23.79 -0.74 15.41
CA ILE B 151 23.64 -0.52 13.98
C ILE B 151 22.51 0.47 13.74
N ILE B 152 21.33 0.21 14.30
CA ILE B 152 20.26 1.16 13.98
C ILE B 152 20.51 2.57 14.51
N CYS B 153 21.31 2.69 15.58
CA CYS B 153 21.63 4.02 16.13
C CYS B 153 22.55 4.73 15.19
N SER B 154 23.58 4.03 14.73
CA SER B 154 24.52 4.66 13.75
C SER B 154 23.77 5.05 12.47
N ASN B 155 22.78 4.24 12.06
CA ASN B 155 22.02 4.54 10.86
C ASN B 155 21.33 5.86 11.06
N THR B 156 20.62 5.97 12.16
CA THR B 156 19.92 7.23 12.48
C THR B 156 20.80 8.46 12.59
N PHE B 157 21.97 8.33 13.22
CA PHE B 157 22.79 9.52 13.39
C PHE B 157 23.40 9.88 12.09
N VAL B 158 23.86 8.89 11.33
CA VAL B 158 24.45 9.26 10.05
C VAL B 158 23.40 9.96 9.16
N ALA B 159 22.18 9.43 9.14
CA ALA B 159 21.15 10.01 8.29
C ALA B 159 20.91 11.46 8.60
N GLU B 160 20.56 11.76 9.86
CA GLU B 160 20.27 13.12 10.34
C GLU B 160 21.39 14.14 10.03
N LEU B 161 22.60 13.73 10.32
CA LEU B 161 23.77 14.55 10.12
C LEU B 161 23.95 14.94 8.65
N LYS B 162 23.99 13.94 7.77
CA LYS B 162 24.19 14.11 6.35
C LYS B 162 22.95 14.38 5.53
N GLY B 163 21.79 14.37 6.17
CA GLY B 163 20.54 14.65 5.46
C GLY B 163 20.04 13.57 4.50
N LYS B 164 20.26 12.32 4.86
CA LYS B 164 19.87 11.16 4.08
C LYS B 164 18.53 10.54 4.59
N GLN B 165 17.85 9.78 3.74
CA GLN B 165 16.61 9.13 4.20
C GLN B 165 17.09 8.10 5.20
N PRO B 166 16.46 8.00 6.36
CA PRO B 166 16.98 7.07 7.38
C PRO B 166 16.89 5.60 6.91
N GLY B 167 15.89 5.18 6.20
CA GLY B 167 15.84 3.79 5.80
C GLY B 167 16.89 3.40 4.76
N GLU B 168 17.49 4.38 4.09
CA GLU B 168 18.53 4.17 3.08
C GLU B 168 19.96 4.10 3.59
N VAL B 169 20.19 4.21 4.90
CA VAL B 169 21.57 4.14 5.45
C VAL B 169 21.78 2.84 6.31
N GLU B 170 22.91 2.20 6.12
CA GLU B 170 23.21 0.97 6.84
C GLU B 170 24.67 1.10 7.20
N VAL B 171 25.02 1.32 8.45
CA VAL B 171 26.45 1.37 8.67
C VAL B 171 26.93 0.11 9.36
N PRO B 172 28.01 -0.45 8.82
CA PRO B 172 28.53 -1.66 9.50
C PRO B 172 29.09 -1.34 10.90
N VAL B 173 28.88 -2.18 11.86
CA VAL B 173 29.43 -1.88 13.16
C VAL B 173 30.11 -3.11 13.62
N ILE B 174 31.38 -2.96 14.02
CA ILE B 174 32.18 -4.11 14.49
C ILE B 174 32.71 -4.02 15.92
N GLY B 175 33.32 -5.11 16.39
CA GLY B 175 33.90 -5.14 17.71
C GLY B 175 33.02 -5.73 18.79
N GLY B 176 32.70 -4.89 19.78
CA GLY B 176 31.86 -5.30 20.90
C GLY B 176 30.64 -4.43 21.05
N HIS B 177 29.85 -4.72 22.08
CA HIS B 177 28.62 -4.01 22.32
C HIS B 177 28.63 -2.99 23.50
N SER B 178 29.81 -2.53 23.93
CA SER B 178 29.85 -1.61 25.07
C SER B 178 30.96 -0.58 25.10
N GLY B 179 30.58 0.69 24.98
CA GLY B 179 31.54 1.76 25.04
C GLY B 179 32.63 1.77 24.00
N VAL B 180 33.85 1.46 24.42
CA VAL B 180 35.02 1.46 23.54
C VAL B 180 35.06 0.31 22.53
N THR B 181 34.44 -0.81 22.87
CA THR B 181 34.41 -1.96 21.97
C THR B 181 33.48 -1.78 20.75
N ILE B 182 32.72 -0.69 20.72
CA ILE B 182 31.76 -0.42 19.64
C ILE B 182 32.40 0.45 18.58
N LEU B 183 32.57 -0.11 17.38
CA LEU B 183 33.22 0.61 16.30
C LEU B 183 32.45 0.74 14.99
N PRO B 184 31.98 1.95 14.68
CA PRO B 184 31.23 2.22 13.45
C PRO B 184 32.20 2.36 12.29
N LEU B 185 32.03 1.55 11.25
CA LEU B 185 32.89 1.60 10.06
C LEU B 185 32.30 2.65 9.13
N LEU B 186 32.42 3.92 9.53
CA LEU B 186 31.90 5.04 8.75
C LEU B 186 32.61 5.25 7.40
N SER B 187 33.82 4.73 7.29
CA SER B 187 34.56 4.88 6.06
C SER B 187 33.87 4.07 4.99
N GLN B 188 33.01 3.13 5.42
CA GLN B 188 32.32 2.26 4.50
C GLN B 188 30.87 2.58 4.20
N VAL B 189 30.45 3.80 4.49
CA VAL B 189 29.08 4.23 4.22
C VAL B 189 29.01 4.85 2.82
N PRO B 190 28.53 4.06 1.85
CA PRO B 190 28.41 4.49 0.45
C PRO B 190 27.70 5.81 0.19
N GLY B 191 28.32 6.65 -0.63
CA GLY B 191 27.74 7.94 -0.97
C GLY B 191 27.98 9.08 0.00
N VAL B 192 28.51 8.76 1.17
CA VAL B 192 28.76 9.76 2.20
C VAL B 192 30.23 9.82 2.55
N SER B 193 30.75 11.03 2.66
CA SER B 193 32.14 11.18 3.05
C SER B 193 32.14 12.03 4.31
N PHE B 194 32.96 11.65 5.28
CA PHE B 194 33.03 12.40 6.52
C PHE B 194 34.37 13.08 6.71
N THR B 195 34.37 14.01 7.66
CA THR B 195 35.56 14.74 8.01
C THR B 195 36.04 14.04 9.29
N GLU B 196 37.33 14.18 9.61
CA GLU B 196 37.89 13.54 10.79
C GLU B 196 37.11 13.84 12.04
N GLN B 197 36.69 15.10 12.19
CA GLN B 197 35.96 15.53 13.36
C GLN B 197 34.56 14.90 13.43
N GLU B 198 33.91 14.77 12.27
CA GLU B 198 32.58 14.15 12.24
C GLU B 198 32.77 12.72 12.67
N VAL B 199 33.75 12.05 12.08
CA VAL B 199 33.99 10.67 12.46
C VAL B 199 34.22 10.54 13.97
N ALA B 200 34.99 11.50 14.50
CA ALA B 200 35.30 11.54 15.92
C ALA B 200 34.03 11.85 16.71
N ASP B 201 33.37 12.95 16.37
CA ASP B 201 32.15 13.31 17.05
C ASP B 201 31.07 12.22 16.95
N LEU B 202 30.88 11.69 15.74
CA LEU B 202 29.87 10.64 15.55
C LEU B 202 30.23 9.40 16.32
N THR B 203 31.49 8.96 16.22
CA THR B 203 31.84 7.72 16.90
C THR B 203 31.56 7.87 18.38
N LYS B 204 31.88 9.03 18.91
CA LYS B 204 31.64 9.28 20.33
C LYS B 204 30.15 9.12 20.61
N ARG B 205 29.34 9.87 19.87
CA ARG B 205 27.90 9.79 20.06
C ARG B 205 27.36 8.37 19.97
N ILE B 206 27.85 7.60 19.00
CA ILE B 206 27.38 6.25 18.83
C ILE B 206 27.75 5.36 19.99
N GLN B 207 28.96 5.58 20.52
CA GLN B 207 29.45 4.80 21.66
C GLN B 207 28.69 5.12 22.96
N ASN B 208 28.22 6.36 23.04
CA ASN B 208 27.47 6.82 24.20
C ASN B 208 25.96 6.93 24.03
N ALA B 209 25.43 6.32 22.97
CA ALA B 209 23.99 6.36 22.74
C ALA B 209 23.18 5.89 23.98
N GLY B 210 23.50 4.73 24.53
CA GLY B 210 22.79 4.23 25.71
C GLY B 210 22.76 5.20 26.90
N THR B 211 23.87 5.88 27.15
CA THR B 211 23.99 6.84 28.26
C THR B 211 23.03 8.01 28.02
N GLU B 212 22.90 8.38 26.74
CA GLU B 212 22.04 9.46 26.29
C GLU B 212 20.61 9.17 26.72
N VAL B 213 20.23 7.90 26.66
CA VAL B 213 18.89 7.53 27.05
C VAL B 213 18.75 7.46 28.58
N VAL B 214 19.79 6.97 29.27
CA VAL B 214 19.73 6.89 30.73
C VAL B 214 19.59 8.27 31.39
N GLU B 215 20.44 9.21 30.99
CA GLU B 215 20.37 10.53 31.57
C GLU B 215 19.06 11.25 31.27
N ALA B 216 18.42 10.87 30.17
CA ALA B 216 17.17 11.49 29.80
C ALA B 216 16.00 10.88 30.56
N LYS B 217 16.08 9.59 30.87
CA LYS B 217 15.01 8.95 31.60
C LYS B 217 15.20 9.28 33.09
N ALA B 218 16.27 10.00 33.38
CA ALA B 218 16.62 10.40 34.75
C ALA B 218 16.42 9.25 35.74
N GLY B 219 17.12 8.13 35.51
CA GLY B 219 16.95 6.99 36.39
C GLY B 219 15.52 6.48 36.32
N GLY B 220 15.16 5.95 35.15
CA GLY B 220 13.83 5.41 34.92
C GLY B 220 14.03 4.34 33.86
N GLY B 221 15.18 3.67 33.96
CA GLY B 221 15.53 2.63 33.03
C GLY B 221 16.43 3.12 31.91
N SER B 222 16.81 2.18 31.06
CA SER B 222 17.66 2.49 29.92
C SER B 222 16.84 2.27 28.62
N ALA B 223 17.51 2.22 27.47
CA ALA B 223 16.81 2.00 26.22
C ALA B 223 16.01 0.67 26.26
N THR B 224 14.72 0.71 26.01
CA THR B 224 13.99 -0.54 26.03
C THR B 224 13.25 -0.76 24.71
N LEU B 225 12.67 0.32 24.19
CA LEU B 225 11.90 0.28 22.96
C LEU B 225 12.83 0.11 21.73
N SER B 226 13.76 1.02 21.54
CA SER B 226 14.68 0.87 20.43
C SER B 226 15.41 -0.46 20.58
N MET B 227 15.68 -0.89 21.81
CA MET B 227 16.39 -2.15 21.99
C MET B 227 15.47 -3.23 21.50
N GLY B 228 14.18 -3.05 21.78
CA GLY B 228 13.16 -4.00 21.36
C GLY B 228 13.07 -4.13 19.84
N GLN B 229 13.04 -2.99 19.17
CA GLN B 229 12.97 -2.90 17.71
C GLN B 229 14.21 -3.57 17.12
N ALA B 230 15.37 -3.27 17.67
CA ALA B 230 16.60 -3.86 17.15
C ALA B 230 16.61 -5.36 17.31
N ALA B 231 16.29 -5.84 18.50
CA ALA B 231 16.27 -7.26 18.73
C ALA B 231 15.25 -7.86 17.78
N ALA B 232 14.27 -7.06 17.41
CA ALA B 232 13.23 -7.49 16.52
C ALA B 232 13.83 -7.61 15.08
N ARG B 233 14.65 -6.64 14.69
CA ARG B 233 15.21 -6.75 13.35
C ARG B 233 16.09 -8.00 13.26
N PHE B 234 16.87 -8.22 14.31
CA PHE B 234 17.74 -9.38 14.31
C PHE B 234 16.97 -10.72 14.32
N GLY B 235 15.97 -10.87 15.17
CA GLY B 235 15.22 -12.11 15.20
C GLY B 235 14.62 -12.48 13.85
N LEU B 236 14.01 -11.50 13.17
CA LEU B 236 13.42 -11.68 11.83
C LEU B 236 14.47 -12.06 10.80
N SER B 237 15.63 -11.41 10.86
CA SER B 237 16.73 -11.75 9.96
C SER B 237 17.05 -13.22 10.18
N LEU B 238 17.29 -13.61 11.43
CA LEU B 238 17.59 -15.00 11.78
C LEU B 238 16.52 -15.95 11.27
N VAL B 239 15.27 -15.57 11.47
CA VAL B 239 14.16 -16.39 11.04
C VAL B 239 14.11 -16.47 9.49
N ARG B 240 14.33 -15.34 8.80
CA ARG B 240 14.31 -15.36 7.33
C ARG B 240 15.36 -16.31 6.76
N ALA B 241 16.59 -16.19 7.24
CA ALA B 241 17.68 -17.06 6.81
C ALA B 241 17.36 -18.52 7.11
N LEU B 242 16.88 -18.81 8.32
CA LEU B 242 16.60 -20.19 8.67
C LEU B 242 15.61 -20.83 7.69
N GLN B 243 14.74 -20.01 7.12
CA GLN B 243 13.73 -20.45 6.17
C GLN B 243 14.29 -20.56 4.73
N GLY B 244 15.58 -20.29 4.54
CA GLY B 244 16.17 -20.39 3.22
C GLY B 244 16.40 -19.11 2.43
N GLU B 245 15.94 -17.98 2.94
CA GLU B 245 16.19 -16.74 2.22
C GLU B 245 17.71 -16.60 2.07
N GLN B 246 18.14 -16.14 0.90
CA GLN B 246 19.56 -15.99 0.63
C GLN B 246 19.93 -14.52 0.75
N GLY B 247 21.21 -14.23 0.93
CA GLY B 247 21.65 -12.84 1.04
C GLY B 247 21.45 -12.05 2.35
N VAL B 248 21.02 -12.75 3.39
CA VAL B 248 20.79 -12.13 4.67
C VAL B 248 22.10 -11.88 5.43
N VAL B 249 22.43 -10.61 5.60
CA VAL B 249 23.66 -10.22 6.31
C VAL B 249 23.39 -9.30 7.53
N GLU B 250 23.95 -9.66 8.68
CA GLU B 250 23.81 -8.86 9.90
C GLU B 250 25.15 -8.92 10.66
N CYS B 251 25.57 -7.80 11.24
CA CYS B 251 26.76 -7.81 12.09
C CYS B 251 26.24 -8.41 13.42
N ALA B 252 27.07 -9.23 14.04
CA ALA B 252 26.72 -9.85 15.31
C ALA B 252 28.00 -10.42 15.96
N TYR B 253 28.03 -10.35 17.29
CA TYR B 253 29.14 -10.82 18.13
C TYR B 253 29.14 -12.35 18.15
N VAL B 254 30.16 -12.96 17.55
CA VAL B 254 30.20 -14.43 17.51
C VAL B 254 31.61 -14.97 17.72
N GLU B 255 31.70 -16.28 17.87
CA GLU B 255 33.02 -16.89 18.00
C GLU B 255 33.57 -17.00 16.59
N GLY B 256 34.67 -16.30 16.31
CA GLY B 256 35.24 -16.35 14.98
C GLY B 256 36.59 -17.02 14.84
N ASP B 257 37.35 -16.49 13.89
CA ASP B 257 38.69 -16.96 13.54
C ASP B 257 39.72 -16.44 14.57
N GLY B 258 39.22 -15.89 15.67
CA GLY B 258 40.10 -15.36 16.70
C GLY B 258 41.11 -14.33 16.21
N GLN B 259 40.93 -13.78 15.02
CA GLN B 259 41.91 -12.81 14.59
C GLN B 259 42.08 -11.62 15.50
N TYR B 260 41.01 -11.18 16.17
CA TYR B 260 41.10 -10.02 17.07
C TYR B 260 40.75 -10.39 18.50
N ALA B 261 39.96 -11.44 18.63
CA ALA B 261 39.56 -11.89 19.95
C ALA B 261 38.68 -13.11 19.76
N ARG B 262 38.57 -13.90 20.81
CA ARG B 262 37.79 -15.12 20.74
C ARG B 262 36.40 -14.82 20.18
N PHE B 263 35.83 -13.69 20.59
CA PHE B 263 34.51 -13.25 20.12
C PHE B 263 34.70 -11.87 19.52
N PHE B 264 34.01 -11.60 18.43
CA PHE B 264 34.14 -10.30 17.78
C PHE B 264 32.90 -10.12 16.91
N SER B 265 32.41 -8.90 16.84
CA SER B 265 31.24 -8.64 16.03
C SER B 265 31.70 -8.20 14.64
N GLN B 266 31.28 -8.94 13.62
CA GLN B 266 31.63 -8.59 12.27
C GLN B 266 30.45 -8.95 11.35
N PRO B 267 30.47 -8.48 10.08
CA PRO B 267 29.38 -8.77 9.12
C PRO B 267 29.21 -10.29 8.92
N LEU B 268 27.99 -10.79 9.08
CA LEU B 268 27.74 -12.23 8.95
C LEU B 268 26.75 -12.60 7.85
N LEU B 269 27.03 -13.67 7.13
CA LEU B 269 26.11 -14.13 6.12
C LEU B 269 25.37 -15.23 6.85
N LEU B 270 24.07 -15.10 6.98
CA LEU B 270 23.32 -16.12 7.71
C LEU B 270 22.62 -17.11 6.77
N GLY B 271 22.49 -18.36 7.22
CA GLY B 271 21.86 -19.39 6.43
C GLY B 271 21.05 -20.36 7.27
N LYS B 272 20.63 -21.45 6.64
CA LYS B 272 19.81 -22.47 7.26
C LYS B 272 20.31 -23.10 8.55
N ASN B 273 21.55 -22.80 8.91
CA ASN B 273 22.14 -23.34 10.13
C ASN B 273 22.86 -22.23 10.92
N GLY B 274 22.39 -21.01 10.77
CA GLY B 274 23.04 -19.95 11.51
C GLY B 274 24.05 -19.20 10.67
N VAL B 275 25.22 -18.94 11.24
CA VAL B 275 26.26 -18.24 10.50
C VAL B 275 26.67 -19.13 9.30
N GLU B 276 26.59 -18.59 8.08
CA GLU B 276 26.97 -19.36 6.88
C GLU B 276 28.40 -19.02 6.48
N GLU B 277 28.78 -17.78 6.69
CA GLU B 277 30.11 -17.32 6.38
C GLU B 277 30.36 -16.07 7.22
N ARG B 278 31.56 -15.92 7.74
CA ARG B 278 31.89 -14.72 8.49
C ARG B 278 32.55 -13.75 7.53
N LYS B 279 31.84 -12.74 7.08
CA LYS B 279 32.43 -11.80 6.16
C LYS B 279 33.63 -11.12 6.79
N SER B 280 34.46 -10.51 5.95
CA SER B 280 35.65 -9.78 6.37
C SER B 280 35.18 -8.39 6.83
N ILE B 281 35.96 -7.71 7.68
CA ILE B 281 35.56 -6.38 8.17
C ILE B 281 35.91 -5.32 7.13
N GLY B 282 36.46 -5.78 6.02
CA GLY B 282 36.81 -4.87 4.92
C GLY B 282 37.96 -3.94 5.15
N THR B 283 38.07 -2.93 4.30
CA THR B 283 39.18 -2.01 4.46
C THR B 283 38.80 -0.89 5.41
N LEU B 284 39.61 -0.75 6.46
CA LEU B 284 39.38 0.26 7.48
C LEU B 284 40.07 1.55 7.14
N SER B 285 39.70 2.62 7.83
CA SER B 285 40.32 3.93 7.63
C SER B 285 41.41 4.02 8.69
N ALA B 286 42.27 5.04 8.61
CA ALA B 286 43.32 5.18 9.62
C ALA B 286 42.68 5.20 11.02
N PHE B 287 41.63 6.01 11.14
CA PHE B 287 40.91 6.14 12.39
C PHE B 287 40.32 4.84 12.91
N GLU B 288 39.69 4.06 12.03
CA GLU B 288 39.09 2.79 12.44
C GLU B 288 40.21 1.87 12.84
N GLN B 289 41.28 1.86 12.05
CA GLN B 289 42.46 1.03 12.31
C GLN B 289 42.95 1.38 13.72
N ASN B 290 43.13 2.68 13.97
CA ASN B 290 43.57 3.17 15.28
C ASN B 290 42.67 2.64 16.39
N ALA B 291 41.38 2.95 16.24
CA ALA B 291 40.37 2.56 17.19
C ALA B 291 40.25 1.06 17.34
N LEU B 292 40.39 0.31 16.25
CA LEU B 292 40.26 -1.14 16.40
C LEU B 292 41.27 -1.68 17.39
N GLU B 293 42.52 -1.21 17.30
CA GLU B 293 43.58 -1.69 18.19
C GLU B 293 43.45 -1.32 19.67
N GLY B 294 43.18 -0.05 19.97
CA GLY B 294 43.03 0.36 21.35
C GLY B 294 41.92 -0.26 22.20
N MET B 295 41.00 -1.00 21.60
CA MET B 295 39.87 -1.59 22.34
C MET B 295 40.06 -3.07 22.61
N LEU B 296 40.97 -3.66 21.84
CA LEU B 296 41.26 -5.07 21.96
C LEU B 296 41.40 -5.54 23.39
N ASP B 297 42.41 -5.02 24.09
CA ASP B 297 42.67 -5.42 25.48
C ASP B 297 41.38 -5.41 26.31
N THR B 298 40.57 -4.38 26.08
CA THR B 298 39.30 -4.20 26.76
C THR B 298 38.33 -5.34 26.38
N LEU B 299 38.27 -5.67 25.10
CA LEU B 299 37.37 -6.72 24.65
C LEU B 299 37.68 -8.09 25.23
N LYS B 300 38.93 -8.53 25.12
CA LYS B 300 39.30 -9.83 25.65
C LYS B 300 39.17 -9.91 27.16
N LYS B 301 39.23 -8.76 27.82
CA LYS B 301 39.05 -8.75 29.27
C LYS B 301 37.60 -9.18 29.54
N ASP B 302 36.63 -8.52 28.87
CA ASP B 302 35.22 -8.86 29.02
C ASP B 302 35.04 -10.34 28.75
N ILE B 303 35.63 -10.80 27.64
CA ILE B 303 35.52 -12.20 27.29
C ILE B 303 36.09 -13.00 28.44
N ALA B 304 37.29 -12.61 28.87
CA ALA B 304 37.95 -13.26 29.98
C ALA B 304 36.98 -13.41 31.15
N LEU B 305 36.57 -12.27 31.68
CA LEU B 305 35.64 -12.23 32.81
C LEU B 305 34.53 -13.25 32.60
N GLY B 306 34.06 -13.33 31.36
CA GLY B 306 32.97 -14.25 31.07
C GLY B 306 33.34 -15.69 31.24
N GLN B 307 34.49 -16.08 30.68
CA GLN B 307 34.98 -17.46 30.77
C GLN B 307 35.18 -17.85 32.22
N GLU B 308 35.88 -16.99 32.95
CA GLU B 308 36.13 -17.17 34.37
C GLU B 308 34.83 -17.60 35.10
N PHE B 309 33.86 -16.68 35.15
CA PHE B 309 32.58 -16.92 35.81
C PHE B 309 32.04 -18.36 35.72
N VAL B 310 32.24 -19.03 34.59
CA VAL B 310 31.74 -20.39 34.43
C VAL B 310 32.77 -21.44 34.90
N ASN B 311 33.99 -21.35 34.36
CA ASN B 311 35.06 -22.28 34.67
C ASN B 311 35.84 -21.88 35.92
N LYS B 312 35.19 -22.08 37.07
CA LYS B 312 35.74 -21.77 38.39
C LYS B 312 34.57 -21.41 39.32
N MET C 1 -1.31 18.40 -5.80
CA MET C 1 -0.54 17.49 -6.71
C MET C 1 -1.16 17.52 -8.12
N LYS C 2 -0.56 18.28 -9.02
CA LYS C 2 -1.09 18.38 -10.36
C LYS C 2 -0.14 17.81 -11.39
N VAL C 3 -0.66 16.95 -12.27
CA VAL C 3 0.15 16.35 -13.31
C VAL C 3 -0.39 16.80 -14.64
N ALA C 4 0.51 17.16 -15.54
CA ALA C 4 0.12 17.60 -16.84
C ALA C 4 0.71 16.63 -17.86
N VAL C 5 -0.13 16.20 -18.80
CA VAL C 5 0.35 15.31 -19.87
C VAL C 5 0.27 16.11 -21.15
N LEU C 6 1.41 16.27 -21.81
CA LEU C 6 1.47 17.01 -23.07
C LEU C 6 1.63 15.97 -24.17
N GLY C 7 0.65 15.96 -25.08
CA GLY C 7 0.58 14.98 -26.17
C GLY C 7 -0.41 13.89 -25.72
N ALA C 8 -1.44 14.32 -25.02
CA ALA C 8 -2.43 13.46 -24.43
C ALA C 8 -3.40 12.83 -25.37
N ALA C 9 -3.49 13.31 -26.61
CA ALA C 9 -4.46 12.71 -27.54
C ALA C 9 -3.90 11.52 -28.30
N GLY C 10 -2.60 11.31 -28.23
CA GLY C 10 -2.02 10.20 -28.95
C GLY C 10 -2.24 8.85 -28.29
N GLY C 11 -1.60 7.83 -28.86
CA GLY C 11 -1.73 6.49 -28.34
C GLY C 11 -1.17 6.39 -26.94
N ILE C 12 0.06 6.85 -26.74
CA ILE C 12 0.64 6.78 -25.42
C ILE C 12 -0.12 7.69 -24.47
N GLY C 13 -0.43 8.89 -24.95
CA GLY C 13 -1.16 9.83 -24.12
C GLY C 13 -2.46 9.36 -23.50
N GLN C 14 -3.30 8.71 -24.30
CA GLN C 14 -4.59 8.24 -23.79
C GLN C 14 -4.46 7.05 -22.86
N ALA C 15 -3.54 6.15 -23.18
CA ALA C 15 -3.30 5.01 -22.33
C ALA C 15 -2.77 5.55 -20.97
N LEU C 16 -1.79 6.46 -21.04
CA LEU C 16 -1.20 7.08 -19.86
C LEU C 16 -2.29 7.78 -19.03
N ALA C 17 -3.11 8.57 -19.69
CA ALA C 17 -4.13 9.32 -18.99
C ALA C 17 -5.16 8.46 -18.29
N LEU C 18 -5.45 7.30 -18.87
CA LEU C 18 -6.45 6.39 -18.32
C LEU C 18 -5.91 5.81 -17.02
N LEU C 19 -4.64 5.35 -17.07
CA LEU C 19 -3.99 4.79 -15.89
C LEU C 19 -3.85 5.85 -14.78
N LEU C 20 -3.40 7.08 -15.10
CA LEU C 20 -3.24 8.14 -14.09
C LEU C 20 -4.59 8.53 -13.48
N LYS C 21 -5.60 8.66 -14.32
CA LYS C 21 -6.93 8.95 -13.82
C LYS C 21 -7.43 7.93 -12.77
N THR C 22 -7.05 6.67 -12.92
CA THR C 22 -7.47 5.63 -12.02
C THR C 22 -6.45 5.30 -10.93
N GLN C 23 -5.26 5.87 -11.00
CA GLN C 23 -4.27 5.55 -10.00
C GLN C 23 -3.63 6.70 -9.28
N LEU C 24 -3.83 7.94 -9.73
CA LEU C 24 -3.24 8.99 -8.95
C LEU C 24 -3.95 9.02 -7.58
N PRO C 25 -3.19 9.41 -6.54
CA PRO C 25 -3.84 9.50 -5.22
C PRO C 25 -5.02 10.48 -5.22
N SER C 26 -5.99 10.26 -4.40
CA SER C 26 -7.15 11.16 -4.32
C SER C 26 -6.69 12.55 -3.98
N GLY C 27 -7.32 13.56 -4.57
CA GLY C 27 -6.94 14.93 -4.35
C GLY C 27 -6.08 15.40 -5.51
N SER C 28 -5.43 14.49 -6.23
CA SER C 28 -4.59 14.89 -7.37
C SER C 28 -5.38 15.59 -8.50
N GLU C 29 -4.68 16.36 -9.31
CA GLU C 29 -5.31 17.03 -10.43
C GLU C 29 -4.58 16.58 -11.71
N LEU C 30 -5.34 16.38 -12.77
CA LEU C 30 -4.73 15.96 -14.02
C LEU C 30 -5.14 16.85 -15.18
N SER C 31 -4.18 17.45 -15.85
CA SER C 31 -4.56 18.27 -16.97
C SER C 31 -3.93 17.72 -18.25
N LEU C 32 -4.76 17.64 -19.31
CA LEU C 32 -4.32 17.12 -20.62
C LEU C 32 -4.20 18.23 -21.65
N TYR C 33 -3.18 18.10 -22.49
CA TYR C 33 -2.93 19.07 -23.55
C TYR C 33 -2.33 18.40 -24.75
N ASP C 34 -2.77 18.83 -25.92
CA ASP C 34 -2.28 18.30 -27.17
C ASP C 34 -2.83 19.21 -28.26
N ILE C 35 -2.08 19.40 -29.35
CA ILE C 35 -2.60 20.29 -30.40
C ILE C 35 -3.92 19.76 -30.99
N ALA C 36 -4.10 18.44 -31.02
CA ALA C 36 -5.32 17.85 -31.58
C ALA C 36 -6.61 18.34 -30.94
N PRO C 37 -7.61 18.65 -31.76
CA PRO C 37 -8.91 19.15 -31.27
C PRO C 37 -9.75 18.15 -30.45
N VAL C 38 -9.40 16.87 -30.48
CA VAL C 38 -10.17 15.87 -29.74
C VAL C 38 -9.92 15.97 -28.23
N THR C 39 -8.80 16.59 -27.87
CA THR C 39 -8.35 16.65 -26.47
C THR C 39 -9.32 17.00 -25.37
N PRO C 40 -10.06 18.10 -25.50
CA PRO C 40 -10.99 18.38 -24.39
C PRO C 40 -11.97 17.23 -24.20
N GLY C 41 -12.37 16.60 -25.31
CA GLY C 41 -13.31 15.49 -25.21
C GLY C 41 -12.68 14.23 -24.60
N VAL C 42 -11.36 14.06 -24.71
CA VAL C 42 -10.64 12.92 -24.11
C VAL C 42 -10.78 13.15 -22.58
N ALA C 43 -10.59 14.40 -22.15
CA ALA C 43 -10.72 14.77 -20.74
C ALA C 43 -12.17 14.54 -20.29
N VAL C 44 -13.15 15.11 -21.00
CA VAL C 44 -14.54 14.87 -20.63
C VAL C 44 -14.88 13.35 -20.52
N ASP C 45 -14.29 12.51 -21.40
CA ASP C 45 -14.50 11.05 -21.40
C ASP C 45 -14.00 10.51 -20.03
N LEU C 46 -12.75 10.83 -19.74
CA LEU C 46 -12.12 10.36 -18.52
C LEU C 46 -12.79 10.88 -17.21
N SER C 47 -13.40 12.07 -17.30
CA SER C 47 -14.02 12.69 -16.15
C SER C 47 -15.23 11.91 -15.70
N HIS C 48 -15.68 10.97 -16.51
CA HIS C 48 -16.82 10.18 -16.09
C HIS C 48 -16.41 8.95 -15.26
N ILE C 49 -15.12 8.78 -15.00
CA ILE C 49 -14.65 7.62 -14.21
C ILE C 49 -14.69 8.12 -12.74
N PRO C 50 -15.42 7.41 -11.87
CA PRO C 50 -15.53 7.85 -10.46
C PRO C 50 -14.32 7.72 -9.54
N THR C 51 -13.27 8.52 -9.74
CA THR C 51 -12.10 8.50 -8.86
C THR C 51 -11.91 9.94 -8.51
N ALA C 52 -11.40 10.17 -7.32
CA ALA C 52 -11.23 11.51 -6.84
C ALA C 52 -10.06 12.20 -7.50
N VAL C 53 -10.04 12.22 -8.83
CA VAL C 53 -8.97 12.91 -9.55
C VAL C 53 -9.60 13.87 -10.51
N LYS C 54 -9.37 15.14 -10.29
CA LYS C 54 -9.96 16.13 -11.16
C LYS C 54 -9.17 16.23 -12.49
N ILE C 55 -9.89 16.18 -13.60
CA ILE C 55 -9.24 16.22 -14.92
C ILE C 55 -9.83 17.28 -15.83
N LYS C 56 -8.95 17.95 -16.56
CA LYS C 56 -9.35 18.99 -17.49
C LYS C 56 -8.52 18.83 -18.73
N GLY C 57 -9.08 19.21 -19.88
CA GLY C 57 -8.35 19.06 -21.14
C GLY C 57 -8.28 20.36 -21.92
N PHE C 58 -7.23 20.51 -22.71
CA PHE C 58 -6.98 21.71 -23.49
C PHE C 58 -6.41 21.45 -24.90
N SER C 59 -6.84 22.26 -25.86
CA SER C 59 -6.35 22.13 -27.21
C SER C 59 -5.75 23.50 -27.64
N GLY C 60 -5.37 23.67 -28.87
CA GLY C 60 -4.82 24.98 -29.19
C GLY C 60 -3.31 24.96 -29.17
N GLU C 61 -2.69 26.05 -29.63
CA GLU C 61 -1.22 26.15 -29.74
C GLU C 61 -0.52 26.54 -28.45
N ASP C 62 -1.29 27.04 -27.49
CA ASP C 62 -0.75 27.48 -26.23
C ASP C 62 -1.07 26.49 -25.10
N ALA C 63 -0.06 26.07 -24.35
CA ALA C 63 -0.31 25.07 -23.30
C ALA C 63 -0.38 25.62 -21.86
N THR C 64 -0.32 26.94 -21.73
CA THR C 64 -0.32 27.59 -20.44
C THR C 64 -1.39 27.15 -19.48
N PRO C 65 -2.66 27.13 -19.92
CA PRO C 65 -3.69 26.70 -18.96
C PRO C 65 -3.55 25.27 -18.46
N ALA C 66 -2.78 24.43 -19.15
CA ALA C 66 -2.56 23.04 -18.74
C ALA C 66 -1.36 22.95 -17.79
N LEU C 67 -0.38 23.83 -18.02
CA LEU C 67 0.84 23.86 -17.23
C LEU C 67 0.79 24.67 -15.93
N GLU C 68 -0.22 25.52 -15.77
CA GLU C 68 -0.28 26.36 -14.58
C GLU C 68 -0.34 25.57 -13.30
N GLY C 69 0.72 25.68 -12.53
CA GLY C 69 0.82 25.04 -11.23
C GLY C 69 1.05 23.55 -11.27
N ALA C 70 1.66 23.09 -12.33
CA ALA C 70 1.88 21.69 -12.41
C ALA C 70 3.12 21.34 -11.63
N ASP C 71 3.08 20.21 -10.94
CA ASP C 71 4.21 19.69 -10.19
C ASP C 71 4.97 18.70 -11.05
N VAL C 72 4.23 18.04 -11.93
CA VAL C 72 4.82 17.05 -12.83
C VAL C 72 4.32 17.25 -14.28
N VAL C 73 5.24 17.23 -15.23
CA VAL C 73 4.93 17.34 -16.64
C VAL C 73 5.53 16.12 -17.35
N LEU C 74 4.67 15.39 -18.05
CA LEU C 74 5.06 14.22 -18.81
C LEU C 74 4.82 14.59 -20.27
N ILE C 75 5.87 14.53 -21.09
CA ILE C 75 5.73 14.88 -22.50
C ILE C 75 5.75 13.63 -23.43
N SER C 76 4.61 13.33 -24.06
CA SER C 76 4.57 12.20 -24.99
C SER C 76 4.22 12.73 -26.37
N ALA C 77 4.18 14.04 -26.50
CA ALA C 77 3.86 14.65 -27.78
C ALA C 77 4.90 14.19 -28.83
N GLY C 78 4.51 14.15 -30.10
CA GLY C 78 5.45 13.74 -31.12
C GLY C 78 5.04 12.63 -32.08
N VAL C 79 5.87 12.42 -33.12
CA VAL C 79 5.62 11.39 -34.13
C VAL C 79 6.35 10.10 -33.74
N ALA C 80 5.68 8.96 -33.91
CA ALA C 80 6.26 7.66 -33.58
C ALA C 80 6.86 7.08 -34.86
N ARG C 81 7.72 6.08 -34.74
CA ARG C 81 8.34 5.50 -35.91
C ARG C 81 7.50 4.46 -36.67
N LYS C 82 7.71 4.42 -37.98
CA LYS C 82 7.01 3.49 -38.84
C LYS C 82 7.95 2.34 -39.11
N PRO C 83 7.47 1.24 -39.70
CA PRO C 83 8.36 0.11 -39.99
C PRO C 83 9.49 0.59 -40.90
N GLY C 84 10.67 0.02 -40.73
CA GLY C 84 11.83 0.44 -41.50
C GLY C 84 12.61 1.63 -40.90
N MET C 85 12.08 2.27 -39.85
CA MET C 85 12.74 3.43 -39.20
C MET C 85 13.36 3.14 -37.83
N ASP C 86 14.45 3.83 -37.53
CA ASP C 86 15.08 3.73 -36.22
C ASP C 86 14.61 4.92 -35.37
N ARG C 87 14.81 4.88 -34.05
CA ARG C 87 14.38 6.03 -33.23
C ARG C 87 15.07 7.27 -33.75
N SER C 88 16.38 7.12 -33.97
CA SER C 88 17.21 8.20 -34.50
C SER C 88 16.55 9.00 -35.63
N ASP C 89 15.76 8.33 -36.48
CA ASP C 89 15.07 9.00 -37.62
C ASP C 89 13.99 9.99 -37.22
N LEU C 90 13.48 9.86 -35.98
CA LEU C 90 12.44 10.72 -35.41
C LEU C 90 12.89 12.18 -35.08
N PHE C 91 14.20 12.40 -34.99
CA PHE C 91 14.80 13.69 -34.68
C PHE C 91 14.22 14.91 -35.41
N ASN C 92 14.30 14.89 -36.72
CA ASN C 92 13.81 15.98 -37.58
C ASN C 92 12.52 16.65 -37.08
N VAL C 93 11.51 15.83 -36.87
CA VAL C 93 10.19 16.32 -36.45
C VAL C 93 9.97 16.50 -34.95
N ASN C 94 10.44 15.56 -34.15
CA ASN C 94 10.23 15.66 -32.72
C ASN C 94 11.11 16.69 -32.04
N ALA C 95 12.33 16.89 -32.55
CA ALA C 95 13.26 17.87 -31.98
C ALA C 95 12.59 19.21 -31.69
N GLY C 96 11.95 19.74 -32.71
CA GLY C 96 11.28 21.03 -32.58
C GLY C 96 10.05 21.04 -31.71
N ILE C 97 9.34 19.92 -31.67
CA ILE C 97 8.13 19.83 -30.86
C ILE C 97 8.54 19.88 -29.38
N VAL C 98 9.60 19.15 -29.07
CA VAL C 98 10.12 19.11 -27.72
C VAL C 98 10.60 20.50 -27.34
N LYS C 99 11.38 21.13 -28.22
CA LYS C 99 11.85 22.48 -27.95
C LYS C 99 10.70 23.42 -27.66
N ASN C 100 9.72 23.42 -28.55
CA ASN C 100 8.56 24.29 -28.38
C ASN C 100 7.88 24.08 -27.02
N LEU C 101 7.51 22.82 -26.75
CA LEU C 101 6.83 22.43 -25.53
C LEU C 101 7.62 22.79 -24.28
N VAL C 102 8.89 22.43 -24.26
CA VAL C 102 9.69 22.71 -23.10
C VAL C 102 9.87 24.22 -22.90
N GLN C 103 9.72 25.03 -23.96
CA GLN C 103 9.87 26.48 -23.77
C GLN C 103 8.70 26.92 -22.91
N GLN C 104 7.55 26.36 -23.21
CA GLN C 104 6.37 26.71 -22.47
C GLN C 104 6.42 26.24 -21.01
N VAL C 105 7.09 25.13 -20.74
CA VAL C 105 7.14 24.65 -19.37
C VAL C 105 8.00 25.63 -18.61
N ALA C 106 9.12 26.00 -19.23
CA ALA C 106 10.05 26.95 -18.62
C ALA C 106 9.38 28.28 -18.28
N LYS C 107 8.42 28.73 -19.08
CA LYS C 107 7.78 30.00 -18.81
C LYS C 107 6.73 29.91 -17.72
N THR C 108 6.00 28.82 -17.72
CA THR C 108 4.90 28.62 -16.79
C THR C 108 5.09 27.83 -15.50
N CYS C 109 5.85 26.73 -15.55
CA CYS C 109 6.08 25.93 -14.34
C CYS C 109 7.51 25.41 -14.27
N PRO C 110 8.48 26.35 -14.14
CA PRO C 110 9.92 26.04 -14.06
C PRO C 110 10.38 25.11 -12.97
N LYS C 111 9.62 25.01 -11.89
CA LYS C 111 10.01 24.12 -10.82
C LYS C 111 9.42 22.71 -10.92
N ALA C 112 8.58 22.45 -11.93
CA ALA C 112 7.99 21.12 -12.09
C ALA C 112 9.04 20.05 -12.47
N CYS C 113 8.73 18.81 -12.16
CA CYS C 113 9.58 17.72 -12.56
C CYS C 113 9.12 17.37 -13.97
N ILE C 114 10.06 17.14 -14.86
CA ILE C 114 9.77 16.87 -16.26
C ILE C 114 10.19 15.51 -16.70
N GLY C 115 9.23 14.78 -17.25
CA GLY C 115 9.50 13.46 -17.76
C GLY C 115 9.39 13.47 -19.29
N ILE C 116 10.49 13.27 -20.00
CA ILE C 116 10.45 13.28 -21.47
C ILE C 116 10.27 11.86 -21.99
N ILE C 117 9.14 11.61 -22.66
CA ILE C 117 8.88 10.29 -23.27
C ILE C 117 9.23 10.26 -24.79
N THR C 118 9.03 11.39 -25.45
CA THR C 118 9.33 11.57 -26.87
C THR C 118 10.70 11.11 -27.36
N ASN C 119 10.71 10.24 -28.37
CA ASN C 119 11.98 9.77 -28.95
C ASN C 119 12.55 10.74 -29.98
N PRO C 120 13.87 10.69 -30.20
CA PRO C 120 14.73 9.76 -29.46
C PRO C 120 15.15 10.39 -28.11
N VAL C 121 14.74 9.73 -27.04
CA VAL C 121 15.04 10.15 -25.70
C VAL C 121 16.52 10.54 -25.40
N ASN C 122 17.51 9.81 -25.92
CA ASN C 122 18.93 10.16 -25.64
C ASN C 122 19.22 11.59 -26.09
N THR C 123 18.46 12.05 -27.07
CA THR C 123 18.64 13.36 -27.64
C THR C 123 17.65 14.42 -27.17
N THR C 124 16.36 14.08 -27.18
CA THR C 124 15.33 15.02 -26.77
C THR C 124 15.49 15.50 -25.33
N VAL C 125 16.15 14.70 -24.50
CA VAL C 125 16.37 15.11 -23.12
C VAL C 125 17.46 16.22 -23.12
N ALA C 126 18.49 16.03 -23.94
CA ALA C 126 19.58 17.00 -24.04
C ALA C 126 18.99 18.35 -24.52
N ILE C 127 18.11 18.26 -25.51
CA ILE C 127 17.43 19.42 -26.07
C ILE C 127 16.76 20.19 -24.96
N ALA C 128 15.88 19.53 -24.22
CA ALA C 128 15.16 20.14 -23.09
C ALA C 128 16.13 20.79 -22.09
N ALA C 129 17.22 20.12 -21.75
CA ALA C 129 18.17 20.69 -20.81
C ALA C 129 18.64 22.04 -21.34
N GLU C 130 19.06 22.08 -22.61
CA GLU C 130 19.54 23.30 -23.21
C GLU C 130 18.47 24.38 -23.18
N VAL C 131 17.24 24.02 -23.52
CA VAL C 131 16.20 24.99 -23.50
C VAL C 131 16.01 25.54 -22.08
N LEU C 132 16.01 24.65 -21.10
CA LEU C 132 15.84 25.10 -19.73
C LEU C 132 17.01 26.01 -19.30
N LYS C 133 18.22 25.70 -19.78
CA LYS C 133 19.40 26.51 -19.44
C LYS C 133 19.27 27.91 -20.03
N LYS C 134 18.88 28.00 -21.31
CA LYS C 134 18.73 29.29 -21.93
C LYS C 134 17.72 30.17 -21.22
N ALA C 135 16.71 29.62 -20.58
CA ALA C 135 15.74 30.47 -19.91
C ALA C 135 16.19 30.68 -18.49
N GLY C 136 17.36 30.16 -18.20
CA GLY C 136 17.94 30.30 -16.89
C GLY C 136 17.22 29.61 -15.77
N VAL C 137 16.49 28.55 -16.11
CA VAL C 137 15.74 27.88 -15.07
C VAL C 137 16.05 26.38 -14.88
N TYR C 138 17.13 25.91 -15.48
CA TYR C 138 17.51 24.49 -15.40
C TYR C 138 17.94 23.90 -14.08
N ASP C 139 17.22 22.88 -13.64
CA ASP C 139 17.52 22.16 -12.40
C ASP C 139 17.68 20.72 -12.85
N LYS C 140 18.92 20.29 -12.88
CA LYS C 140 19.24 18.98 -13.33
C LYS C 140 18.65 17.83 -12.50
N ASN C 141 18.01 18.11 -11.36
CA ASN C 141 17.40 17.01 -10.60
C ASN C 141 15.94 16.83 -10.98
N LYS C 142 15.48 17.67 -11.90
CA LYS C 142 14.09 17.65 -12.31
C LYS C 142 13.79 17.36 -13.77
N LEU C 143 14.78 16.87 -14.49
CA LEU C 143 14.62 16.57 -15.90
C LEU C 143 14.99 15.11 -16.08
N PHE C 144 14.05 14.29 -16.54
CA PHE C 144 14.30 12.85 -16.74
C PHE C 144 13.82 12.34 -18.09
N GLY C 145 14.61 11.43 -18.61
CA GLY C 145 14.24 10.69 -19.82
C GLY C 145 13.55 9.43 -19.31
N VAL C 146 12.31 9.17 -19.74
CA VAL C 146 11.59 7.99 -19.27
C VAL C 146 12.04 6.70 -20.01
N THR C 147 12.77 5.85 -19.32
CA THR C 147 13.28 4.62 -19.89
C THR C 147 12.55 3.41 -19.27
N THR C 148 11.54 3.64 -18.42
CA THR C 148 10.86 2.53 -17.71
C THR C 148 10.38 1.36 -18.61
N LEU C 149 10.09 1.68 -19.86
CA LEU C 149 9.64 0.65 -20.79
C LEU C 149 10.68 -0.43 -20.92
N ASP C 150 11.94 -0.04 -20.98
CA ASP C 150 12.97 -1.04 -21.09
C ASP C 150 13.01 -1.95 -19.87
N ILE C 151 12.68 -1.39 -18.69
CA ILE C 151 12.69 -2.14 -17.43
C ILE C 151 11.57 -3.17 -17.46
N ILE C 152 10.34 -2.74 -17.71
CA ILE C 152 9.32 -3.73 -17.72
C ILE C 152 9.46 -4.78 -18.85
N CYS C 153 10.01 -4.43 -20.02
CA CYS C 153 10.20 -5.46 -21.05
C CYS C 153 11.21 -6.44 -20.49
N SER C 154 12.20 -5.92 -19.77
CA SER C 154 13.21 -6.81 -19.22
C SER C 154 12.61 -7.76 -18.15
N ASN C 155 11.81 -7.22 -17.24
CA ASN C 155 11.23 -8.05 -16.19
C ASN C 155 10.43 -9.19 -16.81
N THR C 156 9.63 -8.87 -17.84
CA THR C 156 8.82 -9.87 -18.53
C THR C 156 9.63 -11.00 -19.16
N PHE C 157 10.63 -10.64 -19.96
CA PHE C 157 11.41 -11.68 -20.64
C PHE C 157 12.23 -12.52 -19.66
N VAL C 158 12.66 -11.90 -18.57
CA VAL C 158 13.45 -12.63 -17.58
C VAL C 158 12.55 -13.60 -16.83
N ALA C 159 11.38 -13.13 -16.40
CA ALA C 159 10.50 -14.01 -15.66
C ALA C 159 10.12 -15.19 -16.58
N GLU C 160 9.88 -14.90 -17.86
CA GLU C 160 9.49 -15.92 -18.84
C GLU C 160 10.57 -17.01 -19.06
N LEU C 161 11.83 -16.60 -19.17
CA LEU C 161 12.90 -17.53 -19.42
C LEU C 161 13.32 -18.34 -18.20
N LYS C 162 13.13 -17.78 -17.02
CA LYS C 162 13.56 -18.44 -15.82
C LYS C 162 12.46 -18.97 -14.93
N GLY C 163 11.25 -19.08 -15.46
CA GLY C 163 10.16 -19.62 -14.68
C GLY C 163 9.87 -18.89 -13.38
N LYS C 164 9.92 -17.58 -13.43
CA LYS C 164 9.65 -16.78 -12.25
C LYS C 164 8.35 -16.07 -12.52
N GLN C 165 7.72 -15.53 -11.47
CA GLN C 165 6.48 -14.80 -11.66
C GLN C 165 6.83 -13.40 -12.11
N PRO C 166 6.26 -12.91 -13.24
CA PRO C 166 6.52 -11.58 -13.84
C PRO C 166 6.59 -10.48 -12.78
N GLY C 167 5.68 -10.44 -11.82
CA GLY C 167 5.73 -9.38 -10.81
C GLY C 167 6.90 -9.50 -9.82
N GLU C 168 7.62 -10.62 -9.82
CA GLU C 168 8.71 -10.78 -8.87
C GLU C 168 10.11 -10.53 -9.42
N VAL C 169 10.19 -10.00 -10.64
CA VAL C 169 11.50 -9.71 -11.20
C VAL C 169 11.63 -8.20 -11.46
N GLU C 170 12.78 -7.66 -11.09
CA GLU C 170 13.04 -6.24 -11.27
C GLU C 170 14.45 -6.21 -11.81
N VAL C 171 14.64 -5.89 -13.08
CA VAL C 171 16.00 -5.84 -13.56
C VAL C 171 16.42 -4.39 -13.79
N PRO C 172 17.67 -4.05 -13.42
CA PRO C 172 18.08 -2.68 -13.63
C PRO C 172 18.57 -2.55 -15.06
N VAL C 173 18.32 -1.41 -15.67
CA VAL C 173 18.74 -1.17 -17.03
C VAL C 173 19.39 0.22 -17.03
N ILE C 174 20.61 0.30 -17.50
CA ILE C 174 21.32 1.56 -17.54
C ILE C 174 21.72 1.96 -18.97
N GLY C 175 22.33 3.14 -19.06
CA GLY C 175 22.80 3.63 -20.33
C GLY C 175 21.85 4.61 -20.96
N GLY C 176 21.19 4.18 -22.05
CA GLY C 176 20.24 5.03 -22.76
C GLY C 176 19.03 4.24 -23.27
N HIS C 177 18.24 4.88 -24.12
CA HIS C 177 17.05 4.29 -24.70
C HIS C 177 17.11 4.24 -26.23
N SER C 178 17.95 3.38 -26.76
CA SER C 178 18.12 3.23 -28.21
C SER C 178 18.68 1.83 -28.36
N GLY C 179 18.72 1.31 -29.57
CA GLY C 179 19.22 -0.03 -29.76
C GLY C 179 20.52 -0.40 -29.11
N VAL C 180 21.54 0.37 -29.40
CA VAL C 180 22.88 0.10 -28.87
C VAL C 180 23.16 0.48 -27.40
N THR C 181 22.42 1.45 -26.88
CA THR C 181 22.65 1.97 -25.51
C THR C 181 21.80 1.41 -24.35
N ILE C 182 20.87 0.52 -24.66
CA ILE C 182 20.02 -0.07 -23.64
C ILE C 182 20.79 -1.24 -23.05
N LEU C 183 21.29 -1.08 -21.84
CA LEU C 183 22.08 -2.11 -21.19
C LEU C 183 21.42 -2.68 -19.94
N PRO C 184 20.80 -3.85 -20.09
CA PRO C 184 20.19 -4.53 -18.93
C PRO C 184 21.23 -5.22 -18.04
N LEU C 185 21.22 -4.95 -16.77
CA LEU C 185 22.21 -5.55 -15.88
C LEU C 185 21.69 -6.90 -15.36
N LEU C 186 21.74 -7.92 -16.22
CA LEU C 186 21.25 -9.22 -15.87
C LEU C 186 22.04 -9.90 -14.78
N SER C 187 23.32 -9.53 -14.66
CA SER C 187 24.17 -10.09 -13.63
C SER C 187 23.72 -9.61 -12.23
N GLN C 188 22.95 -8.53 -12.18
CA GLN C 188 22.51 -8.01 -10.88
C GLN C 188 21.13 -8.43 -10.40
N VAL C 189 20.48 -9.34 -11.13
CA VAL C 189 19.15 -9.77 -10.72
C VAL C 189 19.26 -10.86 -9.66
N PRO C 190 18.68 -10.62 -8.48
CA PRO C 190 18.73 -11.51 -7.32
C PRO C 190 18.06 -12.87 -7.60
N GLY C 191 18.81 -13.93 -7.20
CA GLY C 191 18.32 -15.29 -7.32
C GLY C 191 18.24 -15.86 -8.72
N VAL C 192 18.96 -15.29 -9.66
CA VAL C 192 18.89 -15.81 -11.01
C VAL C 192 20.25 -15.88 -11.65
N SER C 193 20.56 -17.02 -12.25
CA SER C 193 21.84 -17.14 -12.91
C SER C 193 21.60 -17.22 -14.42
N PHE C 194 22.58 -16.80 -15.21
CA PHE C 194 22.45 -16.85 -16.65
C PHE C 194 23.76 -17.35 -17.24
N THR C 195 23.68 -17.92 -18.43
CA THR C 195 24.87 -18.40 -19.09
C THR C 195 25.19 -17.33 -20.12
N GLU C 196 26.40 -17.39 -20.66
CA GLU C 196 26.79 -16.44 -21.68
C GLU C 196 25.78 -16.42 -22.82
N GLN C 197 25.27 -17.58 -23.17
CA GLN C 197 24.34 -17.63 -24.28
C GLN C 197 23.03 -16.89 -23.97
N GLU C 198 22.47 -17.11 -22.77
CA GLU C 198 21.21 -16.47 -22.40
C GLU C 198 21.34 -14.96 -22.30
N VAL C 199 22.45 -14.49 -21.73
CA VAL C 199 22.68 -13.04 -21.57
C VAL C 199 22.72 -12.33 -22.91
N ALA C 200 23.26 -13.00 -23.90
CA ALA C 200 23.38 -12.47 -25.25
C ALA C 200 22.01 -12.40 -25.90
N ASP C 201 21.25 -13.49 -25.82
CA ASP C 201 19.92 -13.54 -26.41
C ASP C 201 18.93 -12.55 -25.77
N LEU C 202 18.80 -12.54 -24.44
CA LEU C 202 17.91 -11.59 -23.75
C LEU C 202 18.32 -10.14 -23.99
N THR C 203 19.63 -9.88 -23.96
CA THR C 203 20.09 -8.53 -24.16
C THR C 203 19.68 -8.07 -25.54
N LYS C 204 19.84 -8.90 -26.56
CA LYS C 204 19.43 -8.47 -27.89
C LYS C 204 17.92 -8.30 -27.95
N ARG C 205 17.19 -9.27 -27.40
CA ARG C 205 15.73 -9.22 -27.40
C ARG C 205 15.18 -7.98 -26.69
N ILE C 206 15.79 -7.63 -25.55
CA ILE C 206 15.37 -6.43 -24.82
C ILE C 206 15.63 -5.16 -25.65
N GLN C 207 16.80 -5.08 -26.31
CA GLN C 207 17.14 -3.91 -27.12
C GLN C 207 16.21 -3.68 -28.32
N ASN C 208 15.69 -4.78 -28.87
CA ASN C 208 14.81 -4.73 -30.02
C ASN C 208 13.35 -4.89 -29.76
N ALA C 209 12.97 -4.98 -28.48
CA ALA C 209 11.55 -5.16 -28.17
C ALA C 209 10.73 -4.08 -28.87
N GLY C 210 11.28 -2.89 -28.91
CA GLY C 210 10.58 -1.79 -29.54
C GLY C 210 10.32 -1.99 -31.03
N THR C 211 11.29 -2.60 -31.72
CA THR C 211 11.17 -2.87 -33.16
C THR C 211 10.17 -4.03 -33.33
N GLU C 212 10.26 -5.01 -32.46
CA GLU C 212 9.36 -6.15 -32.50
C GLU C 212 7.90 -5.66 -32.49
N VAL C 213 7.56 -4.69 -31.64
CA VAL C 213 6.20 -4.20 -31.60
C VAL C 213 5.89 -3.50 -32.93
N VAL C 214 6.76 -2.54 -33.30
CA VAL C 214 6.58 -1.80 -34.56
C VAL C 214 6.39 -2.72 -35.78
N GLU C 215 7.10 -3.85 -35.77
CA GLU C 215 7.02 -4.84 -36.84
C GLU C 215 5.62 -5.48 -36.82
N ALA C 216 5.27 -6.10 -35.69
CA ALA C 216 3.97 -6.74 -35.57
C ALA C 216 2.78 -5.81 -35.82
N LYS C 217 2.99 -4.50 -35.70
CA LYS C 217 1.89 -3.58 -35.93
C LYS C 217 1.70 -3.21 -37.38
N ALA C 218 2.64 -3.65 -38.22
CA ALA C 218 2.57 -3.43 -39.68
C ALA C 218 2.08 -2.03 -40.08
N GLY C 219 2.82 -0.99 -39.71
CA GLY C 219 2.45 0.35 -40.06
C GLY C 219 1.39 0.99 -39.18
N GLY C 220 0.88 0.24 -38.21
CA GLY C 220 -0.14 0.79 -37.34
C GLY C 220 0.35 1.61 -36.15
N GLY C 221 1.67 1.72 -35.96
CA GLY C 221 2.21 2.50 -34.85
C GLY C 221 3.24 1.75 -34.03
N SER C 222 3.71 2.34 -32.93
CA SER C 222 4.68 1.61 -32.12
C SER C 222 4.07 1.20 -30.75
N ALA C 223 4.90 0.83 -29.78
CA ALA C 223 4.40 0.41 -28.46
C ALA C 223 3.70 1.63 -27.83
N THR C 224 2.40 1.51 -27.64
CA THR C 224 1.65 2.61 -27.05
C THR C 224 1.08 2.20 -25.68
N LEU C 225 0.56 0.97 -25.60
CA LEU C 225 -0.08 0.48 -24.39
C LEU C 225 0.94 0.10 -23.32
N SER C 226 1.99 -0.62 -23.72
CA SER C 226 3.02 -1.00 -22.77
C SER C 226 3.74 0.28 -22.32
N MET C 227 3.91 1.21 -23.25
CA MET C 227 4.54 2.49 -22.97
C MET C 227 3.66 3.29 -22.01
N GLY C 228 2.35 3.27 -22.24
CA GLY C 228 1.42 3.97 -21.37
C GLY C 228 1.63 3.45 -19.95
N GLN C 229 1.58 2.12 -19.80
CA GLN C 229 1.76 1.41 -18.56
C GLN C 229 3.12 1.77 -17.91
N ALA C 230 4.16 1.81 -18.74
CA ALA C 230 5.54 2.16 -18.26
C ALA C 230 5.66 3.60 -17.79
N ALA C 231 5.01 4.50 -18.50
CA ALA C 231 4.95 5.92 -18.16
C ALA C 231 4.11 6.15 -16.89
N ALA C 232 3.09 5.35 -16.67
CA ALA C 232 2.25 5.53 -15.47
C ALA C 232 3.04 5.05 -14.24
N ARG C 233 3.83 4.00 -14.39
CA ARG C 233 4.62 3.49 -13.28
C ARG C 233 5.58 4.63 -12.86
N PHE C 234 6.40 5.07 -13.81
CA PHE C 234 7.36 6.13 -13.60
C PHE C 234 6.66 7.39 -13.02
N GLY C 235 5.50 7.76 -13.57
CA GLY C 235 4.80 8.95 -13.09
C GLY C 235 4.31 8.77 -11.64
N LEU C 236 3.84 7.59 -11.27
CA LEU C 236 3.35 7.31 -9.92
C LEU C 236 4.53 7.32 -8.92
N SER C 237 5.68 6.83 -9.38
CA SER C 237 6.89 6.81 -8.57
C SER C 237 7.28 8.23 -8.26
N LEU C 238 7.14 9.13 -9.25
CA LEU C 238 7.44 10.55 -9.08
C LEU C 238 6.50 11.22 -8.09
N VAL C 239 5.21 10.97 -8.26
CA VAL C 239 4.21 11.59 -7.41
C VAL C 239 4.40 11.16 -5.94
N ARG C 240 4.67 9.88 -5.73
CA ARG C 240 4.88 9.33 -4.41
C ARG C 240 6.13 9.95 -3.78
N ALA C 241 7.18 10.15 -4.56
CA ALA C 241 8.41 10.74 -4.05
C ALA C 241 8.17 12.20 -3.63
N LEU C 242 7.51 12.98 -4.49
CA LEU C 242 7.22 14.37 -4.19
C LEU C 242 6.35 14.51 -2.91
N GLN C 243 5.52 13.52 -2.62
CA GLN C 243 4.69 13.53 -1.44
C GLN C 243 5.42 13.07 -0.18
N GLY C 244 6.70 12.73 -0.31
CA GLY C 244 7.47 12.32 0.85
C GLY C 244 7.77 10.87 1.02
N GLU C 245 7.21 10.01 0.19
CA GLU C 245 7.49 8.61 0.35
C GLU C 245 8.96 8.43 0.21
N GLN C 246 9.52 7.43 0.89
CA GLN C 246 10.96 7.22 0.88
C GLN C 246 11.26 5.88 0.31
N GLY C 247 12.50 5.68 -0.11
CA GLY C 247 12.83 4.38 -0.67
C GLY C 247 12.37 4.22 -2.12
N VAL C 248 11.87 5.27 -2.75
CA VAL C 248 11.43 5.20 -4.15
C VAL C 248 12.60 5.27 -5.15
N VAL C 249 12.89 4.14 -5.77
CA VAL C 249 13.99 4.05 -6.72
C VAL C 249 13.51 3.64 -8.12
N GLU C 250 13.98 4.36 -9.14
CA GLU C 250 13.63 4.09 -10.53
C GLU C 250 14.87 4.41 -11.34
N CYS C 251 15.13 3.63 -12.41
CA CYS C 251 16.23 3.96 -13.33
C CYS C 251 15.63 5.02 -14.27
N ALA C 252 16.42 6.00 -14.70
CA ALA C 252 15.92 7.06 -15.58
C ALA C 252 17.14 7.80 -16.12
N TYR C 253 16.98 8.41 -17.28
CA TYR C 253 18.06 9.10 -17.98
C TYR C 253 18.10 10.54 -17.51
N VAL C 254 19.20 10.87 -16.84
CA VAL C 254 19.36 12.20 -16.26
C VAL C 254 20.80 12.68 -16.37
N GLU C 255 21.00 13.99 -16.15
CA GLU C 255 22.34 14.55 -16.17
C GLU C 255 22.94 14.16 -14.81
N GLY C 256 24.12 13.56 -14.83
CA GLY C 256 24.78 13.11 -13.62
C GLY C 256 26.22 13.61 -13.58
N ASP C 257 27.11 12.83 -12.96
CA ASP C 257 28.52 13.17 -12.76
C ASP C 257 29.35 13.06 -14.01
N GLY C 258 28.71 12.66 -15.09
CA GLY C 258 29.41 12.54 -16.36
C GLY C 258 30.55 11.54 -16.36
N GLN C 259 30.48 10.53 -15.52
CA GLN C 259 31.55 9.57 -15.56
C GLN C 259 31.55 8.82 -16.88
N TYR C 260 30.36 8.59 -17.45
CA TYR C 260 30.24 7.87 -18.72
C TYR C 260 29.83 8.81 -19.83
N ALA C 261 28.82 9.62 -19.55
CA ALA C 261 28.38 10.59 -20.54
C ALA C 261 27.68 11.65 -19.73
N ARG C 262 27.41 12.80 -20.35
CA ARG C 262 26.76 13.90 -19.67
C ARG C 262 25.41 13.38 -19.16
N PHE C 263 24.65 12.74 -20.03
CA PHE C 263 23.37 12.16 -19.62
C PHE C 263 23.53 10.65 -19.57
N PHE C 264 22.91 10.04 -18.58
CA PHE C 264 23.07 8.61 -18.45
C PHE C 264 21.95 8.08 -17.60
N SER C 265 21.48 6.90 -17.97
CA SER C 265 20.43 6.28 -17.23
C SER C 265 21.03 5.35 -16.21
N GLN C 266 20.58 5.50 -14.97
CA GLN C 266 21.03 4.69 -13.88
C GLN C 266 19.98 4.74 -12.80
N PRO C 267 20.11 3.87 -11.80
CA PRO C 267 19.16 3.85 -10.69
C PRO C 267 19.22 5.17 -9.87
N LEU C 268 18.06 5.69 -9.54
CA LEU C 268 18.00 6.94 -8.83
C LEU C 268 17.06 6.84 -7.66
N LEU C 269 17.43 7.44 -6.53
CA LEU C 269 16.54 7.49 -5.36
C LEU C 269 15.72 8.77 -5.62
N LEU C 270 14.39 8.70 -5.64
CA LEU C 270 13.69 9.95 -5.90
C LEU C 270 13.24 10.56 -4.58
N GLY C 271 13.08 11.87 -4.52
CA GLY C 271 12.69 12.49 -3.27
C GLY C 271 11.86 13.73 -3.51
N LYS C 272 11.71 14.58 -2.51
CA LYS C 272 10.85 15.77 -2.62
C LYS C 272 11.19 16.83 -3.67
N ASN C 273 12.43 16.88 -4.11
CA ASN C 273 12.75 17.86 -5.10
C ASN C 273 13.22 17.17 -6.37
N GLY C 274 12.69 15.98 -6.66
CA GLY C 274 13.12 15.29 -7.85
C GLY C 274 14.23 14.27 -7.56
N VAL C 275 15.30 14.25 -8.34
CA VAL C 275 16.31 13.27 -8.06
C VAL C 275 17.01 13.59 -6.75
N GLU C 276 16.89 12.69 -5.77
CA GLU C 276 17.56 12.90 -4.51
C GLU C 276 19.00 12.35 -4.59
N GLU C 277 19.18 11.17 -5.18
CA GLU C 277 20.55 10.68 -5.37
C GLU C 277 20.80 9.72 -6.52
N ARG C 278 21.98 9.84 -7.12
CA ARG C 278 22.31 8.98 -8.24
C ARG C 278 23.07 7.80 -7.67
N LYS C 279 22.45 6.62 -7.69
CA LYS C 279 23.05 5.41 -7.14
C LYS C 279 24.15 4.84 -8.01
N SER C 280 25.04 4.04 -7.42
CA SER C 280 26.14 3.42 -8.18
C SER C 280 25.56 2.37 -9.08
N ILE C 281 26.15 2.20 -10.24
CA ILE C 281 25.60 1.18 -11.11
C ILE C 281 26.09 -0.17 -10.60
N GLY C 282 26.95 -0.11 -9.60
CA GLY C 282 27.43 -1.33 -8.97
C GLY C 282 28.40 -2.22 -9.73
N THR C 283 28.31 -3.52 -9.46
CA THR C 283 29.22 -4.50 -10.05
C THR C 283 28.74 -5.06 -11.40
N LEU C 284 29.49 -4.78 -12.45
CA LEU C 284 29.14 -5.25 -13.79
C LEU C 284 29.92 -6.47 -14.21
N SER C 285 29.27 -7.38 -14.94
CA SER C 285 29.98 -8.55 -15.39
C SER C 285 30.87 -8.08 -16.53
N ALA C 286 31.62 -9.00 -17.12
CA ALA C 286 32.51 -8.72 -18.22
C ALA C 286 31.71 -8.41 -19.47
N PHE C 287 30.60 -9.13 -19.64
CA PHE C 287 29.78 -8.87 -20.80
C PHE C 287 29.27 -7.43 -20.65
N GLU C 288 28.63 -7.13 -19.54
CA GLU C 288 28.12 -5.80 -19.26
C GLU C 288 29.19 -4.71 -19.40
N GLN C 289 30.33 -4.92 -18.75
CA GLN C 289 31.45 -3.96 -18.83
C GLN C 289 31.78 -3.67 -20.30
N ASN C 290 31.89 -4.73 -21.08
CA ASN C 290 32.21 -4.62 -22.48
C ASN C 290 31.12 -3.89 -23.25
N ALA C 291 29.85 -4.15 -22.96
CA ALA C 291 28.80 -3.47 -23.69
C ALA C 291 28.79 -1.98 -23.34
N LEU C 292 29.03 -1.66 -22.05
CA LEU C 292 29.03 -0.26 -21.61
C LEU C 292 30.05 0.58 -22.39
N GLU C 293 31.29 0.10 -22.43
CA GLU C 293 32.33 0.81 -23.15
C GLU C 293 31.99 0.97 -24.63
N GLY C 294 31.49 -0.09 -25.25
CA GLY C 294 31.14 -0.02 -26.66
C GLY C 294 29.93 0.83 -27.06
N MET C 295 29.15 1.34 -26.11
CA MET C 295 27.98 2.14 -26.48
C MET C 295 28.27 3.63 -26.29
N LEU C 296 29.22 3.87 -25.39
CA LEU C 296 29.59 5.19 -24.96
C LEU C 296 29.83 6.25 -26.02
N ASP C 297 30.50 5.89 -27.11
CA ASP C 297 30.71 6.92 -28.12
C ASP C 297 29.40 7.23 -28.82
N THR C 298 28.49 6.26 -28.89
CA THR C 298 27.22 6.50 -29.56
C THR C 298 26.38 7.44 -28.72
N LEU C 299 26.39 7.22 -27.41
CA LEU C 299 25.60 8.04 -26.49
C LEU C 299 25.97 9.52 -26.53
N LYS C 300 27.26 9.79 -26.60
CA LYS C 300 27.74 11.16 -26.60
C LYS C 300 27.30 11.90 -27.84
N LYS C 301 27.35 11.18 -28.96
CA LYS C 301 26.93 11.69 -30.26
C LYS C 301 25.44 12.01 -30.17
N ASP C 302 24.69 11.13 -29.54
CA ASP C 302 23.27 11.38 -29.36
C ASP C 302 23.05 12.65 -28.54
N ILE C 303 23.84 12.85 -27.50
CA ILE C 303 23.68 14.02 -26.62
C ILE C 303 24.13 15.33 -27.31
N ALA C 304 25.18 15.24 -28.12
CA ALA C 304 25.69 16.41 -28.83
C ALA C 304 24.67 16.89 -29.85
N LEU C 305 24.02 15.93 -30.52
CA LEU C 305 23.01 16.24 -31.53
C LEU C 305 21.89 17.13 -30.96
N GLY C 306 21.48 16.89 -29.71
CA GLY C 306 20.41 17.70 -29.15
C GLY C 306 20.94 19.04 -28.67
N GLN C 307 22.18 19.06 -28.22
CA GLN C 307 22.79 20.30 -27.73
C GLN C 307 22.98 21.24 -28.91
N GLU C 308 23.59 20.72 -29.96
CA GLU C 308 23.83 21.49 -31.16
C GLU C 308 22.49 22.04 -31.68
N PHE C 309 21.49 21.18 -31.80
CA PHE C 309 20.19 21.61 -32.28
C PHE C 309 19.60 22.87 -31.62
N VAL C 310 19.86 23.06 -30.33
CA VAL C 310 19.33 24.21 -29.62
C VAL C 310 20.28 25.42 -29.65
N ASN C 311 21.54 25.20 -29.31
CA ASN C 311 22.50 26.30 -29.27
C ASN C 311 22.85 26.84 -30.63
N LYS C 312 23.23 25.95 -31.53
CA LYS C 312 23.58 26.32 -32.90
C LYS C 312 22.36 26.97 -33.58
N MET D 1 -8.62 -18.95 -16.73
CA MET D 1 -9.76 -18.85 -17.67
C MET D 1 -9.49 -17.88 -18.81
N LYS D 2 -10.30 -17.93 -19.86
CA LYS D 2 -10.05 -17.15 -21.07
C LYS D 2 -11.05 -16.11 -21.41
N VAL D 3 -10.58 -14.88 -21.61
CA VAL D 3 -11.53 -13.84 -21.99
C VAL D 3 -11.25 -13.48 -23.44
N ALA D 4 -12.29 -13.39 -24.26
CA ALA D 4 -12.06 -13.01 -25.65
C ALA D 4 -12.68 -11.65 -25.91
N VAL D 5 -11.89 -10.77 -26.52
CA VAL D 5 -12.31 -9.42 -26.86
C VAL D 5 -12.39 -9.31 -28.39
N LEU D 6 -13.61 -9.10 -28.89
CA LEU D 6 -13.86 -8.99 -30.33
C LEU D 6 -14.11 -7.54 -30.64
N GLY D 7 -13.22 -6.99 -31.47
CA GLY D 7 -13.24 -5.59 -31.84
C GLY D 7 -12.17 -4.92 -30.99
N ALA D 8 -11.04 -5.63 -30.79
CA ALA D 8 -9.94 -5.20 -29.92
C ALA D 8 -9.00 -4.09 -30.34
N ALA D 9 -8.95 -3.76 -31.62
CA ALA D 9 -8.05 -2.72 -32.05
C ALA D 9 -8.74 -1.33 -32.00
N GLY D 10 -10.04 -1.30 -31.75
CA GLY D 10 -10.70 0.00 -31.68
C GLY D 10 -10.39 0.81 -30.43
N GLY D 11 -11.04 1.95 -30.28
CA GLY D 11 -10.82 2.80 -29.11
C GLY D 11 -11.10 2.08 -27.79
N ILE D 12 -12.30 1.51 -27.70
CA ILE D 12 -12.76 0.78 -26.51
C ILE D 12 -11.95 -0.47 -26.33
N GLY D 13 -11.77 -1.21 -27.42
CA GLY D 13 -11.04 -2.47 -27.33
C GLY D 13 -9.64 -2.37 -26.81
N GLN D 14 -8.93 -1.29 -27.11
CA GLN D 14 -7.56 -1.19 -26.63
C GLN D 14 -7.49 -0.77 -25.16
N ALA D 15 -8.38 0.12 -24.74
CA ALA D 15 -8.42 0.58 -23.39
C ALA D 15 -8.80 -0.66 -22.54
N LEU D 16 -9.82 -1.37 -22.98
CA LEU D 16 -10.31 -2.54 -22.30
C LEU D 16 -9.23 -3.61 -22.21
N ALA D 17 -8.56 -3.92 -23.33
CA ALA D 17 -7.49 -4.92 -23.28
C ALA D 17 -6.35 -4.54 -22.29
N LEU D 18 -5.95 -3.25 -22.27
CA LEU D 18 -4.91 -2.73 -21.35
C LEU D 18 -5.34 -2.99 -19.90
N LEU D 19 -6.56 -2.54 -19.54
CA LEU D 19 -7.09 -2.77 -18.18
C LEU D 19 -7.20 -4.27 -17.85
N LEU D 20 -7.61 -5.12 -18.80
CA LEU D 20 -7.75 -6.57 -18.51
C LEU D 20 -6.43 -7.27 -18.31
N LYS D 21 -5.43 -6.87 -19.10
CA LYS D 21 -4.08 -7.41 -19.03
C LYS D 21 -3.37 -7.15 -17.70
N THR D 22 -3.69 -6.02 -17.07
CA THR D 22 -3.08 -5.63 -15.80
C THR D 22 -3.97 -5.95 -14.59
N GLN D 23 -5.19 -6.43 -14.82
CA GLN D 23 -6.12 -6.70 -13.74
C GLN D 23 -6.77 -8.08 -13.66
N LEU D 24 -6.67 -8.89 -14.72
CA LEU D 24 -7.27 -10.22 -14.66
C LEU D 24 -6.42 -11.05 -13.71
N PRO D 25 -6.99 -12.09 -13.09
CA PRO D 25 -6.25 -12.96 -12.16
C PRO D 25 -5.07 -13.61 -12.87
N SER D 26 -4.04 -13.97 -12.12
CA SER D 26 -2.87 -14.59 -12.72
C SER D 26 -3.27 -15.92 -13.35
N GLY D 27 -2.63 -16.32 -14.43
CA GLY D 27 -3.00 -17.58 -15.06
C GLY D 27 -4.22 -17.44 -15.94
N SER D 28 -4.71 -16.22 -16.11
CA SER D 28 -5.88 -15.96 -16.95
C SER D 28 -5.37 -15.88 -18.39
N GLU D 29 -6.29 -15.96 -19.36
CA GLU D 29 -5.87 -15.87 -20.73
C GLU D 29 -6.68 -14.82 -21.42
N LEU D 30 -6.01 -14.04 -22.27
CA LEU D 30 -6.66 -12.97 -22.98
C LEU D 30 -6.37 -13.06 -24.51
N SER D 31 -7.42 -13.07 -25.32
CA SER D 31 -7.22 -13.16 -26.76
C SER D 31 -7.96 -11.99 -27.39
N LEU D 32 -7.28 -11.39 -28.33
CA LEU D 32 -7.80 -10.23 -29.03
C LEU D 32 -8.07 -10.56 -30.49
N TYR D 33 -9.20 -10.04 -30.97
CA TYR D 33 -9.59 -10.22 -32.36
C TYR D 33 -10.24 -8.98 -32.95
N ASP D 34 -9.75 -8.60 -34.12
CA ASP D 34 -10.29 -7.48 -34.90
C ASP D 34 -9.84 -7.77 -36.37
N ILE D 35 -10.53 -7.14 -37.32
CA ILE D 35 -10.20 -7.27 -38.76
C ILE D 35 -9.09 -6.26 -39.05
N ALA D 36 -8.95 -5.30 -38.16
CA ALA D 36 -7.87 -4.33 -38.33
C ALA D 36 -6.55 -5.12 -38.40
N PRO D 37 -5.70 -4.84 -39.39
CA PRO D 37 -4.46 -5.62 -39.41
C PRO D 37 -3.47 -5.30 -38.28
N VAL D 38 -3.71 -4.23 -37.52
CA VAL D 38 -2.78 -3.87 -36.46
C VAL D 38 -2.97 -4.81 -35.24
N THR D 39 -4.07 -5.53 -35.21
CA THR D 39 -4.39 -6.40 -34.07
C THR D 39 -3.32 -7.32 -33.47
N PRO D 40 -2.57 -8.08 -34.27
CA PRO D 40 -1.59 -8.92 -33.54
C PRO D 40 -0.46 -8.08 -32.94
N GLY D 41 -0.31 -6.85 -33.44
CA GLY D 41 0.71 -5.96 -32.92
C GLY D 41 0.25 -5.37 -31.57
N VAL D 42 -1.06 -5.28 -31.39
CA VAL D 42 -1.65 -4.74 -30.15
C VAL D 42 -1.40 -5.75 -29.03
N ALA D 43 -1.52 -7.03 -29.35
CA ALA D 43 -1.25 -8.09 -28.39
C ALA D 43 0.26 -8.13 -28.03
N VAL D 44 1.12 -7.97 -29.01
CA VAL D 44 2.55 -8.02 -28.78
C VAL D 44 3.00 -6.88 -27.87
N ASP D 45 2.34 -5.75 -28.03
CA ASP D 45 2.56 -4.55 -27.26
C ASP D 45 2.11 -4.89 -25.82
N LEU D 46 0.93 -5.45 -25.65
CA LEU D 46 0.45 -5.78 -24.30
C LEU D 46 1.23 -6.87 -23.61
N SER D 47 1.77 -7.80 -24.42
CA SER D 47 2.54 -8.92 -23.89
C SER D 47 3.85 -8.44 -23.27
N HIS D 48 4.24 -7.20 -23.45
CA HIS D 48 5.47 -6.75 -22.80
C HIS D 48 5.19 -6.28 -21.34
N ILE D 49 3.92 -6.15 -20.96
CA ILE D 49 3.62 -5.79 -19.56
C ILE D 49 3.81 -7.01 -18.65
N PRO D 50 4.69 -6.92 -17.64
CA PRO D 50 4.95 -8.03 -16.73
C PRO D 50 3.84 -8.48 -15.75
N THR D 51 2.75 -9.03 -16.27
CA THR D 51 1.68 -9.60 -15.45
C THR D 51 1.53 -11.01 -15.96
N ALA D 52 0.99 -11.89 -15.13
CA ALA D 52 0.80 -13.30 -15.50
C ALA D 52 -0.55 -13.54 -16.21
N VAL D 53 -0.67 -12.96 -17.39
CA VAL D 53 -1.88 -13.09 -18.18
C VAL D 53 -1.44 -13.31 -19.57
N LYS D 54 -1.71 -14.50 -20.10
CA LYS D 54 -1.34 -14.84 -21.48
C LYS D 54 -2.19 -14.00 -22.46
N ILE D 55 -1.58 -13.51 -23.53
CA ILE D 55 -2.33 -12.74 -24.50
C ILE D 55 -1.85 -13.05 -25.93
N LYS D 56 -2.79 -13.19 -26.86
CA LYS D 56 -2.44 -13.47 -28.27
C LYS D 56 -3.43 -12.62 -29.04
N GLY D 57 -3.08 -12.28 -30.28
CA GLY D 57 -3.94 -11.46 -31.11
C GLY D 57 -4.09 -12.01 -32.52
N PHE D 58 -5.30 -11.89 -33.06
CA PHE D 58 -5.60 -12.39 -34.40
C PHE D 58 -6.35 -11.42 -35.25
N SER D 59 -6.05 -11.51 -36.53
CA SER D 59 -6.69 -10.69 -37.54
C SER D 59 -7.40 -11.67 -38.52
N GLY D 60 -7.95 -11.18 -39.63
CA GLY D 60 -8.64 -12.05 -40.56
C GLY D 60 -10.18 -12.02 -40.47
N GLU D 61 -10.85 -12.90 -41.22
CA GLU D 61 -12.31 -12.97 -41.26
C GLU D 61 -12.78 -14.00 -40.26
N ASP D 62 -11.87 -14.87 -39.87
CA ASP D 62 -12.23 -15.92 -38.94
C ASP D 62 -11.74 -15.69 -37.52
N ALA D 63 -12.69 -15.43 -36.62
CA ALA D 63 -12.38 -15.19 -35.22
C ALA D 63 -12.21 -16.47 -34.40
N THR D 64 -12.45 -17.62 -35.02
CA THR D 64 -12.37 -18.91 -34.32
C THR D 64 -11.20 -19.14 -33.38
N PRO D 65 -9.98 -18.84 -33.84
CA PRO D 65 -8.81 -19.04 -32.99
C PRO D 65 -8.86 -18.22 -31.70
N ALA D 66 -9.58 -17.11 -31.72
CA ALA D 66 -9.65 -16.28 -30.54
C ALA D 66 -10.76 -16.77 -29.59
N LEU D 67 -11.77 -17.43 -30.15
CA LEU D 67 -12.90 -17.90 -29.37
C LEU D 67 -12.75 -19.30 -28.77
N GLU D 68 -11.81 -20.06 -29.29
CA GLU D 68 -11.60 -21.39 -28.77
C GLU D 68 -11.33 -21.39 -27.29
N GLY D 69 -12.21 -22.02 -26.51
CA GLY D 69 -11.98 -22.09 -25.07
C GLY D 69 -12.40 -20.89 -24.25
N ALA D 70 -12.91 -19.87 -24.91
CA ALA D 70 -13.32 -18.66 -24.20
C ALA D 70 -14.46 -18.85 -23.20
N ASP D 71 -14.21 -18.44 -21.96
CA ASP D 71 -15.23 -18.50 -20.94
C ASP D 71 -16.04 -17.23 -20.98
N VAL D 72 -15.40 -16.15 -21.41
CA VAL D 72 -16.11 -14.87 -21.53
C VAL D 72 -15.80 -14.23 -22.87
N VAL D 73 -16.79 -13.61 -23.50
CA VAL D 73 -16.54 -12.98 -24.78
C VAL D 73 -17.12 -11.58 -24.73
N LEU D 74 -16.28 -10.57 -24.98
CA LEU D 74 -16.76 -9.19 -24.97
C LEU D 74 -16.69 -8.59 -26.35
N ILE D 75 -17.85 -8.16 -26.84
CA ILE D 75 -17.96 -7.59 -28.17
C ILE D 75 -18.08 -6.08 -28.25
N SER D 76 -17.01 -5.43 -28.71
CA SER D 76 -17.04 -3.98 -28.89
C SER D 76 -16.77 -3.61 -30.36
N ALA D 77 -16.92 -4.58 -31.27
CA ALA D 77 -16.70 -4.36 -32.70
C ALA D 77 -17.77 -3.42 -33.27
N GLY D 78 -17.42 -2.59 -34.23
CA GLY D 78 -18.47 -1.75 -34.74
C GLY D 78 -18.06 -0.35 -35.05
N VAL D 79 -19.04 0.44 -35.43
CA VAL D 79 -18.83 1.82 -35.81
C VAL D 79 -19.41 2.63 -34.67
N ALA D 80 -18.69 3.65 -34.21
CA ALA D 80 -19.22 4.51 -33.15
C ALA D 80 -19.89 5.70 -33.83
N ARG D 81 -20.80 6.38 -33.13
CA ARG D 81 -21.45 7.55 -33.73
C ARG D 81 -20.55 8.78 -33.76
N LYS D 82 -21.00 9.77 -34.54
CA LYS D 82 -20.29 11.02 -34.73
C LYS D 82 -21.28 12.09 -34.36
N PRO D 83 -20.82 13.32 -34.11
CA PRO D 83 -21.79 14.34 -33.71
C PRO D 83 -22.98 14.49 -34.67
N GLY D 84 -24.16 14.62 -34.09
CA GLY D 84 -25.38 14.72 -34.86
C GLY D 84 -26.17 13.44 -34.84
N MET D 85 -25.49 12.30 -34.73
CA MET D 85 -26.15 10.98 -34.72
C MET D 85 -26.69 10.49 -33.36
N ASP D 86 -27.70 9.61 -33.43
CA ASP D 86 -28.26 9.01 -32.23
C ASP D 86 -27.72 7.58 -32.20
N ARG D 87 -27.70 6.97 -31.01
CA ARG D 87 -27.25 5.60 -30.89
C ARG D 87 -28.02 4.68 -31.87
N SER D 88 -29.31 4.99 -32.10
CA SER D 88 -30.13 4.21 -33.01
C SER D 88 -29.70 4.32 -34.49
N ASP D 89 -29.15 5.48 -34.88
CA ASP D 89 -28.70 5.70 -36.27
C ASP D 89 -27.52 4.83 -36.64
N LEU D 90 -27.14 3.94 -35.72
CA LEU D 90 -26.02 3.02 -35.89
C LEU D 90 -26.51 1.60 -36.19
N PHE D 91 -27.81 1.39 -36.07
CA PHE D 91 -28.41 0.08 -36.31
C PHE D 91 -27.99 -0.60 -37.63
N ASN D 92 -28.07 0.15 -38.71
CA ASN D 92 -27.78 -0.41 -40.01
C ASN D 92 -26.40 -1.01 -40.23
N VAL D 93 -25.38 -0.29 -39.77
CA VAL D 93 -24.02 -0.77 -39.92
C VAL D 93 -23.60 -1.78 -38.85
N ASN D 94 -24.15 -1.71 -37.66
CA ASN D 94 -23.69 -2.67 -36.65
C ASN D 94 -24.54 -3.90 -36.50
N ALA D 95 -25.76 -3.83 -37.02
CA ALA D 95 -26.65 -4.98 -36.93
C ALA D 95 -25.98 -6.20 -37.58
N GLY D 96 -25.44 -6.01 -38.78
CA GLY D 96 -24.79 -7.13 -39.45
C GLY D 96 -23.49 -7.61 -38.85
N ILE D 97 -22.69 -6.66 -38.34
CA ILE D 97 -21.43 -7.00 -37.70
C ILE D 97 -21.73 -7.85 -36.48
N VAL D 98 -22.71 -7.43 -35.70
CA VAL D 98 -23.06 -8.18 -34.49
C VAL D 98 -23.51 -9.58 -34.85
N LYS D 99 -24.44 -9.66 -35.81
CA LYS D 99 -24.98 -10.95 -36.27
C LYS D 99 -23.86 -11.90 -36.70
N ASN D 100 -22.94 -11.39 -37.49
CA ASN D 100 -21.84 -12.23 -37.95
C ASN D 100 -20.97 -12.75 -36.80
N LEU D 101 -20.70 -11.87 -35.85
CA LEU D 101 -19.82 -12.28 -34.74
C LEU D 101 -20.55 -13.20 -33.82
N VAL D 102 -21.82 -12.93 -33.52
CA VAL D 102 -22.48 -13.86 -32.63
C VAL D 102 -22.59 -15.25 -33.28
N GLN D 103 -22.67 -15.28 -34.62
CA GLN D 103 -22.75 -16.53 -35.38
C GLN D 103 -21.50 -17.34 -35.07
N GLN D 104 -20.33 -16.70 -35.15
CA GLN D 104 -19.08 -17.40 -34.84
C GLN D 104 -18.99 -17.84 -33.38
N VAL D 105 -19.51 -17.03 -32.45
CA VAL D 105 -19.47 -17.41 -31.05
C VAL D 105 -20.34 -18.67 -30.89
N ALA D 106 -21.53 -18.64 -31.49
CA ALA D 106 -22.45 -19.76 -31.44
C ALA D 106 -21.81 -21.05 -32.00
N LYS D 107 -20.90 -20.92 -32.96
CA LYS D 107 -20.27 -22.10 -33.53
C LYS D 107 -19.10 -22.63 -32.76
N THR D 108 -18.40 -21.75 -32.04
CA THR D 108 -17.20 -22.14 -31.28
C THR D 108 -17.24 -22.24 -29.75
N CYS D 109 -17.82 -21.24 -29.10
CA CYS D 109 -17.84 -21.27 -27.64
C CYS D 109 -19.24 -20.96 -27.15
N PRO D 110 -20.21 -21.80 -27.56
CA PRO D 110 -21.64 -21.72 -27.25
C PRO D 110 -21.90 -21.66 -25.75
N LYS D 111 -20.96 -22.11 -24.95
CA LYS D 111 -21.14 -22.09 -23.52
C LYS D 111 -20.71 -20.79 -22.82
N ALA D 112 -19.96 -19.95 -23.53
CA ALA D 112 -19.44 -18.70 -22.98
C ALA D 112 -20.44 -17.61 -22.55
N CYS D 113 -20.02 -16.78 -21.60
CA CYS D 113 -20.84 -15.66 -21.18
C CYS D 113 -20.50 -14.58 -22.18
N ILE D 114 -21.50 -13.88 -22.68
CA ILE D 114 -21.28 -12.89 -23.69
C ILE D 114 -21.72 -11.48 -23.28
N GLY D 115 -20.78 -10.53 -23.39
CA GLY D 115 -21.11 -9.17 -23.10
C GLY D 115 -21.19 -8.32 -24.38
N ILE D 116 -22.35 -7.75 -24.67
CA ILE D 116 -22.41 -6.90 -25.83
C ILE D 116 -22.21 -5.43 -25.46
N ILE D 117 -21.24 -4.80 -26.11
CA ILE D 117 -20.97 -3.39 -25.89
C ILE D 117 -21.49 -2.60 -27.09
N THR D 118 -21.34 -3.18 -28.30
CA THR D 118 -21.77 -2.53 -29.55
C THR D 118 -23.17 -1.90 -29.55
N ASN D 119 -23.27 -0.61 -29.91
CA ASN D 119 -24.57 0.04 -29.97
C ASN D 119 -25.29 -0.24 -31.31
N PRO D 120 -26.62 -0.08 -31.34
CA PRO D 120 -27.39 0.33 -30.14
C PRO D 120 -27.72 -0.92 -29.32
N VAL D 121 -27.13 -0.98 -28.12
CA VAL D 121 -27.29 -2.09 -27.17
C VAL D 121 -28.74 -2.62 -27.04
N ASN D 122 -29.70 -1.70 -26.90
CA ASN D 122 -31.08 -2.08 -26.74
C ASN D 122 -31.46 -3.02 -27.86
N THR D 123 -30.97 -2.71 -29.07
CA THR D 123 -31.24 -3.50 -30.25
C THR D 123 -30.24 -4.63 -30.50
N THR D 124 -28.94 -4.35 -30.45
CA THR D 124 -27.97 -5.43 -30.72
C THR D 124 -28.07 -6.65 -29.83
N VAL D 125 -28.59 -6.50 -28.62
CA VAL D 125 -28.70 -7.66 -27.74
C VAL D 125 -29.82 -8.59 -28.24
N ALA D 126 -30.89 -8.00 -28.75
CA ALA D 126 -31.99 -8.80 -29.27
C ALA D 126 -31.45 -9.58 -30.52
N ILE D 127 -30.69 -8.90 -31.37
CA ILE D 127 -30.09 -9.55 -32.54
C ILE D 127 -29.33 -10.78 -32.07
N ALA D 128 -28.38 -10.57 -31.16
CA ALA D 128 -27.60 -11.68 -30.62
C ALA D 128 -28.47 -12.83 -30.12
N ALA D 129 -29.52 -12.51 -29.36
CA ALA D 129 -30.43 -13.54 -28.82
C ALA D 129 -31.05 -14.39 -29.95
N GLU D 130 -31.57 -13.71 -30.97
CA GLU D 130 -32.18 -14.41 -32.09
C GLU D 130 -31.16 -15.33 -32.80
N VAL D 131 -29.96 -14.82 -33.06
CA VAL D 131 -28.90 -15.62 -33.69
C VAL D 131 -28.65 -16.88 -32.87
N LEU D 132 -28.37 -16.71 -31.58
CA LEU D 132 -28.14 -17.84 -30.68
C LEU D 132 -29.37 -18.77 -30.65
N LYS D 133 -30.56 -18.21 -30.75
CA LYS D 133 -31.78 -18.99 -30.75
C LYS D 133 -31.83 -19.93 -31.95
N LYS D 134 -31.70 -19.38 -33.15
CA LYS D 134 -31.80 -20.28 -34.28
C LYS D 134 -30.61 -21.20 -34.45
N ALA D 135 -29.59 -21.03 -33.61
CA ALA D 135 -28.42 -21.90 -33.65
C ALA D 135 -28.65 -23.03 -32.62
N GLY D 136 -29.80 -22.92 -31.94
CA GLY D 136 -30.19 -23.87 -30.93
C GLY D 136 -29.26 -23.87 -29.75
N VAL D 137 -28.60 -22.75 -29.51
CA VAL D 137 -27.67 -22.76 -28.40
C VAL D 137 -27.84 -21.61 -27.36
N TYR D 138 -28.93 -20.86 -27.49
CA TYR D 138 -29.22 -19.72 -26.61
C TYR D 138 -29.54 -20.05 -25.15
N ASP D 139 -28.89 -19.32 -24.27
CA ASP D 139 -29.03 -19.47 -22.83
C ASP D 139 -29.25 -18.03 -22.37
N LYS D 140 -30.49 -17.64 -22.06
CA LYS D 140 -30.75 -16.26 -21.64
C LYS D 140 -29.99 -15.82 -20.37
N ASN D 141 -29.30 -16.73 -19.69
CA ASN D 141 -28.54 -16.37 -18.50
C ASN D 141 -27.08 -16.02 -18.79
N LYS D 142 -26.66 -16.13 -20.06
CA LYS D 142 -25.29 -15.86 -20.44
C LYS D 142 -25.10 -14.77 -21.51
N LEU D 143 -26.12 -13.98 -21.74
CA LEU D 143 -26.06 -12.93 -22.75
C LEU D 143 -26.45 -11.63 -22.07
N PHE D 144 -25.51 -10.70 -22.03
CA PHE D 144 -25.77 -9.42 -21.38
C PHE D 144 -25.38 -8.27 -22.25
N GLY D 145 -26.18 -7.21 -22.16
CA GLY D 145 -25.90 -5.96 -22.85
C GLY D 145 -25.19 -5.13 -21.80
N VAL D 146 -23.95 -4.76 -22.06
CA VAL D 146 -23.16 -3.99 -21.11
C VAL D 146 -23.66 -2.56 -20.91
N THR D 147 -24.31 -2.31 -19.77
CA THR D 147 -24.83 -0.97 -19.43
C THR D 147 -23.99 -0.28 -18.31
N THR D 148 -22.94 -0.95 -17.87
CA THR D 148 -22.07 -0.47 -16.80
C THR D 148 -21.62 0.99 -16.89
N LEU D 149 -21.41 1.51 -18.12
CA LEU D 149 -21.01 2.88 -18.30
C LEU D 149 -21.98 3.82 -17.60
N ASP D 150 -23.28 3.56 -17.72
CA ASP D 150 -24.29 4.40 -17.14
C ASP D 150 -24.19 4.40 -15.59
N ILE D 151 -23.81 3.27 -15.01
CA ILE D 151 -23.62 3.14 -13.58
C ILE D 151 -22.52 4.07 -13.13
N ILE D 152 -21.34 3.96 -13.72
CA ILE D 152 -20.28 4.79 -13.25
C ILE D 152 -20.43 6.26 -13.53
N CYS D 153 -21.12 6.65 -14.62
CA CYS D 153 -21.32 8.08 -14.87
C CYS D 153 -22.22 8.61 -13.73
N SER D 154 -23.24 7.83 -13.39
CA SER D 154 -24.20 8.13 -12.33
C SER D 154 -23.43 8.30 -11.00
N ASN D 155 -22.53 7.36 -10.72
CA ASN D 155 -21.71 7.41 -9.52
C ASN D 155 -20.92 8.72 -9.49
N THR D 156 -20.27 9.01 -10.60
CA THR D 156 -19.49 10.24 -10.67
C THR D 156 -20.33 11.53 -10.49
N PHE D 157 -21.48 11.64 -11.14
CA PHE D 157 -22.20 12.89 -11.05
C PHE D 157 -22.87 13.08 -9.66
N VAL D 158 -23.36 12.02 -9.04
CA VAL D 158 -23.95 12.13 -7.70
C VAL D 158 -22.85 12.47 -6.67
N ALA D 159 -21.69 11.84 -6.78
CA ALA D 159 -20.62 12.11 -5.82
C ALA D 159 -20.22 13.58 -5.94
N GLU D 160 -20.11 14.09 -7.17
CA GLU D 160 -19.74 15.49 -7.32
C GLU D 160 -20.84 16.44 -6.91
N LEU D 161 -22.08 16.06 -7.09
CA LEU D 161 -23.16 16.98 -6.75
C LEU D 161 -23.36 17.05 -5.23
N LYS D 162 -23.40 15.89 -4.59
CA LYS D 162 -23.59 15.82 -3.15
C LYS D 162 -22.29 15.82 -2.33
N GLY D 163 -21.16 16.09 -2.95
CA GLY D 163 -19.93 16.11 -2.21
C GLY D 163 -19.52 14.82 -1.53
N LYS D 164 -19.82 13.67 -2.13
CA LYS D 164 -19.41 12.42 -1.54
C LYS D 164 -18.13 11.91 -2.17
N GLN D 165 -17.57 10.88 -1.55
CA GLN D 165 -16.36 10.23 -2.03
C GLN D 165 -16.82 9.38 -3.24
N PRO D 166 -16.22 9.61 -4.41
CA PRO D 166 -16.63 8.84 -5.60
C PRO D 166 -16.65 7.33 -5.48
N GLY D 167 -15.69 6.77 -4.76
CA GLY D 167 -15.65 5.34 -4.60
C GLY D 167 -16.70 4.81 -3.65
N GLU D 168 -17.44 5.68 -2.96
CA GLU D 168 -18.45 5.18 -2.04
C GLU D 168 -19.87 5.19 -2.60
N VAL D 169 -20.08 5.82 -3.76
CA VAL D 169 -21.42 5.90 -4.38
C VAL D 169 -21.62 4.83 -5.42
N GLU D 170 -22.78 4.19 -5.37
CA GLU D 170 -23.17 3.16 -6.32
C GLU D 170 -24.67 3.34 -6.62
N VAL D 171 -24.98 3.94 -7.75
CA VAL D 171 -26.38 4.16 -8.14
C VAL D 171 -26.93 3.03 -9.00
N PRO D 172 -28.05 2.42 -8.60
CA PRO D 172 -28.58 1.33 -9.46
C PRO D 172 -29.15 1.96 -10.71
N VAL D 173 -28.89 1.37 -11.88
CA VAL D 173 -29.47 1.93 -13.10
C VAL D 173 -30.27 0.86 -13.80
N ILE D 174 -31.46 1.22 -14.28
CA ILE D 174 -32.33 0.24 -14.95
C ILE D 174 -32.87 0.73 -16.30
N GLY D 175 -33.50 -0.21 -17.02
CA GLY D 175 -34.09 0.07 -18.33
C GLY D 175 -33.14 -0.40 -19.43
N GLY D 176 -32.61 0.55 -20.17
CA GLY D 176 -31.68 0.20 -21.23
C GLY D 176 -30.61 1.27 -21.38
N HIS D 177 -29.91 1.24 -22.50
CA HIS D 177 -28.84 2.17 -22.79
C HIS D 177 -29.20 3.05 -24.01
N SER D 178 -30.00 4.08 -23.80
CA SER D 178 -30.36 5.03 -24.85
C SER D 178 -30.96 6.22 -24.12
N GLY D 179 -30.74 7.42 -24.64
CA GLY D 179 -31.22 8.63 -24.00
C GLY D 179 -32.58 8.59 -23.33
N VAL D 180 -33.45 7.70 -23.78
CA VAL D 180 -34.78 7.65 -23.17
C VAL D 180 -34.99 6.51 -22.18
N THR D 181 -34.28 5.42 -22.36
CA THR D 181 -34.47 4.27 -21.50
C THR D 181 -33.41 4.10 -20.43
N ILE D 182 -32.58 5.13 -20.23
CA ILE D 182 -31.56 5.10 -19.17
C ILE D 182 -32.27 5.71 -17.98
N LEU D 183 -32.47 4.94 -16.92
CA LEU D 183 -33.17 5.38 -15.74
C LEU D 183 -32.42 5.05 -14.47
N PRO D 184 -31.74 6.04 -13.92
CA PRO D 184 -30.98 5.79 -12.70
C PRO D 184 -31.89 5.93 -11.44
N LEU D 185 -31.90 4.91 -10.59
CA LEU D 185 -32.75 4.94 -9.39
C LEU D 185 -32.13 5.78 -8.24
N LEU D 186 -32.15 7.11 -8.37
CA LEU D 186 -31.57 7.99 -7.37
C LEU D 186 -32.28 7.92 -6.00
N SER D 187 -33.49 7.41 -6.00
CA SER D 187 -34.27 7.31 -4.79
C SER D 187 -33.72 6.17 -3.96
N GLN D 188 -32.89 5.32 -4.54
CA GLN D 188 -32.34 4.21 -3.78
C GLN D 188 -30.91 4.36 -3.33
N VAL D 189 -30.34 5.54 -3.48
CA VAL D 189 -28.95 5.76 -3.06
C VAL D 189 -28.99 6.04 -1.55
N PRO D 190 -28.31 5.20 -0.76
CA PRO D 190 -28.33 5.41 0.69
C PRO D 190 -27.56 6.60 1.23
N GLY D 191 -28.16 7.22 2.24
CA GLY D 191 -27.54 8.35 2.89
C GLY D 191 -27.69 9.69 2.21
N VAL D 192 -28.10 9.69 0.95
CA VAL D 192 -28.26 10.96 0.25
C VAL D 192 -29.74 11.16 -0.09
N SER D 193 -30.17 12.41 -0.16
CA SER D 193 -31.55 12.71 -0.55
C SER D 193 -31.43 13.84 -1.57
N PHE D 194 -32.34 13.91 -2.52
CA PHE D 194 -32.24 14.93 -3.54
C PHE D 194 -33.55 15.69 -3.61
N THR D 195 -33.49 16.95 -4.04
CA THR D 195 -34.72 17.68 -4.23
C THR D 195 -35.28 17.19 -5.57
N GLU D 196 -36.44 17.70 -5.96
CA GLU D 196 -37.03 17.30 -7.22
C GLU D 196 -36.24 17.86 -8.39
N GLN D 197 -35.77 19.09 -8.26
CA GLN D 197 -35.01 19.65 -9.37
C GLN D 197 -33.65 18.95 -9.55
N GLU D 198 -33.09 18.37 -8.49
CA GLU D 198 -31.81 17.66 -8.61
C GLU D 198 -32.07 16.34 -9.36
N VAL D 199 -33.18 15.69 -9.01
CA VAL D 199 -33.49 14.46 -9.67
C VAL D 199 -33.65 14.70 -11.15
N ALA D 200 -34.34 15.79 -11.48
CA ALA D 200 -34.61 16.13 -12.87
C ALA D 200 -33.34 16.43 -13.63
N ASP D 201 -32.49 17.31 -13.09
CA ASP D 201 -31.25 17.67 -13.74
C ASP D 201 -30.30 16.48 -13.82
N LEU D 202 -30.10 15.79 -12.69
CA LEU D 202 -29.21 14.62 -12.67
C LEU D 202 -29.61 13.58 -13.67
N THR D 203 -30.92 13.34 -13.74
CA THR D 203 -31.42 12.33 -14.64
C THR D 203 -31.12 12.70 -16.10
N LYS D 204 -31.26 13.97 -16.48
CA LYS D 204 -30.95 14.41 -17.85
C LYS D 204 -29.45 14.31 -18.13
N ARG D 205 -28.63 14.67 -17.15
CA ARG D 205 -27.20 14.60 -17.34
C ARG D 205 -26.72 13.15 -17.54
N ILE D 206 -27.24 12.22 -16.72
CA ILE D 206 -26.81 10.83 -16.88
C ILE D 206 -27.28 10.32 -18.26
N GLN D 207 -28.49 10.66 -18.66
CA GLN D 207 -28.98 10.21 -19.93
C GLN D 207 -28.17 10.71 -21.11
N ASN D 208 -27.75 11.98 -21.06
CA ASN D 208 -27.03 12.56 -22.18
C ASN D 208 -25.50 12.55 -22.12
N ALA D 209 -24.97 11.87 -21.10
CA ALA D 209 -23.52 11.77 -20.88
C ALA D 209 -22.76 11.31 -22.12
N GLY D 210 -23.23 10.21 -22.74
CA GLY D 210 -22.59 9.75 -23.96
C GLY D 210 -22.56 10.85 -25.03
N THR D 211 -23.69 11.55 -25.19
CA THR D 211 -23.77 12.61 -26.18
C THR D 211 -22.80 13.73 -25.85
N GLU D 212 -22.74 14.02 -24.55
CA GLU D 212 -21.84 15.02 -24.02
C GLU D 212 -20.39 14.73 -24.49
N VAL D 213 -19.99 13.46 -24.51
CA VAL D 213 -18.65 13.11 -24.95
C VAL D 213 -18.52 13.28 -26.48
N VAL D 214 -19.49 12.72 -27.23
CA VAL D 214 -19.46 12.82 -28.68
C VAL D 214 -19.30 14.29 -29.12
N GLU D 215 -20.08 15.18 -28.51
CA GLU D 215 -20.00 16.59 -28.83
C GLU D 215 -18.61 17.11 -28.47
N ALA D 216 -18.21 16.86 -27.23
CA ALA D 216 -16.91 17.29 -26.73
C ALA D 216 -15.74 16.83 -27.61
N LYS D 217 -15.85 15.67 -28.23
CA LYS D 217 -14.77 15.17 -29.06
C LYS D 217 -14.89 15.66 -30.52
N ALA D 218 -15.96 16.37 -30.79
CA ALA D 218 -16.23 17.00 -32.10
C ALA D 218 -15.95 16.06 -33.30
N GLY D 219 -16.56 14.90 -33.38
CA GLY D 219 -16.27 14.01 -34.55
C GLY D 219 -15.03 13.08 -34.34
N GLY D 220 -14.25 13.26 -33.26
CA GLY D 220 -13.06 12.37 -33.00
C GLY D 220 -13.46 11.04 -32.36
N GLY D 221 -14.77 10.79 -32.22
CA GLY D 221 -15.24 9.53 -31.64
C GLY D 221 -16.12 9.67 -30.40
N SER D 222 -16.63 8.54 -29.89
CA SER D 222 -17.47 8.61 -28.70
C SER D 222 -16.69 8.16 -27.41
N ALA D 223 -17.38 7.86 -26.31
CA ALA D 223 -16.68 7.45 -25.10
C ALA D 223 -15.88 6.15 -25.30
N THR D 224 -14.58 6.18 -24.97
CA THR D 224 -13.74 5.00 -25.18
C THR D 224 -13.00 4.63 -23.92
N LEU D 225 -12.40 5.64 -23.28
CA LEU D 225 -11.65 5.40 -22.06
C LEU D 225 -12.58 5.08 -20.88
N SER D 226 -13.60 5.90 -20.63
CA SER D 226 -14.53 5.59 -19.54
C SER D 226 -15.29 4.30 -19.87
N MET D 227 -15.49 4.05 -21.17
CA MET D 227 -16.17 2.84 -21.58
C MET D 227 -15.24 1.62 -21.38
N GLY D 228 -13.95 1.79 -21.57
CA GLY D 228 -13.03 0.69 -21.35
C GLY D 228 -13.02 0.35 -19.87
N GLN D 229 -13.02 1.38 -19.03
CA GLN D 229 -13.01 1.19 -17.57
C GLN D 229 -14.27 0.38 -17.18
N ALA D 230 -15.42 0.86 -17.64
CA ALA D 230 -16.71 0.24 -17.37
C ALA D 230 -16.74 -1.21 -17.77
N ALA D 231 -16.29 -1.48 -19.00
CA ALA D 231 -16.26 -2.83 -19.51
C ALA D 231 -15.32 -3.72 -18.70
N ALA D 232 -14.21 -3.11 -18.27
CA ALA D 232 -13.26 -3.91 -17.47
C ALA D 232 -13.90 -4.28 -16.13
N ARG D 233 -14.67 -3.35 -15.57
CA ARG D 233 -15.37 -3.58 -14.30
C ARG D 233 -16.32 -4.73 -14.56
N PHE D 234 -17.09 -4.64 -15.64
CA PHE D 234 -18.05 -5.67 -15.98
C PHE D 234 -17.41 -7.04 -16.28
N GLY D 235 -16.32 -7.01 -17.03
CA GLY D 235 -15.65 -8.26 -17.32
C GLY D 235 -15.10 -8.87 -16.05
N LEU D 236 -14.48 -8.06 -15.20
CA LEU D 236 -13.91 -8.57 -13.96
C LEU D 236 -14.99 -9.13 -13.03
N SER D 237 -16.17 -8.48 -12.99
CA SER D 237 -17.24 -9.01 -12.15
C SER D 237 -17.67 -10.40 -12.65
N LEU D 238 -17.79 -10.59 -13.98
CA LEU D 238 -18.21 -11.89 -14.50
C LEU D 238 -17.16 -12.93 -14.22
N VAL D 239 -15.90 -12.54 -14.35
CA VAL D 239 -14.82 -13.47 -14.11
C VAL D 239 -14.84 -13.92 -12.65
N ARG D 240 -14.88 -12.97 -11.70
CA ARG D 240 -14.92 -13.31 -10.25
C ARG D 240 -16.08 -14.26 -9.95
N ALA D 241 -17.25 -13.96 -10.52
CA ALA D 241 -18.40 -14.82 -10.34
C ALA D 241 -18.18 -16.20 -11.07
N LEU D 242 -17.63 -16.22 -12.27
CA LEU D 242 -17.41 -17.51 -12.91
C LEU D 242 -16.43 -18.36 -12.11
N GLN D 243 -15.70 -17.75 -11.20
CA GLN D 243 -14.72 -18.46 -10.39
C GLN D 243 -15.29 -18.83 -9.01
N GLY D 244 -16.54 -18.45 -8.74
CA GLY D 244 -17.13 -18.79 -7.46
C GLY D 244 -17.24 -17.76 -6.35
N GLU D 245 -16.93 -16.49 -6.63
CA GLU D 245 -17.04 -15.47 -5.59
C GLU D 245 -18.49 -15.24 -5.30
N GLN D 246 -18.83 -14.90 -4.06
CA GLN D 246 -20.24 -14.68 -3.73
C GLN D 246 -20.52 -13.21 -3.69
N GLY D 247 -21.80 -12.88 -3.86
CA GLY D 247 -22.28 -11.51 -3.82
C GLY D 247 -21.85 -10.57 -4.94
N VAL D 248 -21.67 -11.07 -6.15
CA VAL D 248 -21.29 -10.18 -7.24
C VAL D 248 -22.61 -9.70 -7.85
N VAL D 249 -22.88 -8.42 -7.68
CA VAL D 249 -24.10 -7.85 -8.21
C VAL D 249 -23.75 -6.80 -9.27
N GLU D 250 -24.40 -6.91 -10.44
CA GLU D 250 -24.18 -5.96 -11.55
C GLU D 250 -25.48 -5.66 -12.28
N CYS D 251 -25.75 -4.40 -12.58
CA CYS D 251 -26.92 -4.13 -13.40
C CYS D 251 -26.41 -4.41 -14.83
N ALA D 252 -27.23 -5.10 -15.62
CA ALA D 252 -26.91 -5.41 -17.01
C ALA D 252 -28.25 -5.58 -17.72
N TYR D 253 -28.21 -5.53 -19.04
CA TYR D 253 -29.42 -5.65 -19.87
C TYR D 253 -29.53 -7.12 -20.30
N VAL D 254 -30.49 -7.84 -19.72
CA VAL D 254 -30.68 -9.24 -20.00
C VAL D 254 -32.15 -9.55 -20.26
N GLU D 255 -32.38 -10.74 -20.79
CA GLU D 255 -33.74 -11.15 -21.05
C GLU D 255 -34.27 -11.68 -19.71
N GLY D 256 -35.43 -11.17 -19.29
CA GLY D 256 -36.04 -11.57 -18.02
C GLY D 256 -37.52 -11.95 -18.11
N ASP D 257 -38.27 -11.76 -17.01
CA ASP D 257 -39.70 -12.10 -16.97
C ASP D 257 -40.59 -11.22 -17.87
N GLY D 258 -39.98 -10.28 -18.57
CA GLY D 258 -40.72 -9.43 -19.46
C GLY D 258 -41.84 -8.60 -18.86
N GLN D 259 -41.78 -8.36 -17.56
CA GLN D 259 -42.78 -7.54 -16.90
C GLN D 259 -42.77 -6.10 -17.48
N TYR D 260 -41.61 -5.65 -17.95
CA TYR D 260 -41.57 -4.33 -18.51
C TYR D 260 -41.26 -4.47 -19.99
N ALA D 261 -40.30 -5.34 -20.35
CA ALA D 261 -39.93 -5.59 -21.75
C ALA D 261 -39.18 -6.91 -21.82
N ARG D 262 -39.07 -7.49 -23.02
CA ARG D 262 -38.39 -8.77 -23.21
C ARG D 262 -37.01 -8.71 -22.56
N PHE D 263 -36.29 -7.65 -22.89
CA PHE D 263 -34.95 -7.41 -22.35
C PHE D 263 -35.08 -6.19 -21.47
N PHE D 264 -34.45 -6.24 -20.32
CA PHE D 264 -34.53 -5.11 -19.38
C PHE D 264 -33.30 -5.11 -18.50
N SER D 265 -32.81 -3.92 -18.17
CA SER D 265 -31.63 -3.82 -17.35
C SER D 265 -32.01 -3.65 -15.89
N GLN D 266 -31.57 -4.60 -15.06
CA GLN D 266 -31.88 -4.52 -13.64
C GLN D 266 -30.70 -5.15 -12.88
N PRO D 267 -30.69 -5.03 -11.53
CA PRO D 267 -29.61 -5.60 -10.70
C PRO D 267 -29.63 -7.12 -10.92
N LEU D 268 -28.48 -7.73 -10.93
CA LEU D 268 -28.40 -9.15 -11.16
C LEU D 268 -27.30 -9.76 -10.30
N LEU D 269 -27.62 -10.89 -9.71
CA LEU D 269 -26.64 -11.66 -8.96
C LEU D 269 -26.00 -12.58 -9.97
N LEU D 270 -24.69 -12.55 -10.06
CA LEU D 270 -23.98 -13.38 -11.04
C LEU D 270 -23.31 -14.60 -10.39
N GLY D 271 -23.41 -15.77 -11.03
CA GLY D 271 -22.81 -16.96 -10.48
C GLY D 271 -21.96 -17.74 -11.46
N LYS D 272 -21.67 -19.00 -11.15
CA LYS D 272 -20.87 -19.88 -11.99
C LYS D 272 -21.38 -20.13 -13.40
N ASN D 273 -22.66 -19.87 -13.61
CA ASN D 273 -23.31 -20.06 -14.92
C ASN D 273 -23.91 -18.80 -15.54
N GLY D 274 -23.40 -17.62 -15.19
CA GLY D 274 -23.94 -16.39 -15.74
C GLY D 274 -24.85 -15.81 -14.70
N VAL D 275 -25.96 -15.26 -15.13
CA VAL D 275 -26.93 -14.66 -14.22
C VAL D 275 -27.44 -15.72 -13.24
N GLU D 276 -27.34 -15.46 -11.94
CA GLU D 276 -27.87 -16.39 -10.95
C GLU D 276 -29.28 -15.95 -10.68
N GLU D 277 -29.49 -14.69 -10.35
CA GLU D 277 -30.85 -14.23 -10.19
C GLU D 277 -31.02 -12.80 -10.62
N ARG D 278 -32.20 -12.51 -11.12
CA ARG D 278 -32.54 -11.18 -11.59
C ARG D 278 -33.22 -10.54 -10.41
N LYS D 279 -32.52 -9.63 -9.73
CA LYS D 279 -33.10 -8.99 -8.56
C LYS D 279 -34.23 -8.01 -8.87
N SER D 280 -35.16 -7.84 -7.94
CA SER D 280 -36.26 -6.93 -8.16
C SER D 280 -35.74 -5.51 -8.22
N ILE D 281 -36.43 -4.64 -8.92
CA ILE D 281 -35.96 -3.28 -8.98
C ILE D 281 -36.28 -2.50 -7.72
N GLY D 282 -37.05 -3.11 -6.81
CA GLY D 282 -37.40 -2.47 -5.55
C GLY D 282 -38.42 -1.34 -5.63
N THR D 283 -38.42 -0.48 -4.61
CA THR D 283 -39.39 0.62 -4.56
C THR D 283 -38.90 1.81 -5.34
N LEU D 284 -39.79 2.43 -6.11
CA LEU D 284 -39.42 3.59 -6.92
C LEU D 284 -40.16 4.85 -6.53
N SER D 285 -39.54 6.00 -6.71
CA SER D 285 -40.20 7.25 -6.42
C SER D 285 -41.33 7.57 -7.44
N ALA D 286 -42.08 8.64 -7.19
CA ALA D 286 -43.14 9.02 -8.10
C ALA D 286 -42.46 9.37 -9.43
N PHE D 287 -41.33 10.06 -9.38
CA PHE D 287 -40.64 10.42 -10.61
C PHE D 287 -40.10 9.19 -11.37
N GLU D 288 -39.64 8.17 -10.63
CA GLU D 288 -39.12 6.97 -11.25
C GLU D 288 -40.20 6.14 -11.93
N GLN D 289 -41.27 5.84 -11.21
CA GLN D 289 -42.38 5.05 -11.78
C GLN D 289 -42.82 5.71 -13.08
N ASN D 290 -42.97 7.02 -13.06
CA ASN D 290 -43.39 7.76 -14.24
C ASN D 290 -42.36 7.64 -15.38
N ALA D 291 -41.08 7.80 -15.04
CA ALA D 291 -40.04 7.71 -16.04
C ALA D 291 -40.04 6.33 -16.68
N LEU D 292 -40.30 5.32 -15.85
CA LEU D 292 -40.32 3.93 -16.28
C LEU D 292 -41.36 3.74 -17.38
N GLU D 293 -42.59 4.09 -17.04
CA GLU D 293 -43.70 3.95 -17.95
C GLU D 293 -43.50 4.71 -19.25
N GLY D 294 -43.08 5.96 -19.14
CA GLY D 294 -42.92 6.75 -20.35
C GLY D 294 -41.88 6.24 -21.33
N MET D 295 -41.15 5.21 -20.95
CA MET D 295 -40.11 4.68 -21.81
C MET D 295 -40.41 3.32 -22.42
N LEU D 296 -41.31 2.54 -21.81
CA LEU D 296 -41.53 1.18 -22.30
C LEU D 296 -41.86 1.03 -23.80
N ASP D 297 -42.52 2.01 -24.38
CA ASP D 297 -42.86 1.92 -25.78
C ASP D 297 -41.60 1.96 -26.63
N THR D 298 -40.75 2.94 -26.37
CA THR D 298 -39.49 3.06 -27.09
C THR D 298 -38.67 1.76 -26.90
N LEU D 299 -38.64 1.26 -25.68
CA LEU D 299 -37.87 0.08 -25.40
C LEU D 299 -38.29 -1.12 -26.25
N LYS D 300 -39.59 -1.44 -26.30
CA LYS D 300 -40.01 -2.60 -27.08
C LYS D 300 -39.78 -2.44 -28.56
N LYS D 301 -39.87 -1.21 -29.04
CA LYS D 301 -39.58 -0.87 -30.43
C LYS D 301 -38.08 -1.21 -30.71
N ASP D 302 -37.19 -0.74 -29.85
CA ASP D 302 -35.77 -1.06 -30.02
C ASP D 302 -35.60 -2.60 -30.10
N ILE D 303 -36.30 -3.34 -29.27
CA ILE D 303 -36.19 -4.79 -29.26
C ILE D 303 -36.77 -5.45 -30.53
N ALA D 304 -37.85 -4.89 -31.04
CA ALA D 304 -38.53 -5.44 -32.23
C ALA D 304 -37.61 -5.31 -33.44
N LEU D 305 -37.06 -4.10 -33.59
CA LEU D 305 -36.15 -3.79 -34.65
C LEU D 305 -35.12 -4.88 -34.74
N GLY D 306 -34.64 -5.31 -33.58
CA GLY D 306 -33.62 -6.34 -33.53
C GLY D 306 -34.09 -7.72 -33.91
N GLN D 307 -35.25 -8.08 -33.36
CA GLN D 307 -35.86 -9.37 -33.64
C GLN D 307 -36.11 -9.49 -35.14
N GLU D 308 -36.70 -8.43 -35.69
CA GLU D 308 -37.02 -8.33 -37.10
C GLU D 308 -35.78 -8.64 -37.92
N PHE D 309 -34.74 -7.82 -37.71
CA PHE D 309 -33.49 -7.98 -38.42
C PHE D 309 -32.99 -9.42 -38.56
N VAL D 310 -33.31 -10.29 -37.61
CA VAL D 310 -32.85 -11.68 -37.69
C VAL D 310 -33.92 -12.57 -38.28
N ASN D 311 -35.16 -12.41 -37.83
CA ASN D 311 -36.26 -13.23 -38.33
C ASN D 311 -37.04 -12.63 -39.50
N LYS D 312 -36.28 -12.11 -40.46
CA LYS D 312 -36.80 -11.52 -41.70
C LYS D 312 -35.78 -11.88 -42.78
S SO4 E . -10.05 -2.96 29.32
O1 SO4 E . -10.66 -1.86 28.28
O2 SO4 E . -8.85 -3.44 28.66
O3 SO4 E . -9.81 -2.41 30.49
O4 SO4 E . -11.04 -4.01 29.31
S SO4 F . -17.33 -3.32 32.62
O1 SO4 F . -15.84 -3.89 32.95
O2 SO4 F . -17.78 -2.63 33.83
O3 SO4 F . -17.29 -2.53 31.59
O4 SO4 F . -18.11 -4.54 32.49
PA NAD G . -0.81 2.50 33.12
O1A NAD G . -1.07 2.67 34.56
O2A NAD G . 0.21 1.45 32.78
O5B NAD G . -0.33 3.91 32.44
C5B NAD G . -1.14 5.13 32.60
C4B NAD G . -0.26 6.38 32.39
O4B NAD G . -1.12 7.56 32.55
C3B NAD G . 0.90 6.57 33.41
O3B NAD G . 2.17 6.50 32.74
C2B NAD G . 0.57 7.91 34.07
O2B NAD G . 1.80 8.68 34.43
C1B NAD G . -0.27 8.58 32.97
N9A NAD G . -1.06 9.73 33.45
C8A NAD G . -1.95 9.77 34.48
N7A NAD G . -2.48 10.98 34.68
C5A NAD G . -1.88 11.76 33.72
C6A NAD G . -2.04 13.14 33.42
N6A NAD G . -2.81 13.99 34.04
N1A NAD G . -1.30 13.63 32.38
C2A NAD G . -0.48 12.75 31.71
N3A NAD G . -0.26 11.47 31.90
C4A NAD G . -1.00 11.02 32.94
O3 NAD G . -2.16 2.19 32.42
PN NAD G . -2.60 1.90 30.87
O1N NAD G . -2.60 0.43 30.70
O2N NAD G . -1.61 2.62 29.98
O5D NAD G . -4.09 2.47 30.98
C5D NAD G . -4.38 3.68 30.24
C4D NAD G . -5.84 4.07 30.35
O4D NAD G . -6.44 3.39 29.17
C3D NAD G . -6.69 3.54 31.53
O3D NAD G . -7.76 4.46 31.79
C2D NAD G . -7.21 2.21 31.00
O2D NAD G . -8.41 1.77 31.71
C1D NAD G . -7.50 2.57 29.57
N1N NAD G . -7.63 1.41 28.68
C2N NAD G . -8.34 1.54 27.49
C3N NAD G . -8.65 0.36 26.64
C7N NAD G . -9.51 0.58 25.47
O7N NAD G . -9.77 -0.42 24.79
N7N NAD G . -10.01 1.80 25.10
C4N NAD G . -7.97 -0.96 26.96
C5N NAD G . -7.17 -0.91 28.22
C6N NAD G . -7.04 0.14 29.00
S SO4 H . 10.35 2.79 -29.45
O1 SO4 H . 11.46 3.65 -28.62
O2 SO4 H . 9.51 2.18 -28.42
O3 SO4 H . 9.69 3.57 -30.27
O4 SO4 H . 11.15 1.76 -30.07
S SO4 I . 17.75 3.09 -32.55
O1 SO4 I . 16.41 2.41 -33.18
O2 SO4 I . 17.96 4.28 -33.35
O3 SO4 I . 17.58 3.35 -31.28
O4 SO4 I . 18.75 2.10 -32.83
PA NAD J . 0.84 9.37 -31.52
O1A NAD J . 0.97 9.97 -32.87
O2A NAD J . -0.22 8.35 -31.34
O5B NAD J . 0.61 10.52 -30.41
C5B NAD J . 1.39 11.75 -30.46
C4B NAD J . 0.52 12.95 -30.07
O4B NAD J . 1.39 14.11 -30.14
C3B NAD J . -0.64 13.27 -31.05
O3B NAD J . -1.89 13.18 -30.36
C2B NAD J . -0.23 14.67 -31.56
O2B NAD J . -1.34 15.53 -31.91
C1B NAD J . 0.57 15.18 -30.41
N9A NAD J . 1.38 16.33 -30.69
C8A NAD J . 2.21 16.55 -31.74
N7A NAD J . 2.83 17.74 -31.71
C5A NAD J . 2.35 18.32 -30.53
C6A NAD J . 2.61 19.56 -29.92
N6A NAD J . 3.43 20.49 -30.38
N1A NAD J . 1.97 19.85 -28.75
C2A NAD J . 1.12 18.90 -28.24
N3A NAD J . 0.80 17.72 -28.72
C4A NAD J . 1.46 17.47 -29.89
O3 NAD J . 2.18 8.76 -31.11
PN NAD J . 2.65 7.94 -29.75
O1N NAD J . 2.52 6.52 -30.07
O2N NAD J . 1.75 8.44 -28.63
O5D NAD J . 4.18 8.46 -29.79
C5D NAD J . 4.61 9.40 -28.78
C4D NAD J . 6.09 9.74 -28.92
O4D NAD J . 6.76 8.90 -27.88
C3D NAD J . 6.83 9.34 -30.21
O3D NAD J . 7.94 10.26 -30.36
C2D NAD J . 7.32 7.92 -29.86
O2D NAD J . 8.38 7.45 -30.70
C1D NAD J . 7.76 8.11 -28.44
N1N NAD J . 7.93 6.86 -27.72
C2N NAD J . 8.81 6.80 -26.63
C3N NAD J . 9.08 5.51 -25.92
C7N NAD J . 10.07 5.54 -24.82
O7N NAD J . 10.29 4.46 -24.25
N7N NAD J . 10.72 6.65 -24.41
C4N NAD J . 8.30 4.27 -26.33
C5N NAD J . 7.37 4.51 -27.48
C6N NAD J . 7.21 5.67 -28.10
S SO4 K . -22.63 6.06 -26.68
O1 SO4 K . -23.31 4.77 -25.94
O2 SO4 K . -21.36 6.19 -26.00
O3 SO4 K . -22.50 5.84 -27.98
O4 SO4 K . -23.48 7.18 -26.35
S SO4 L . -29.94 7.78 -28.24
O1 SO4 L . -28.50 8.34 -28.78
O2 SO4 L . -30.41 6.87 -29.28
O3 SO4 L . -29.77 7.19 -27.08
O4 SO4 L . -30.76 8.97 -28.21
PA NAD M . -13.86 2.20 -32.97
O1A NAD M . -14.15 2.57 -34.35
O2A NAD M . -12.68 2.91 -32.37
O5B NAD M . -13.57 0.63 -32.83
C5B NAD M . -14.40 -0.38 -33.47
C4B NAD M . -13.49 -1.56 -33.88
O4B NAD M . -14.38 -2.52 -34.49
C3B NAD M . -12.45 -1.26 -34.95
O3B NAD M . -11.15 -1.61 -34.44
C2B NAD M . -12.94 -2.10 -36.13
O2B NAD M . -11.85 -2.57 -36.94
C1B NAD M . -13.63 -3.20 -35.42
N9A NAD M . -14.49 -4.03 -36.24
C8A NAD M . -15.44 -3.64 -37.18
N7A NAD M . -16.05 -4.67 -37.74
C5A NAD M . -15.48 -5.78 -37.15
C6A NAD M . -15.70 -7.18 -37.30
N6A NAD M . -16.57 -7.75 -38.15
N1A NAD M . -14.97 -8.02 -36.55
C2A NAD M . -14.05 -7.48 -35.67
N3A NAD M . -13.76 -6.23 -35.43
C4A NAD M . -14.52 -5.41 -36.21
O3 NAD M . -15.11 2.42 -32.10
PN NAD M . -15.43 2.21 -30.47
O1N NAD M . -15.32 3.53 -29.90
O2N NAD M . -14.45 1.20 -29.99
O5D NAD M . -16.95 1.77 -30.62
C5D NAD M . -17.27 0.43 -30.32
C4D NAD M . -18.75 0.23 -30.46
O4D NAD M . -19.23 0.31 -29.06
C3D NAD M . -19.57 1.29 -31.19
O3D NAD M . -20.69 0.70 -31.77
C2D NAD M . -19.99 2.23 -30.09
O2D NAD M . -21.18 2.92 -30.41
C1D NAD M . -20.22 1.28 -28.96
N1N NAD M . -20.21 1.95 -27.68
C2N NAD M . -21.00 1.47 -26.64
C3N NAD M . -21.08 2.17 -25.34
C7N NAD M . -21.94 1.58 -24.33
O7N NAD M . -22.01 2.19 -23.26
N7N NAD M . -22.64 0.43 -24.51
C4N NAD M . -20.21 3.41 -25.11
C5N NAD M . -19.41 3.80 -26.31
C6N NAD M . -19.43 3.15 -27.46
#